data_2OJR
# 
_entry.id   2OJR 
# 
_audit_conform.dict_name       mmcif_pdbx.dic 
_audit_conform.dict_version    5.383 
_audit_conform.dict_location   http://mmcif.pdb.org/dictionaries/ascii/mmcif_pdbx.dic 
# 
loop_
_database_2.database_id 
_database_2.database_code 
_database_2.pdbx_database_accession 
_database_2.pdbx_DOI 
PDB   2OJR         pdb_00002ojr 10.2210/pdb2ojr/pdb 
RCSB  RCSB041222   ?            ?                   
WWPDB D_1000041222 ?            ?                   
# 
loop_
_pdbx_audit_revision_history.ordinal 
_pdbx_audit_revision_history.data_content_type 
_pdbx_audit_revision_history.major_revision 
_pdbx_audit_revision_history.minor_revision 
_pdbx_audit_revision_history.revision_date 
1 'Structure model' 1 0 2007-06-12 
2 'Structure model' 1 1 2008-05-01 
3 'Structure model' 1 2 2011-07-13 
4 'Structure model' 1 3 2017-10-18 
5 'Structure model' 1 4 2023-12-27 
# 
_pdbx_audit_revision_details.ordinal             1 
_pdbx_audit_revision_details.revision_ordinal    1 
_pdbx_audit_revision_details.data_content_type   'Structure model' 
_pdbx_audit_revision_details.provider            repository 
_pdbx_audit_revision_details.type                'Initial release' 
_pdbx_audit_revision_details.description         ? 
_pdbx_audit_revision_details.details             ? 
# 
loop_
_pdbx_audit_revision_group.ordinal 
_pdbx_audit_revision_group.revision_ordinal 
_pdbx_audit_revision_group.data_content_type 
_pdbx_audit_revision_group.group 
1 2 'Structure model' 'Version format compliance' 
2 3 'Structure model' 'Version format compliance' 
3 4 'Structure model' 'Refinement description'    
4 5 'Structure model' 'Data collection'           
5 5 'Structure model' 'Database references'       
6 5 'Structure model' 'Derived calculations'      
# 
loop_
_pdbx_audit_revision_category.ordinal 
_pdbx_audit_revision_category.revision_ordinal 
_pdbx_audit_revision_category.data_content_type 
_pdbx_audit_revision_category.category 
1 4 'Structure model' software           
2 5 'Structure model' chem_comp_atom     
3 5 'Structure model' chem_comp_bond     
4 5 'Structure model' database_2         
5 5 'Structure model' struct_ref_seq_dif 
6 5 'Structure model' struct_site        
# 
loop_
_pdbx_audit_revision_item.ordinal 
_pdbx_audit_revision_item.revision_ordinal 
_pdbx_audit_revision_item.data_content_type 
_pdbx_audit_revision_item.item 
1 5 'Structure model' '_database_2.pdbx_DOI'                
2 5 'Structure model' '_database_2.pdbx_database_accession' 
3 5 'Structure model' '_struct_ref_seq_dif.details'         
4 5 'Structure model' '_struct_site.pdbx_auth_asym_id'      
5 5 'Structure model' '_struct_site.pdbx_auth_comp_id'      
6 5 'Structure model' '_struct_site.pdbx_auth_seq_id'       
# 
_pdbx_database_status.entry_id                        2OJR 
_pdbx_database_status.deposit_site                    RCSB 
_pdbx_database_status.process_site                    RCSB 
_pdbx_database_status.recvd_initial_deposition_date   2007-01-13 
_pdbx_database_status.status_code                     REL 
_pdbx_database_status.status_code_sf                  REL 
_pdbx_database_status.status_code_mr                  ? 
_pdbx_database_status.SG_entry                        ? 
_pdbx_database_status.pdb_format_compatible           Y 
_pdbx_database_status.status_code_cs                  ? 
_pdbx_database_status.methods_development_category    ? 
_pdbx_database_status.status_code_nmr_data            ? 
# 
loop_
_audit_author.name 
_audit_author.pdbx_ordinal 
'Silvaggi, N.R.' 1 
'Allen, K.N.'    2 
# 
_citation.id                        primary 
_citation.title                     'Double-Lanthanide-Binding Tags for Macromolecular Crystallographic Structure Determination.' 
_citation.journal_abbrev            J.Am.Chem.Soc. 
_citation.journal_volume            129 
_citation.page_first                7114 
_citation.page_last                 7120 
_citation.year                      2007 
_citation.journal_id_ASTM           JACSAT 
_citation.country                   US 
_citation.journal_id_ISSN           0002-7863 
_citation.journal_id_CSD            0004 
_citation.book_publisher            ? 
_citation.pdbx_database_id_PubMed   17497863 
_citation.pdbx_database_id_DOI      10.1021/ja070481n 
# 
loop_
_citation_author.citation_id 
_citation_author.name 
_citation_author.ordinal 
_citation_author.identifier_ORCID 
primary 'Silvaggi, N.R.' 1 ? 
primary 'Martin, L.J.'   2 ? 
primary 'Schwalbe, H.'   3 ? 
primary 'Imperiali, B.'  4 ? 
primary 'Allen, K.N.'    5 ? 
# 
loop_
_entity.id 
_entity.type 
_entity.src_method 
_entity.pdbx_description 
_entity.formula_weight 
_entity.pdbx_number_of_molecules 
_entity.pdbx_ec 
_entity.pdbx_mutation 
_entity.pdbx_fragment 
_entity.details 
1 polymer     man Ubiquitin          12443.804 1  ? ? ? ? 
2 non-polymer syn 'TERBIUM(III) ION' 158.925   2  ? ? ? ? 
3 water       nat water              18.015    17 ? ? ? ? 
# 
_entity_poly.entity_id                      1 
_entity_poly.type                           'polypeptide(L)' 
_entity_poly.nstd_linkage                   no 
_entity_poly.nstd_monomer                   no 
_entity_poly.pdbx_seq_one_letter_code       
;GPGYIDTNNDGWIEGDELYIDTNNDGWIEGDELLAMQIFVKTLTGKTITLEVEPSDTIENVKAKIQDKEGIPPDQQRLIF
AGKQLEDGRTLSDYNIQKESTLHLVLRLRGG
;
_entity_poly.pdbx_seq_one_letter_code_can   
;GPGYIDTNNDGWIEGDELYIDTNNDGWIEGDELLAMQIFVKTLTGKTITLEVEPSDTIENVKAKIQDKEGIPPDQQRLIF
AGKQLEDGRTLSDYNIQKESTLHLVLRLRGG
;
_entity_poly.pdbx_strand_id                 A 
_entity_poly.pdbx_target_identifier         ? 
# 
loop_
_pdbx_entity_nonpoly.entity_id 
_pdbx_entity_nonpoly.name 
_pdbx_entity_nonpoly.comp_id 
2 'TERBIUM(III) ION' TB  
3 water              HOH 
# 
loop_
_entity_poly_seq.entity_id 
_entity_poly_seq.num 
_entity_poly_seq.mon_id 
_entity_poly_seq.hetero 
1 1   GLY n 
1 2   PRO n 
1 3   GLY n 
1 4   TYR n 
1 5   ILE n 
1 6   ASP n 
1 7   THR n 
1 8   ASN n 
1 9   ASN n 
1 10  ASP n 
1 11  GLY n 
1 12  TRP n 
1 13  ILE n 
1 14  GLU n 
1 15  GLY n 
1 16  ASP n 
1 17  GLU n 
1 18  LEU n 
1 19  TYR n 
1 20  ILE n 
1 21  ASP n 
1 22  THR n 
1 23  ASN n 
1 24  ASN n 
1 25  ASP n 
1 26  GLY n 
1 27  TRP n 
1 28  ILE n 
1 29  GLU n 
1 30  GLY n 
1 31  ASP n 
1 32  GLU n 
1 33  LEU n 
1 34  LEU n 
1 35  ALA n 
1 36  MET n 
1 37  GLN n 
1 38  ILE n 
1 39  PHE n 
1 40  VAL n 
1 41  LYS n 
1 42  THR n 
1 43  LEU n 
1 44  THR n 
1 45  GLY n 
1 46  LYS n 
1 47  THR n 
1 48  ILE n 
1 49  THR n 
1 50  LEU n 
1 51  GLU n 
1 52  VAL n 
1 53  GLU n 
1 54  PRO n 
1 55  SER n 
1 56  ASP n 
1 57  THR n 
1 58  ILE n 
1 59  GLU n 
1 60  ASN n 
1 61  VAL n 
1 62  LYS n 
1 63  ALA n 
1 64  LYS n 
1 65  ILE n 
1 66  GLN n 
1 67  ASP n 
1 68  LYS n 
1 69  GLU n 
1 70  GLY n 
1 71  ILE n 
1 72  PRO n 
1 73  PRO n 
1 74  ASP n 
1 75  GLN n 
1 76  GLN n 
1 77  ARG n 
1 78  LEU n 
1 79  ILE n 
1 80  PHE n 
1 81  ALA n 
1 82  GLY n 
1 83  LYS n 
1 84  GLN n 
1 85  LEU n 
1 86  GLU n 
1 87  ASP n 
1 88  GLY n 
1 89  ARG n 
1 90  THR n 
1 91  LEU n 
1 92  SER n 
1 93  ASP n 
1 94  TYR n 
1 95  ASN n 
1 96  ILE n 
1 97  GLN n 
1 98  LYS n 
1 99  GLU n 
1 100 SER n 
1 101 THR n 
1 102 LEU n 
1 103 HIS n 
1 104 LEU n 
1 105 VAL n 
1 106 LEU n 
1 107 ARG n 
1 108 LEU n 
1 109 ARG n 
1 110 GLY n 
1 111 GLY n 
# 
_entity_src_gen.entity_id                          1 
_entity_src_gen.pdbx_src_id                        1 
_entity_src_gen.pdbx_alt_source_flag               sample 
_entity_src_gen.pdbx_seq_type                      ? 
_entity_src_gen.pdbx_beg_seq_num                   ? 
_entity_src_gen.pdbx_end_seq_num                   ? 
_entity_src_gen.gene_src_common_name               human 
_entity_src_gen.gene_src_genus                     Homo 
_entity_src_gen.pdbx_gene_src_gene                 ? 
_entity_src_gen.gene_src_species                   ? 
_entity_src_gen.gene_src_strain                    ? 
_entity_src_gen.gene_src_tissue                    ? 
_entity_src_gen.gene_src_tissue_fraction           ? 
_entity_src_gen.gene_src_details                   ? 
_entity_src_gen.pdbx_gene_src_fragment             ? 
_entity_src_gen.pdbx_gene_src_scientific_name      'Homo sapiens' 
_entity_src_gen.pdbx_gene_src_ncbi_taxonomy_id     9606 
_entity_src_gen.pdbx_gene_src_variant              ? 
_entity_src_gen.pdbx_gene_src_cell_line            ? 
_entity_src_gen.pdbx_gene_src_atcc                 ? 
_entity_src_gen.pdbx_gene_src_organ                ? 
_entity_src_gen.pdbx_gene_src_organelle            ? 
_entity_src_gen.pdbx_gene_src_cell                 ? 
_entity_src_gen.pdbx_gene_src_cellular_location    ? 
_entity_src_gen.host_org_common_name               ? 
_entity_src_gen.pdbx_host_org_scientific_name      'Escherichia coli BL21(DE3)' 
_entity_src_gen.pdbx_host_org_ncbi_taxonomy_id     469008 
_entity_src_gen.host_org_genus                     Escherichia 
_entity_src_gen.pdbx_host_org_gene                 ? 
_entity_src_gen.pdbx_host_org_organ                ? 
_entity_src_gen.host_org_species                   'Escherichia coli' 
_entity_src_gen.pdbx_host_org_tissue               ? 
_entity_src_gen.pdbx_host_org_tissue_fraction      ? 
_entity_src_gen.pdbx_host_org_strain               BL21-DE3 
_entity_src_gen.pdbx_host_org_variant              ? 
_entity_src_gen.pdbx_host_org_cell_line            ? 
_entity_src_gen.pdbx_host_org_atcc                 ? 
_entity_src_gen.pdbx_host_org_culture_collection   ? 
_entity_src_gen.pdbx_host_org_cell                 ? 
_entity_src_gen.pdbx_host_org_organelle            ? 
_entity_src_gen.pdbx_host_org_cellular_location    ? 
_entity_src_gen.pdbx_host_org_vector_type          Plasmid 
_entity_src_gen.pdbx_host_org_vector               ? 
_entity_src_gen.host_org_details                   ? 
_entity_src_gen.expression_system_id               ? 
_entity_src_gen.plasmid_name                       'modified pET-11a' 
_entity_src_gen.plasmid_details                    ? 
_entity_src_gen.pdbx_description                   ? 
# 
loop_
_chem_comp.id 
_chem_comp.type 
_chem_comp.mon_nstd_flag 
_chem_comp.name 
_chem_comp.pdbx_synonyms 
_chem_comp.formula 
_chem_comp.formula_weight 
ALA 'L-peptide linking' y ALANINE            ? 'C3 H7 N O2'     89.093  
ARG 'L-peptide linking' y ARGININE           ? 'C6 H15 N4 O2 1' 175.209 
ASN 'L-peptide linking' y ASPARAGINE         ? 'C4 H8 N2 O3'    132.118 
ASP 'L-peptide linking' y 'ASPARTIC ACID'    ? 'C4 H7 N O4'     133.103 
GLN 'L-peptide linking' y GLUTAMINE          ? 'C5 H10 N2 O3'   146.144 
GLU 'L-peptide linking' y 'GLUTAMIC ACID'    ? 'C5 H9 N O4'     147.129 
GLY 'peptide linking'   y GLYCINE            ? 'C2 H5 N O2'     75.067  
HIS 'L-peptide linking' y HISTIDINE          ? 'C6 H10 N3 O2 1' 156.162 
HOH non-polymer         . WATER              ? 'H2 O'           18.015  
ILE 'L-peptide linking' y ISOLEUCINE         ? 'C6 H13 N O2'    131.173 
LEU 'L-peptide linking' y LEUCINE            ? 'C6 H13 N O2'    131.173 
LYS 'L-peptide linking' y LYSINE             ? 'C6 H15 N2 O2 1' 147.195 
MET 'L-peptide linking' y METHIONINE         ? 'C5 H11 N O2 S'  149.211 
PHE 'L-peptide linking' y PHENYLALANINE      ? 'C9 H11 N O2'    165.189 
PRO 'L-peptide linking' y PROLINE            ? 'C5 H9 N O2'     115.130 
SER 'L-peptide linking' y SERINE             ? 'C3 H7 N O3'     105.093 
TB  non-polymer         . 'TERBIUM(III) ION' ? 'Tb 3'           158.925 
THR 'L-peptide linking' y THREONINE          ? 'C4 H9 N O3'     119.119 
TRP 'L-peptide linking' y TRYPTOPHAN         ? 'C11 H12 N2 O2'  204.225 
TYR 'L-peptide linking' y TYROSINE           ? 'C9 H11 N O3'    181.189 
VAL 'L-peptide linking' y VALINE             ? 'C5 H11 N O2'    117.146 
# 
loop_
_pdbx_poly_seq_scheme.asym_id 
_pdbx_poly_seq_scheme.entity_id 
_pdbx_poly_seq_scheme.seq_id 
_pdbx_poly_seq_scheme.mon_id 
_pdbx_poly_seq_scheme.ndb_seq_num 
_pdbx_poly_seq_scheme.pdb_seq_num 
_pdbx_poly_seq_scheme.auth_seq_num 
_pdbx_poly_seq_scheme.pdb_mon_id 
_pdbx_poly_seq_scheme.auth_mon_id 
_pdbx_poly_seq_scheme.pdb_strand_id 
_pdbx_poly_seq_scheme.pdb_ins_code 
_pdbx_poly_seq_scheme.hetero 
A 1 1   GLY 1   66  66  GLY GLY A . n 
A 1 2   PRO 2   67  67  PRO PRO A . n 
A 1 3   GLY 3   68  68  GLY GLY A . n 
A 1 4   TYR 4   69  69  TYR TYR A . n 
A 1 5   ILE 5   70  70  ILE ILE A . n 
A 1 6   ASP 6   71  71  ASP ASP A . n 
A 1 7   THR 7   72  72  THR THR A . n 
A 1 8   ASN 8   73  73  ASN ASN A . n 
A 1 9   ASN 9   74  74  ASN ASN A . n 
A 1 10  ASP 10  75  75  ASP ASP A . n 
A 1 11  GLY 11  76  76  GLY GLY A . n 
A 1 12  TRP 12  77  77  TRP TRP A . n 
A 1 13  ILE 13  78  78  ILE ILE A . n 
A 1 14  GLU 14  79  79  GLU GLU A . n 
A 1 15  GLY 15  80  80  GLY GLY A . n 
A 1 16  ASP 16  81  81  ASP ASP A . n 
A 1 17  GLU 17  82  82  GLU GLU A . n 
A 1 18  LEU 18  83  83  LEU LEU A . n 
A 1 19  TYR 19  84  84  TYR TYR A . n 
A 1 20  ILE 20  85  85  ILE ILE A . n 
A 1 21  ASP 21  86  86  ASP ASP A . n 
A 1 22  THR 22  87  87  THR THR A . n 
A 1 23  ASN 23  88  88  ASN ASN A . n 
A 1 24  ASN 24  89  89  ASN ASN A . n 
A 1 25  ASP 25  90  90  ASP ASP A . n 
A 1 26  GLY 26  91  91  GLY GLY A . n 
A 1 27  TRP 27  92  92  TRP TRP A . n 
A 1 28  ILE 28  93  93  ILE ILE A . n 
A 1 29  GLU 29  94  94  GLU GLU A . n 
A 1 30  GLY 30  95  95  GLY GLY A . n 
A 1 31  ASP 31  96  96  ASP ASP A . n 
A 1 32  GLU 32  97  97  GLU GLU A . n 
A 1 33  LEU 33  98  98  LEU LEU A . n 
A 1 34  LEU 34  99  99  LEU LEU A . n 
A 1 35  ALA 35  100 100 ALA ALA A . n 
A 1 36  MET 36  101 101 MET MET A . n 
A 1 37  GLN 37  102 102 GLN GLN A . n 
A 1 38  ILE 38  103 103 ILE ILE A . n 
A 1 39  PHE 39  104 104 PHE PHE A . n 
A 1 40  VAL 40  105 105 VAL VAL A . n 
A 1 41  LYS 41  106 106 LYS LYS A . n 
A 1 42  THR 42  107 107 THR THR A . n 
A 1 43  LEU 43  108 108 LEU LEU A . n 
A 1 44  THR 44  109 109 THR THR A . n 
A 1 45  GLY 45  110 110 GLY GLY A . n 
A 1 46  LYS 46  111 111 LYS LYS A . n 
A 1 47  THR 47  112 112 THR THR A . n 
A 1 48  ILE 48  113 113 ILE ILE A . n 
A 1 49  THR 49  114 114 THR THR A . n 
A 1 50  LEU 50  115 115 LEU LEU A . n 
A 1 51  GLU 51  116 116 GLU GLU A . n 
A 1 52  VAL 52  117 117 VAL VAL A . n 
A 1 53  GLU 53  118 118 GLU GLU A . n 
A 1 54  PRO 54  119 119 PRO PRO A . n 
A 1 55  SER 55  120 120 SER SER A . n 
A 1 56  ASP 56  121 121 ASP ASP A . n 
A 1 57  THR 57  122 122 THR THR A . n 
A 1 58  ILE 58  123 123 ILE ILE A . n 
A 1 59  GLU 59  124 124 GLU GLU A . n 
A 1 60  ASN 60  125 125 ASN ASN A . n 
A 1 61  VAL 61  126 126 VAL VAL A . n 
A 1 62  LYS 62  127 127 LYS LYS A . n 
A 1 63  ALA 63  128 128 ALA ALA A . n 
A 1 64  LYS 64  129 129 LYS LYS A . n 
A 1 65  ILE 65  130 130 ILE ILE A . n 
A 1 66  GLN 66  131 131 GLN GLN A . n 
A 1 67  ASP 67  132 132 ASP ASP A . n 
A 1 68  LYS 68  133 133 LYS LYS A . n 
A 1 69  GLU 69  134 134 GLU GLU A . n 
A 1 70  GLY 70  135 135 GLY GLY A . n 
A 1 71  ILE 71  136 136 ILE ILE A . n 
A 1 72  PRO 72  137 137 PRO PRO A . n 
A 1 73  PRO 73  138 138 PRO PRO A . n 
A 1 74  ASP 74  139 139 ASP ASP A . n 
A 1 75  GLN 75  140 140 GLN GLN A . n 
A 1 76  GLN 76  141 141 GLN GLN A . n 
A 1 77  ARG 77  142 142 ARG ARG A . n 
A 1 78  LEU 78  143 143 LEU LEU A . n 
A 1 79  ILE 79  144 144 ILE ILE A . n 
A 1 80  PHE 80  145 145 PHE PHE A . n 
A 1 81  ALA 81  146 146 ALA ALA A . n 
A 1 82  GLY 82  147 147 GLY GLY A . n 
A 1 83  LYS 83  148 148 LYS LYS A . n 
A 1 84  GLN 84  149 149 GLN GLN A . n 
A 1 85  LEU 85  150 150 LEU LEU A . n 
A 1 86  GLU 86  151 151 GLU GLU A . n 
A 1 87  ASP 87  152 152 ASP ASP A . n 
A 1 88  GLY 88  153 153 GLY GLY A . n 
A 1 89  ARG 89  154 154 ARG ARG A . n 
A 1 90  THR 90  155 155 THR THR A . n 
A 1 91  LEU 91  156 156 LEU LEU A . n 
A 1 92  SER 92  157 157 SER SER A . n 
A 1 93  ASP 93  158 158 ASP ASP A . n 
A 1 94  TYR 94  159 159 TYR TYR A . n 
A 1 95  ASN 95  160 160 ASN ASN A . n 
A 1 96  ILE 96  161 161 ILE ILE A . n 
A 1 97  GLN 97  162 162 GLN GLN A . n 
A 1 98  LYS 98  163 163 LYS LYS A . n 
A 1 99  GLU 99  164 164 GLU GLU A . n 
A 1 100 SER 100 165 165 SER SER A . n 
A 1 101 THR 101 166 166 THR THR A . n 
A 1 102 LEU 102 167 167 LEU LEU A . n 
A 1 103 HIS 103 168 168 HIS HIS A . n 
A 1 104 LEU 104 169 169 LEU LEU A . n 
A 1 105 VAL 105 170 170 VAL VAL A . n 
A 1 106 LEU 106 171 171 LEU LEU A . n 
A 1 107 ARG 107 172 172 ARG ARG A . n 
A 1 108 LEU 108 173 173 LEU LEU A . n 
A 1 109 ARG 109 174 174 ARG ARG A . n 
A 1 110 GLY 110 175 175 GLY GLY A . n 
A 1 111 GLY 111 176 ?   ?   ?   A . n 
# 
loop_
_pdbx_nonpoly_scheme.asym_id 
_pdbx_nonpoly_scheme.entity_id 
_pdbx_nonpoly_scheme.mon_id 
_pdbx_nonpoly_scheme.ndb_seq_num 
_pdbx_nonpoly_scheme.pdb_seq_num 
_pdbx_nonpoly_scheme.auth_seq_num 
_pdbx_nonpoly_scheme.pdb_mon_id 
_pdbx_nonpoly_scheme.auth_mon_id 
_pdbx_nonpoly_scheme.pdb_strand_id 
_pdbx_nonpoly_scheme.pdb_ins_code 
B 2 TB  1  500 500 TB  TB  A . 
C 2 TB  1  501 501 TB  TB  A . 
D 3 HOH 1  1   1   HOH HOH A . 
D 3 HOH 2  2   2   HOH HOH A . 
D 3 HOH 3  3   3   HOH HOH A . 
D 3 HOH 4  4   4   HOH HOH A . 
D 3 HOH 5  5   5   HOH HOH A . 
D 3 HOH 6  6   6   HOH HOH A . 
D 3 HOH 7  7   7   HOH HOH A . 
D 3 HOH 8  8   8   HOH HOH A . 
D 3 HOH 9  9   9   HOH HOH A . 
D 3 HOH 10 10  10  HOH HOH A . 
D 3 HOH 11 11  11  HOH HOH A . 
D 3 HOH 12 12  12  HOH HOH A . 
D 3 HOH 13 13  13  HOH HOH A . 
D 3 HOH 14 14  14  HOH HOH A . 
D 3 HOH 15 15  15  HOH HOH A . 
D 3 HOH 16 16  16  HOH HOH A . 
D 3 HOH 17 17  17  HOH HOH A . 
# 
loop_
_software.name 
_software.version 
_software.date 
_software.type 
_software.contact_author 
_software.contact_author_email 
_software.classification 
_software.location 
_software.language 
_software.citation_id 
_software.pdbx_ordinal 
DENZO       .     ?                package 'Zbyszek Otwinowski' zbyszek@mix.swmed.edu    'data reduction'  
http://www.lnls.br/infra/linhasluz/denzo-hkl.htm ?                ? 1 
SCALEPACK   .     ?                package 'Zbyszek Otwinowski' zbyszek@mix.swmed.edu    'data scaling'    
http://www.lnls.br/infra/linhasluz/denzo-hkl.htm ?                ? 2 
SnB         .     ?                package 'Weeks, C.M'         bnp-help@hwi.buffalo.edu phasing           
http://www.hwi.buffalo.edu/BnP/                  'Java & Fortran' ? 3 
RESOLVE     .     ?                package 'Terwilliger, T. C'  terwilliger@LANL.gov     phasing           
http://www.solve.lanl.gov/                       ?                ? 4 
REFMAC      .     ?                program 'Murshudov, G.N.'    ccp4@dl.ac.uk            refinement        
http://www.ccp4.ac.uk/main.html                  Fortran_77       ? 5 
PDB_EXTRACT 2.000 'April. 3, 2006' package PDB                  sw-help@rcsb.rutgers.edu 'data extraction' 
http://pdb.rutgers.edu/software/                 C++              ? 6 
# 
_cell.entry_id           2OJR 
_cell.length_a           57.870 
_cell.length_b           57.870 
_cell.length_c           115.260 
_cell.angle_alpha        90.00 
_cell.angle_beta         90.00 
_cell.angle_gamma        120.00 
_cell.Z_PDB              6 
_cell.pdbx_unique_axis   ? 
_cell.length_a_esd       ? 
_cell.length_b_esd       ? 
_cell.length_c_esd       ? 
_cell.angle_alpha_esd    ? 
_cell.angle_beta_esd     ? 
_cell.angle_gamma_esd    ? 
# 
_symmetry.entry_id                         2OJR 
_symmetry.space_group_name_H-M             'P 32 2 1' 
_symmetry.pdbx_full_space_group_name_H-M   ? 
_symmetry.cell_setting                     ? 
_symmetry.Int_Tables_number                154 
_symmetry.space_group_name_Hall            ? 
# 
_exptl.entry_id          2OJR 
_exptl.method            'X-RAY DIFFRACTION' 
_exptl.crystals_number   1 
# 
_exptl_crystal.id                    1 
_exptl_crystal.density_meas          ? 
_exptl_crystal.density_Matthews      4.48 
_exptl_crystal.density_percent_sol   72.52 
_exptl_crystal.description           ? 
_exptl_crystal.F_000                 ? 
_exptl_crystal.preparation           ? 
# 
_exptl_crystal_grow.crystal_id      1 
_exptl_crystal_grow.method          ? 
_exptl_crystal_grow.temp            298 
_exptl_crystal_grow.temp_details    ? 
_exptl_crystal_grow.pH              7.50 
_exptl_crystal_grow.pdbx_details    
'0.1M HEPES pH 7.5, 3.7 M NaCl, 33% MPD, VAPOR DIFFUSION, HANGING DROP, temperature 298K, pH 7.50' 
_exptl_crystal_grow.pdbx_pH_range   . 
# 
_diffrn.id                     1 
_diffrn.ambient_temp           100.0 
_diffrn.ambient_temp_details   ? 
_diffrn.crystal_id             1 
# 
_diffrn_detector.diffrn_id              1 
_diffrn_detector.detector               CCD 
_diffrn_detector.type                   'ADSC QUANTUM 315' 
_diffrn_detector.pdbx_collection_date   2005-10-17 
_diffrn_detector.details                'SI-111 MONO, MIRRORS' 
# 
_diffrn_radiation.diffrn_id                        1 
_diffrn_radiation.wavelength_id                    1 
_diffrn_radiation.pdbx_monochromatic_or_laue_m_l   M 
_diffrn_radiation.monochromator                    SI-111 
_diffrn_radiation.pdbx_diffrn_protocol             'SINGLE WAVELENGTH' 
_diffrn_radiation.pdbx_scattering_type             x-ray 
# 
_diffrn_radiation_wavelength.id           1 
_diffrn_radiation_wavelength.wavelength   1.1000 
_diffrn_radiation_wavelength.wt           1.0 
# 
_diffrn_source.diffrn_id                   1 
_diffrn_source.source                      SYNCHROTRON 
_diffrn_source.type                        'NSLS BEAMLINE X29A' 
_diffrn_source.pdbx_synchrotron_site       NSLS 
_diffrn_source.pdbx_synchrotron_beamline   X29A 
_diffrn_source.pdbx_wavelength             1.1000 
_diffrn_source.pdbx_wavelength_list        ? 
# 
_reflns.entry_id                     2OJR 
_reflns.observed_criterion_sigma_I   0.000 
_reflns.observed_criterion_sigma_F   ? 
_reflns.d_resolution_low             50.000 
_reflns.d_resolution_high            2.600 
_reflns.number_obs                   7214 
_reflns.number_all                   ? 
_reflns.percent_possible_obs         98.4 
_reflns.pdbx_Rmerge_I_obs            0.12700 
_reflns.pdbx_Rsym_value              ? 
_reflns.pdbx_netI_over_sigmaI        15.8000 
_reflns.B_iso_Wilson_estimate        ? 
_reflns.pdbx_redundancy              8.500 
_reflns.R_free_details               ? 
_reflns.limit_h_max                  ? 
_reflns.limit_h_min                  ? 
_reflns.limit_k_max                  ? 
_reflns.limit_k_min                  ? 
_reflns.limit_l_max                  ? 
_reflns.limit_l_min                  ? 
_reflns.observed_criterion_F_max     ? 
_reflns.observed_criterion_F_min     ? 
_reflns.pdbx_chi_squared             ? 
_reflns.pdbx_scaling_rejects         ? 
_reflns.pdbx_diffrn_id               1 
_reflns.pdbx_ordinal                 1 
# 
_reflns_shell.d_res_high             2.60 
_reflns_shell.d_res_low              2.69 
_reflns_shell.percent_possible_all   87.7 
_reflns_shell.Rmerge_I_obs           0.37800 
_reflns_shell.pdbx_Rsym_value        ? 
_reflns_shell.meanI_over_sigI_obs    2.800 
_reflns_shell.pdbx_redundancy        4.40 
_reflns_shell.percent_possible_obs   ? 
_reflns_shell.number_unique_all      ? 
_reflns_shell.number_measured_all    ? 
_reflns_shell.number_measured_obs    ? 
_reflns_shell.number_unique_obs      ? 
_reflns_shell.pdbx_chi_squared       ? 
_reflns_shell.pdbx_diffrn_id         ? 
_reflns_shell.pdbx_ordinal           1 
# 
_refine.entry_id                                 2OJR 
_refine.ls_number_reflns_obs                     6147 
_refine.ls_number_reflns_all                     6147 
_refine.pdbx_ls_sigma_I                          ? 
_refine.pdbx_ls_sigma_F                          0.000 
_refine.pdbx_data_cutoff_high_absF               ? 
_refine.pdbx_data_cutoff_low_absF                ? 
_refine.pdbx_data_cutoff_high_rms_absF           ? 
_refine.ls_d_res_low                             30.49 
_refine.ls_d_res_high                            2.60 
_refine.ls_percent_reflns_obs                    100.0 
_refine.ls_R_factor_obs                          0.218 
_refine.ls_R_factor_all                          ? 
_refine.ls_R_factor_R_work                       0.216 
_refine.ls_R_factor_R_free                       0.254 
_refine.ls_R_factor_R_free_error                 ? 
_refine.ls_R_factor_R_free_error_details         ? 
_refine.ls_percent_reflns_R_free                 4.600 
_refine.ls_number_reflns_R_free                  285 
_refine.ls_number_parameters                     ? 
_refine.ls_number_restraints                     ? 
_refine.occupancy_min                            ? 
_refine.occupancy_max                            ? 
_refine.correlation_coeff_Fo_to_Fc               0.948 
_refine.correlation_coeff_Fo_to_Fc_free          0.920 
_refine.B_iso_mean                               48.73 
_refine.aniso_B[1][1]                            6.00000 
_refine.aniso_B[2][2]                            6.00000 
_refine.aniso_B[3][3]                            -8.99000 
_refine.aniso_B[1][2]                            3.00000 
_refine.aniso_B[1][3]                            0.00000 
_refine.aniso_B[2][3]                            0.00000 
_refine.solvent_model_details                    'BABINET MODEL WITH MASK' 
_refine.solvent_model_param_ksol                 ? 
_refine.solvent_model_param_bsol                 ? 
_refine.pdbx_solvent_vdw_probe_radii             1.40 
_refine.pdbx_solvent_ion_probe_radii             0.80 
_refine.pdbx_solvent_shrinkage_radii             0.80 
_refine.pdbx_ls_cross_valid_method               THROUGHOUT 
_refine.details                                  'HYDROGENS HAVE BEEN ADDED IN THE RIDING POSITIONS' 
_refine.pdbx_starting_model                      ? 
_refine.pdbx_method_to_determine_struct          SAD 
_refine.pdbx_isotropic_thermal_model             ? 
_refine.pdbx_stereochemistry_target_values       'MAXIMUM LIKELIHOOD' 
_refine.pdbx_stereochem_target_val_spec_case     ? 
_refine.pdbx_R_Free_selection_details            RANDOM 
_refine.pdbx_overall_ESU_R                       0.355 
_refine.pdbx_overall_ESU_R_Free                  0.262 
_refine.overall_SU_ML                            0.211 
_refine.overall_SU_B                             11.109 
_refine.ls_redundancy_reflns_obs                 ? 
_refine.B_iso_min                                ? 
_refine.B_iso_max                                ? 
_refine.overall_SU_R_Cruickshank_DPI             ? 
_refine.overall_SU_R_free                        ? 
_refine.ls_wR_factor_R_free                      ? 
_refine.ls_wR_factor_R_work                      ? 
_refine.overall_FOM_free_R_set                   ? 
_refine.overall_FOM_work_R_set                   ? 
_refine.pdbx_refine_id                           'X-RAY DIFFRACTION' 
_refine.pdbx_diffrn_id                           1 
_refine.pdbx_TLS_residual_ADP_flag               ? 
_refine.pdbx_overall_phase_error                 ? 
_refine.pdbx_overall_SU_R_free_Cruickshank_DPI   ? 
_refine.pdbx_overall_SU_R_Blow_DPI               ? 
_refine.pdbx_overall_SU_R_free_Blow_DPI          ? 
# 
_refine_hist.pdbx_refine_id                   'X-RAY DIFFRACTION' 
_refine_hist.cycle_id                         LAST 
_refine_hist.pdbx_number_atoms_protein        871 
_refine_hist.pdbx_number_atoms_nucleic_acid   0 
_refine_hist.pdbx_number_atoms_ligand         2 
_refine_hist.number_atoms_solvent             17 
_refine_hist.number_atoms_total               890 
_refine_hist.d_res_high                       2.60 
_refine_hist.d_res_low                        30.49 
# 
loop_
_refine_ls_restr.type 
_refine_ls_restr.dev_ideal 
_refine_ls_restr.dev_ideal_target 
_refine_ls_restr.weight 
_refine_ls_restr.number 
_refine_ls_restr.pdbx_refine_id 
_refine_ls_restr.pdbx_restraint_function 
r_bond_refined_d             0.013  0.022  ? 884  'X-RAY DIFFRACTION' ? 
r_bond_other_d               0.008  0.020  ? 592  'X-RAY DIFFRACTION' ? 
r_angle_refined_deg          1.608  1.975  ? 1197 'X-RAY DIFFRACTION' ? 
r_angle_other_deg            1.959  3.000  ? 1459 'X-RAY DIFFRACTION' ? 
r_dihedral_angle_1_deg       7.514  5.000  ? 109  'X-RAY DIFFRACTION' ? 
r_dihedral_angle_2_deg       45.403 26.444 ? 45   'X-RAY DIFFRACTION' ? 
r_dihedral_angle_3_deg       19.897 15.000 ? 162  'X-RAY DIFFRACTION' ? 
r_dihedral_angle_4_deg       10.225 15.000 ? 4    'X-RAY DIFFRACTION' ? 
r_chiral_restr               0.180  0.200  ? 135  'X-RAY DIFFRACTION' ? 
r_gen_planes_refined         0.003  0.020  ? 983  'X-RAY DIFFRACTION' ? 
r_gen_planes_other           0.001  0.020  ? 155  'X-RAY DIFFRACTION' ? 
r_nbd_refined                0.286  0.300  ? 254  'X-RAY DIFFRACTION' ? 
r_nbd_other                  0.238  0.300  ? 596  'X-RAY DIFFRACTION' ? 
r_nbtor_refined              0.196  0.500  ? 417  'X-RAY DIFFRACTION' ? 
r_nbtor_other                0.110  0.500  ? 486  'X-RAY DIFFRACTION' ? 
r_xyhbond_nbd_refined        0.258  0.500  ? 46   'X-RAY DIFFRACTION' ? 
r_xyhbond_nbd_other          ?      ?      ? ?    'X-RAY DIFFRACTION' ? 
r_metal_ion_refined          0.121  0.500  ? 5    'X-RAY DIFFRACTION' ? 
r_metal_ion_other            ?      ?      ? ?    'X-RAY DIFFRACTION' ? 
r_symmetry_vdw_refined       0.270  0.300  ? 8    'X-RAY DIFFRACTION' ? 
r_symmetry_vdw_other         0.267  0.300  ? 13   'X-RAY DIFFRACTION' ? 
r_symmetry_hbond_refined     0.320  0.500  ? 1    'X-RAY DIFFRACTION' ? 
r_symmetry_hbond_other       ?      ?      ? ?    'X-RAY DIFFRACTION' ? 
r_symmetry_metal_ion_refined ?      ?      ? ?    'X-RAY DIFFRACTION' ? 
r_symmetry_metal_ion_other   ?      ?      ? ?    'X-RAY DIFFRACTION' ? 
r_mcbond_it                  0.766  1.500  ? 694  'X-RAY DIFFRACTION' ? 
r_mcbond_other               0.085  1.500  ? 226  'X-RAY DIFFRACTION' ? 
r_mcangle_it                 0.908  2.000  ? 877  'X-RAY DIFFRACTION' ? 
r_scbond_it                  1.389  3.000  ? 391  'X-RAY DIFFRACTION' ? 
r_scangle_it                 2.171  4.500  ? 320  'X-RAY DIFFRACTION' ? 
r_rigid_bond_restr           ?      ?      ? ?    'X-RAY DIFFRACTION' ? 
r_sphericity_free            ?      ?      ? ?    'X-RAY DIFFRACTION' ? 
r_sphericity_bonded          ?      ?      ? ?    'X-RAY DIFFRACTION' ? 
# 
_refine_ls_shell.pdbx_total_number_of_bins_used   20 
_refine_ls_shell.d_res_high                       2.60 
_refine_ls_shell.d_res_low                        2.67 
_refine_ls_shell.number_reflns_R_work             217 
_refine_ls_shell.R_factor_R_work                  0.3450 
_refine_ls_shell.percent_reflns_obs               100.00 
_refine_ls_shell.R_factor_R_free                  0.3480 
_refine_ls_shell.R_factor_R_free_error            ? 
_refine_ls_shell.percent_reflns_R_free            ? 
_refine_ls_shell.number_reflns_R_free             9 
_refine_ls_shell.number_reflns_all                ? 
_refine_ls_shell.R_factor_all                     ? 
_refine_ls_shell.redundancy_reflns_obs            ? 
_refine_ls_shell.number_reflns_obs                ? 
_refine_ls_shell.pdbx_refine_id                   'X-RAY DIFFRACTION' 
# 
_struct.entry_id                  2OJR 
_struct.title                     'Structure of ubiquitin solved by SAD using the Lanthanide-Binding Tag' 
_struct.pdbx_model_details        ? 
_struct.pdbx_CASP_flag            ? 
_struct.pdbx_model_type_details   ? 
# 
_struct_keywords.entry_id        2OJR 
_struct_keywords.pdbx_keywords   'PROTEIN BINDING' 
_struct_keywords.text            'Lanthide-binding tag, Terbium, Tb, SAD phasing, PROTEIN BINDING' 
# 
loop_
_struct_asym.id 
_struct_asym.pdbx_blank_PDB_chainid_flag 
_struct_asym.pdbx_modified 
_struct_asym.entity_id 
_struct_asym.details 
A N N 1 ? 
B N N 2 ? 
C N N 2 ? 
D N N 3 ? 
# 
_struct_ref.id                         1 
_struct_ref.db_name                    UNP 
_struct_ref.db_code                    UBIQ_HUMAN 
_struct_ref.pdbx_db_accession          P62988 
_struct_ref.entity_id                  1 
_struct_ref.pdbx_seq_one_letter_code   MQIFVKTLTGKTITLEVEPSDTIENVKAKIQDKEGIPPDQQRLIFAGKQLEDGRTLSDYNIQKESTLHLVLRLRGG 
_struct_ref.pdbx_align_begin           1 
_struct_ref.pdbx_db_isoform            ? 
# 
_struct_ref_seq.align_id                      1 
_struct_ref_seq.ref_id                        1 
_struct_ref_seq.pdbx_PDB_id_code              2OJR 
_struct_ref_seq.pdbx_strand_id                A 
_struct_ref_seq.seq_align_beg                 36 
_struct_ref_seq.pdbx_seq_align_beg_ins_code   ? 
_struct_ref_seq.seq_align_end                 111 
_struct_ref_seq.pdbx_seq_align_end_ins_code   ? 
_struct_ref_seq.pdbx_db_accession             P62988 
_struct_ref_seq.db_align_beg                  1 
_struct_ref_seq.pdbx_db_align_beg_ins_code    ? 
_struct_ref_seq.db_align_end                  76 
_struct_ref_seq.pdbx_db_align_end_ins_code    ? 
_struct_ref_seq.pdbx_auth_seq_align_beg       101 
_struct_ref_seq.pdbx_auth_seq_align_end       176 
# 
loop_
_struct_ref_seq_dif.align_id 
_struct_ref_seq_dif.pdbx_pdb_id_code 
_struct_ref_seq_dif.mon_id 
_struct_ref_seq_dif.pdbx_pdb_strand_id 
_struct_ref_seq_dif.seq_num 
_struct_ref_seq_dif.pdbx_pdb_ins_code 
_struct_ref_seq_dif.pdbx_seq_db_name 
_struct_ref_seq_dif.pdbx_seq_db_accession_code 
_struct_ref_seq_dif.db_mon_id 
_struct_ref_seq_dif.pdbx_seq_db_seq_num 
_struct_ref_seq_dif.details 
_struct_ref_seq_dif.pdbx_auth_seq_num 
_struct_ref_seq_dif.pdbx_ordinal 
1 2OJR GLY A 1  ? UNP P62988 ? ? 'cloning artifact' 66  1  
1 2OJR PRO A 2  ? UNP P62988 ? ? 'cloning artifact' 67  2  
1 2OJR GLY A 3  ? UNP P62988 ? ? 'cloning artifact' 68  3  
1 2OJR TYR A 4  ? UNP P62988 ? ? 'SEE REMARK 999'   69  4  
1 2OJR ILE A 5  ? UNP P62988 ? ? 'SEE REMARK 999'   70  5  
1 2OJR ASP A 6  ? UNP P62988 ? ? 'SEE REMARK 999'   71  6  
1 2OJR THR A 7  ? UNP P62988 ? ? 'SEE REMARK 999'   72  7  
1 2OJR ASN A 8  ? UNP P62988 ? ? 'SEE REMARK 999'   73  8  
1 2OJR ASN A 9  ? UNP P62988 ? ? 'SEE REMARK 999'   74  9  
1 2OJR ASP A 10 ? UNP P62988 ? ? 'SEE REMARK 999'   75  10 
1 2OJR GLY A 11 ? UNP P62988 ? ? 'SEE REMARK 999'   76  11 
1 2OJR TRP A 12 ? UNP P62988 ? ? 'SEE REMARK 999'   77  12 
1 2OJR ILE A 13 ? UNP P62988 ? ? 'SEE REMARK 999'   78  13 
1 2OJR GLU A 14 ? UNP P62988 ? ? 'SEE REMARK 999'   79  14 
1 2OJR GLY A 15 ? UNP P62988 ? ? 'SEE REMARK 999'   80  15 
1 2OJR ASP A 16 ? UNP P62988 ? ? 'SEE REMARK 999'   81  16 
1 2OJR GLU A 17 ? UNP P62988 ? ? 'SEE REMARK 999'   82  17 
1 2OJR LEU A 18 ? UNP P62988 ? ? 'SEE REMARK 999'   83  18 
1 2OJR TYR A 19 ? UNP P62988 ? ? 'SEE REMARK 999'   84  19 
1 2OJR ILE A 20 ? UNP P62988 ? ? 'SEE REMARK 999'   85  20 
1 2OJR ASP A 21 ? UNP P62988 ? ? 'SEE REMARK 999'   86  21 
1 2OJR THR A 22 ? UNP P62988 ? ? 'SEE REMARK 999'   87  22 
1 2OJR ASN A 23 ? UNP P62988 ? ? 'SEE REMARK 999'   88  23 
1 2OJR ASN A 24 ? UNP P62988 ? ? 'SEE REMARK 999'   89  24 
1 2OJR ASP A 25 ? UNP P62988 ? ? 'SEE REMARK 999'   90  25 
1 2OJR GLY A 26 ? UNP P62988 ? ? 'SEE REMARK 999'   91  26 
1 2OJR TRP A 27 ? UNP P62988 ? ? 'SEE REMARK 999'   92  27 
1 2OJR ILE A 28 ? UNP P62988 ? ? 'SEE REMARK 999'   93  28 
1 2OJR GLU A 29 ? UNP P62988 ? ? 'SEE REMARK 999'   94  29 
1 2OJR GLY A 30 ? UNP P62988 ? ? 'SEE REMARK 999'   95  30 
1 2OJR ASP A 31 ? UNP P62988 ? ? 'SEE REMARK 999'   96  31 
1 2OJR GLU A 32 ? UNP P62988 ? ? 'SEE REMARK 999'   97  32 
1 2OJR LEU A 33 ? UNP P62988 ? ? 'SEE REMARK 999'   98  33 
1 2OJR LEU A 34 ? UNP P62988 ? ? 'SEE REMARK 999'   99  34 
1 2OJR ALA A 35 ? UNP P62988 ? ? 'SEE REMARK 999'   100 35 
# 
_pdbx_struct_assembly.id                   1 
_pdbx_struct_assembly.details              author_defined_assembly 
_pdbx_struct_assembly.method_details       ? 
_pdbx_struct_assembly.oligomeric_details   monomeric 
_pdbx_struct_assembly.oligomeric_count     1 
# 
_pdbx_struct_assembly_gen.assembly_id       1 
_pdbx_struct_assembly_gen.oper_expression   1 
_pdbx_struct_assembly_gen.asym_id_list      A,B,C,D 
# 
_pdbx_struct_oper_list.id                   1 
_pdbx_struct_oper_list.type                 'identity operation' 
_pdbx_struct_oper_list.name                 1_555 
_pdbx_struct_oper_list.symmetry_operation   x,y,z 
_pdbx_struct_oper_list.matrix[1][1]         1.0000000000 
_pdbx_struct_oper_list.matrix[1][2]         0.0000000000 
_pdbx_struct_oper_list.matrix[1][3]         0.0000000000 
_pdbx_struct_oper_list.vector[1]            0.0000000000 
_pdbx_struct_oper_list.matrix[2][1]         0.0000000000 
_pdbx_struct_oper_list.matrix[2][2]         1.0000000000 
_pdbx_struct_oper_list.matrix[2][3]         0.0000000000 
_pdbx_struct_oper_list.vector[2]            0.0000000000 
_pdbx_struct_oper_list.matrix[3][1]         0.0000000000 
_pdbx_struct_oper_list.matrix[3][2]         0.0000000000 
_pdbx_struct_oper_list.matrix[3][3]         1.0000000000 
_pdbx_struct_oper_list.vector[3]            0.0000000000 
# 
_struct_biol.id                    1 
_struct_biol.details               'Protein is biologically active as a monomer.' 
_struct_biol.pdbx_parent_biol_id   ? 
# 
loop_
_struct_conf.conf_type_id 
_struct_conf.id 
_struct_conf.pdbx_PDB_helix_id 
_struct_conf.beg_label_comp_id 
_struct_conf.beg_label_asym_id 
_struct_conf.beg_label_seq_id 
_struct_conf.pdbx_beg_PDB_ins_code 
_struct_conf.end_label_comp_id 
_struct_conf.end_label_asym_id 
_struct_conf.end_label_seq_id 
_struct_conf.pdbx_end_PDB_ins_code 
_struct_conf.beg_auth_comp_id 
_struct_conf.beg_auth_asym_id 
_struct_conf.beg_auth_seq_id 
_struct_conf.end_auth_comp_id 
_struct_conf.end_auth_asym_id 
_struct_conf.end_auth_seq_id 
_struct_conf.pdbx_PDB_helix_class 
_struct_conf.details 
_struct_conf.pdbx_PDB_helix_length 
HELX_P HELX_P1 1 GLU A 14 ? ASP A 16 ? GLU A 79  ASP A 81  5 ? 3  
HELX_P HELX_P2 2 GLU A 29 ? LEU A 33 ? GLU A 94  LEU A 98  5 ? 5  
HELX_P HELX_P3 3 THR A 57 ? GLY A 70 ? THR A 122 GLY A 135 1 ? 14 
# 
_struct_conf_type.id          HELX_P 
_struct_conf_type.criteria    ? 
_struct_conf_type.reference   ? 
# 
loop_
_struct_conn.id 
_struct_conn.conn_type_id 
_struct_conn.pdbx_leaving_atom_flag 
_struct_conn.pdbx_PDB_id 
_struct_conn.ptnr1_label_asym_id 
_struct_conn.ptnr1_label_comp_id 
_struct_conn.ptnr1_label_seq_id 
_struct_conn.ptnr1_label_atom_id 
_struct_conn.pdbx_ptnr1_label_alt_id 
_struct_conn.pdbx_ptnr1_PDB_ins_code 
_struct_conn.pdbx_ptnr1_standard_comp_id 
_struct_conn.ptnr1_symmetry 
_struct_conn.ptnr2_label_asym_id 
_struct_conn.ptnr2_label_comp_id 
_struct_conn.ptnr2_label_seq_id 
_struct_conn.ptnr2_label_atom_id 
_struct_conn.pdbx_ptnr2_label_alt_id 
_struct_conn.pdbx_ptnr2_PDB_ins_code 
_struct_conn.ptnr1_auth_asym_id 
_struct_conn.ptnr1_auth_comp_id 
_struct_conn.ptnr1_auth_seq_id 
_struct_conn.ptnr2_auth_asym_id 
_struct_conn.ptnr2_auth_comp_id 
_struct_conn.ptnr2_auth_seq_id 
_struct_conn.ptnr2_symmetry 
_struct_conn.pdbx_ptnr3_label_atom_id 
_struct_conn.pdbx_ptnr3_label_seq_id 
_struct_conn.pdbx_ptnr3_label_comp_id 
_struct_conn.pdbx_ptnr3_label_asym_id 
_struct_conn.pdbx_ptnr3_label_alt_id 
_struct_conn.pdbx_ptnr3_PDB_ins_code 
_struct_conn.details 
_struct_conn.pdbx_dist_value 
_struct_conn.pdbx_value_order 
_struct_conn.pdbx_role 
metalc1  metalc ? ? A ASP 6  OD1 ? ? ? 1_555 B TB . TB ? ? A ASP 71 A TB 500 1_555 ? ? ? ? ? ? ? 2.188 ? ? 
metalc2  metalc ? ? A ASN 8  OD1 ? ? ? 1_555 B TB . TB ? ? A ASN 73 A TB 500 1_555 ? ? ? ? ? ? ? 2.160 ? ? 
metalc3  metalc ? ? A ASP 10 OD1 ? ? ? 1_555 B TB . TB ? ? A ASP 75 A TB 500 1_555 ? ? ? ? ? ? ? 2.706 ? ? 
metalc4  metalc ? ? A TRP 12 O   ? ? ? 1_555 B TB . TB ? ? A TRP 77 A TB 500 1_555 ? ? ? ? ? ? ? 2.295 ? ? 
metalc5  metalc ? ? A GLU 14 OE1 ? ? ? 1_555 B TB . TB ? ? A GLU 79 A TB 500 1_555 ? ? ? ? ? ? ? 2.188 ? ? 
metalc6  metalc ? ? A GLU 14 OE2 ? ? ? 1_555 B TB . TB ? ? A GLU 79 A TB 500 1_555 ? ? ? ? ? ? ? 2.439 ? ? 
metalc7  metalc ? ? A GLU 17 OE1 ? ? ? 1_555 B TB . TB ? ? A GLU 82 A TB 500 1_555 ? ? ? ? ? ? ? 2.707 ? ? 
metalc8  metalc ? ? A GLU 17 OE2 ? ? ? 1_555 B TB . TB ? ? A GLU 82 A TB 500 1_555 ? ? ? ? ? ? ? 2.497 ? ? 
metalc9  metalc ? ? A ASP 21 OD2 ? ? ? 1_555 C TB . TB ? ? A ASP 86 A TB 501 1_555 ? ? ? ? ? ? ? 2.085 ? ? 
metalc10 metalc ? ? A ASN 23 OD1 ? ? ? 1_555 C TB . TB ? ? A ASN 88 A TB 501 1_555 ? ? ? ? ? ? ? 2.291 ? ? 
metalc11 metalc ? ? A ASP 25 OD1 ? ? ? 1_555 C TB . TB ? ? A ASP 90 A TB 501 1_555 ? ? ? ? ? ? ? 2.235 ? ? 
metalc12 metalc ? ? A TRP 27 O   ? ? ? 1_555 C TB . TB ? ? A TRP 92 A TB 501 1_555 ? ? ? ? ? ? ? 2.409 ? ? 
metalc13 metalc ? ? A GLU 29 OE1 ? ? ? 1_555 C TB . TB ? ? A GLU 94 A TB 501 1_555 ? ? ? ? ? ? ? 2.131 ? ? 
metalc14 metalc ? ? A GLU 29 OE2 ? ? ? 1_555 C TB . TB ? ? A GLU 94 A TB 501 1_555 ? ? ? ? ? ? ? 2.039 ? ? 
metalc15 metalc ? ? A GLU 32 OE1 ? ? ? 1_555 C TB . TB ? ? A GLU 97 A TB 501 1_555 ? ? ? ? ? ? ? 2.947 ? ? 
metalc16 metalc ? ? A GLU 32 OE2 ? ? ? 1_555 C TB . TB ? ? A GLU 97 A TB 501 1_555 ? ? ? ? ? ? ? 1.977 ? ? 
# 
_struct_conn_type.id          metalc 
_struct_conn_type.criteria    ? 
_struct_conn_type.reference   ? 
# 
loop_
_pdbx_struct_conn_angle.id 
_pdbx_struct_conn_angle.ptnr1_label_atom_id 
_pdbx_struct_conn_angle.ptnr1_label_alt_id 
_pdbx_struct_conn_angle.ptnr1_label_asym_id 
_pdbx_struct_conn_angle.ptnr1_label_comp_id 
_pdbx_struct_conn_angle.ptnr1_label_seq_id 
_pdbx_struct_conn_angle.ptnr1_auth_atom_id 
_pdbx_struct_conn_angle.ptnr1_auth_asym_id 
_pdbx_struct_conn_angle.ptnr1_auth_comp_id 
_pdbx_struct_conn_angle.ptnr1_auth_seq_id 
_pdbx_struct_conn_angle.ptnr1_PDB_ins_code 
_pdbx_struct_conn_angle.ptnr1_symmetry 
_pdbx_struct_conn_angle.ptnr2_label_atom_id 
_pdbx_struct_conn_angle.ptnr2_label_alt_id 
_pdbx_struct_conn_angle.ptnr2_label_asym_id 
_pdbx_struct_conn_angle.ptnr2_label_comp_id 
_pdbx_struct_conn_angle.ptnr2_label_seq_id 
_pdbx_struct_conn_angle.ptnr2_auth_atom_id 
_pdbx_struct_conn_angle.ptnr2_auth_asym_id 
_pdbx_struct_conn_angle.ptnr2_auth_comp_id 
_pdbx_struct_conn_angle.ptnr2_auth_seq_id 
_pdbx_struct_conn_angle.ptnr2_PDB_ins_code 
_pdbx_struct_conn_angle.ptnr2_symmetry 
_pdbx_struct_conn_angle.ptnr3_label_atom_id 
_pdbx_struct_conn_angle.ptnr3_label_alt_id 
_pdbx_struct_conn_angle.ptnr3_label_asym_id 
_pdbx_struct_conn_angle.ptnr3_label_comp_id 
_pdbx_struct_conn_angle.ptnr3_label_seq_id 
_pdbx_struct_conn_angle.ptnr3_auth_atom_id 
_pdbx_struct_conn_angle.ptnr3_auth_asym_id 
_pdbx_struct_conn_angle.ptnr3_auth_comp_id 
_pdbx_struct_conn_angle.ptnr3_auth_seq_id 
_pdbx_struct_conn_angle.ptnr3_PDB_ins_code 
_pdbx_struct_conn_angle.ptnr3_symmetry 
_pdbx_struct_conn_angle.value 
_pdbx_struct_conn_angle.value_esd 
1  OD1 ? A ASP 6  ? A ASP 71 ? 1_555 TB ? B TB . ? A TB 500 ? 1_555 OD1 ? A ASN 8  ? A ASN 73 ? 1_555 78.9  ? 
2  OD1 ? A ASP 6  ? A ASP 71 ? 1_555 TB ? B TB . ? A TB 500 ? 1_555 OD1 ? A ASP 10 ? A ASP 75 ? 1_555 89.1  ? 
3  OD1 ? A ASN 8  ? A ASN 73 ? 1_555 TB ? B TB . ? A TB 500 ? 1_555 OD1 ? A ASP 10 ? A ASP 75 ? 1_555 84.6  ? 
4  OD1 ? A ASP 6  ? A ASP 71 ? 1_555 TB ? B TB . ? A TB 500 ? 1_555 O   ? A TRP 12 ? A TRP 77 ? 1_555 77.4  ? 
5  OD1 ? A ASN 8  ? A ASN 73 ? 1_555 TB ? B TB . ? A TB 500 ? 1_555 O   ? A TRP 12 ? A TRP 77 ? 1_555 151.5 ? 
6  OD1 ? A ASP 10 ? A ASP 75 ? 1_555 TB ? B TB . ? A TB 500 ? 1_555 O   ? A TRP 12 ? A TRP 77 ? 1_555 79.4  ? 
7  OD1 ? A ASP 6  ? A ASP 71 ? 1_555 TB ? B TB . ? A TB 500 ? 1_555 OE1 ? A GLU 14 ? A GLU 79 ? 1_555 152.3 ? 
8  OD1 ? A ASN 8  ? A ASN 73 ? 1_555 TB ? B TB . ? A TB 500 ? 1_555 OE1 ? A GLU 14 ? A GLU 79 ? 1_555 122.7 ? 
9  OD1 ? A ASP 10 ? A ASP 75 ? 1_555 TB ? B TB . ? A TB 500 ? 1_555 OE1 ? A GLU 14 ? A GLU 79 ? 1_555 77.2  ? 
10 O   ? A TRP 12 ? A TRP 77 ? 1_555 TB ? B TB . ? A TB 500 ? 1_555 OE1 ? A GLU 14 ? A GLU 79 ? 1_555 76.5  ? 
11 OD1 ? A ASP 6  ? A ASP 71 ? 1_555 TB ? B TB . ? A TB 500 ? 1_555 OE2 ? A GLU 14 ? A GLU 79 ? 1_555 151.2 ? 
12 OD1 ? A ASN 8  ? A ASN 73 ? 1_555 TB ? B TB . ? A TB 500 ? 1_555 OE2 ? A GLU 14 ? A GLU 79 ? 1_555 75.8  ? 
13 OD1 ? A ASP 10 ? A ASP 75 ? 1_555 TB ? B TB . ? A TB 500 ? 1_555 OE2 ? A GLU 14 ? A GLU 79 ? 1_555 102.0 ? 
14 O   ? A TRP 12 ? A TRP 77 ? 1_555 TB ? B TB . ? A TB 500 ? 1_555 OE2 ? A GLU 14 ? A GLU 79 ? 1_555 130.5 ? 
15 OE1 ? A GLU 14 ? A GLU 79 ? 1_555 TB ? B TB . ? A TB 500 ? 1_555 OE2 ? A GLU 14 ? A GLU 79 ? 1_555 56.4  ? 
16 OD1 ? A ASP 6  ? A ASP 71 ? 1_555 TB ? B TB . ? A TB 500 ? 1_555 OE1 ? A GLU 17 ? A GLU 82 ? 1_555 93.9  ? 
17 OD1 ? A ASN 8  ? A ASN 73 ? 1_555 TB ? B TB . ? A TB 500 ? 1_555 OE1 ? A GLU 17 ? A GLU 82 ? 1_555 68.4  ? 
18 OD1 ? A ASP 10 ? A ASP 75 ? 1_555 TB ? B TB . ? A TB 500 ? 1_555 OE1 ? A GLU 17 ? A GLU 82 ? 1_555 151.7 ? 
19 O   ? A TRP 12 ? A TRP 77 ? 1_555 TB ? B TB . ? A TB 500 ? 1_555 OE1 ? A GLU 17 ? A GLU 82 ? 1_555 128.8 ? 
20 OE1 ? A GLU 14 ? A GLU 79 ? 1_555 TB ? B TB . ? A TB 500 ? 1_555 OE1 ? A GLU 17 ? A GLU 82 ? 1_555 109.7 ? 
21 OE2 ? A GLU 14 ? A GLU 79 ? 1_555 TB ? B TB . ? A TB 500 ? 1_555 OE1 ? A GLU 17 ? A GLU 82 ? 1_555 64.0  ? 
22 OD1 ? A ASP 6  ? A ASP 71 ? 1_555 TB ? B TB . ? A TB 500 ? 1_555 OE2 ? A GLU 17 ? A GLU 82 ? 1_555 95.0  ? 
23 OD1 ? A ASN 8  ? A ASN 73 ? 1_555 TB ? B TB . ? A TB 500 ? 1_555 OE2 ? A GLU 17 ? A GLU 82 ? 1_555 117.4 ? 
24 OD1 ? A ASP 10 ? A ASP 75 ? 1_555 TB ? B TB . ? A TB 500 ? 1_555 OE2 ? A GLU 17 ? A GLU 82 ? 1_555 158.0 ? 
25 O   ? A TRP 12 ? A TRP 77 ? 1_555 TB ? B TB . ? A TB 500 ? 1_555 OE2 ? A GLU 17 ? A GLU 82 ? 1_555 80.5  ? 
26 OE1 ? A GLU 14 ? A GLU 79 ? 1_555 TB ? B TB . ? A TB 500 ? 1_555 OE2 ? A GLU 17 ? A GLU 82 ? 1_555 89.6  ? 
27 OE2 ? A GLU 14 ? A GLU 79 ? 1_555 TB ? B TB . ? A TB 500 ? 1_555 OE2 ? A GLU 17 ? A GLU 82 ? 1_555 84.5  ? 
28 OE1 ? A GLU 17 ? A GLU 82 ? 1_555 TB ? B TB . ? A TB 500 ? 1_555 OE2 ? A GLU 17 ? A GLU 82 ? 1_555 49.7  ? 
29 OD2 ? A ASP 21 ? A ASP 86 ? 1_555 TB ? C TB . ? A TB 501 ? 1_555 OD1 ? A ASN 23 ? A ASN 88 ? 1_555 74.4  ? 
30 OD2 ? A ASP 21 ? A ASP 86 ? 1_555 TB ? C TB . ? A TB 501 ? 1_555 OD1 ? A ASP 25 ? A ASP 90 ? 1_555 89.0  ? 
31 OD1 ? A ASN 23 ? A ASN 88 ? 1_555 TB ? C TB . ? A TB 501 ? 1_555 OD1 ? A ASP 25 ? A ASP 90 ? 1_555 70.6  ? 
32 OD2 ? A ASP 21 ? A ASP 86 ? 1_555 TB ? C TB . ? A TB 501 ? 1_555 O   ? A TRP 27 ? A TRP 92 ? 1_555 78.0  ? 
33 OD1 ? A ASN 23 ? A ASN 88 ? 1_555 TB ? C TB . ? A TB 501 ? 1_555 O   ? A TRP 27 ? A TRP 92 ? 1_555 137.9 ? 
34 OD1 ? A ASP 25 ? A ASP 90 ? 1_555 TB ? C TB . ? A TB 501 ? 1_555 O   ? A TRP 27 ? A TRP 92 ? 1_555 77.9  ? 
35 OD2 ? A ASP 21 ? A ASP 86 ? 1_555 TB ? C TB . ? A TB 501 ? 1_555 OE1 ? A GLU 29 ? A GLU 94 ? 1_555 142.1 ? 
36 OD1 ? A ASN 23 ? A ASN 88 ? 1_555 TB ? C TB . ? A TB 501 ? 1_555 OE1 ? A GLU 29 ? A GLU 94 ? 1_555 85.2  ? 
37 OD1 ? A ASP 25 ? A ASP 90 ? 1_555 TB ? C TB . ? A TB 501 ? 1_555 OE1 ? A GLU 29 ? A GLU 94 ? 1_555 114.1 ? 
38 O   ? A TRP 27 ? A TRP 92 ? 1_555 TB ? C TB . ? A TB 501 ? 1_555 OE1 ? A GLU 29 ? A GLU 94 ? 1_555 134.0 ? 
39 OD2 ? A ASP 21 ? A ASP 86 ? 1_555 TB ? C TB . ? A TB 501 ? 1_555 OE2 ? A GLU 29 ? A GLU 94 ? 1_555 153.7 ? 
40 OD1 ? A ASN 23 ? A ASN 88 ? 1_555 TB ? C TB . ? A TB 501 ? 1_555 OE2 ? A GLU 29 ? A GLU 94 ? 1_555 125.3 ? 
41 OD1 ? A ASP 25 ? A ASP 90 ? 1_555 TB ? C TB . ? A TB 501 ? 1_555 OE2 ? A GLU 29 ? A GLU 94 ? 1_555 83.1  ? 
42 O   ? A TRP 27 ? A TRP 92 ? 1_555 TB ? C TB . ? A TB 501 ? 1_555 OE2 ? A GLU 29 ? A GLU 94 ? 1_555 75.9  ? 
43 OE1 ? A GLU 29 ? A GLU 94 ? 1_555 TB ? C TB . ? A TB 501 ? 1_555 OE2 ? A GLU 29 ? A GLU 94 ? 1_555 62.8  ? 
44 OD2 ? A ASP 21 ? A ASP 86 ? 1_555 TB ? C TB . ? A TB 501 ? 1_555 OE1 ? A GLU 32 ? A GLU 97 ? 1_555 88.7  ? 
45 OD1 ? A ASN 23 ? A ASN 88 ? 1_555 TB ? C TB . ? A TB 501 ? 1_555 OE1 ? A GLU 32 ? A GLU 97 ? 1_555 81.0  ? 
46 OD1 ? A ASP 25 ? A ASP 90 ? 1_555 TB ? C TB . ? A TB 501 ? 1_555 OE1 ? A GLU 32 ? A GLU 97 ? 1_555 151.0 ? 
47 O   ? A TRP 27 ? A TRP 92 ? 1_555 TB ? C TB . ? A TB 501 ? 1_555 OE1 ? A GLU 32 ? A GLU 97 ? 1_555 129.6 ? 
48 OE1 ? A GLU 29 ? A GLU 94 ? 1_555 TB ? C TB . ? A TB 501 ? 1_555 OE1 ? A GLU 32 ? A GLU 97 ? 1_555 56.3  ? 
49 OE2 ? A GLU 29 ? A GLU 94 ? 1_555 TB ? C TB . ? A TB 501 ? 1_555 OE1 ? A GLU 32 ? A GLU 97 ? 1_555 110.0 ? 
50 OD2 ? A ASP 21 ? A ASP 86 ? 1_555 TB ? C TB . ? A TB 501 ? 1_555 OE2 ? A GLU 32 ? A GLU 97 ? 1_555 77.3  ? 
51 OD1 ? A ASN 23 ? A ASN 88 ? 1_555 TB ? C TB . ? A TB 501 ? 1_555 OE2 ? A GLU 32 ? A GLU 97 ? 1_555 121.4 ? 
52 OD1 ? A ASP 25 ? A ASP 90 ? 1_555 TB ? C TB . ? A TB 501 ? 1_555 OE2 ? A GLU 32 ? A GLU 97 ? 1_555 157.3 ? 
53 O   ? A TRP 27 ? A TRP 92 ? 1_555 TB ? C TB . ? A TB 501 ? 1_555 OE2 ? A GLU 32 ? A GLU 97 ? 1_555 81.6  ? 
54 OE1 ? A GLU 29 ? A GLU 94 ? 1_555 TB ? C TB . ? A TB 501 ? 1_555 OE2 ? A GLU 32 ? A GLU 97 ? 1_555 87.2  ? 
55 OE2 ? A GLU 29 ? A GLU 94 ? 1_555 TB ? C TB . ? A TB 501 ? 1_555 OE2 ? A GLU 32 ? A GLU 97 ? 1_555 101.2 ? 
56 OE1 ? A GLU 32 ? A GLU 97 ? 1_555 TB ? C TB . ? A TB 501 ? 1_555 OE2 ? A GLU 32 ? A GLU 97 ? 1_555 48.0  ? 
# 
loop_
_struct_sheet.id 
_struct_sheet.type 
_struct_sheet.number_strands 
_struct_sheet.details 
A ? 2 ? 
B ? 5 ? 
# 
loop_
_struct_sheet_order.sheet_id 
_struct_sheet_order.range_id_1 
_struct_sheet_order.range_id_2 
_struct_sheet_order.offset 
_struct_sheet_order.sense 
A 1 2 ? anti-parallel 
B 1 2 ? anti-parallel 
B 2 3 ? parallel      
B 3 4 ? anti-parallel 
B 4 5 ? anti-parallel 
# 
loop_
_struct_sheet_range.sheet_id 
_struct_sheet_range.id 
_struct_sheet_range.beg_label_comp_id 
_struct_sheet_range.beg_label_asym_id 
_struct_sheet_range.beg_label_seq_id 
_struct_sheet_range.pdbx_beg_PDB_ins_code 
_struct_sheet_range.end_label_comp_id 
_struct_sheet_range.end_label_asym_id 
_struct_sheet_range.end_label_seq_id 
_struct_sheet_range.pdbx_end_PDB_ins_code 
_struct_sheet_range.beg_auth_comp_id 
_struct_sheet_range.beg_auth_asym_id 
_struct_sheet_range.beg_auth_seq_id 
_struct_sheet_range.end_auth_comp_id 
_struct_sheet_range.end_auth_asym_id 
_struct_sheet_range.end_auth_seq_id 
A 1 PRO A 2   ? TYR A 4   ? PRO A 67  TYR A 69  
A 2 LEU A 18  ? ILE A 20  ? LEU A 83  ILE A 85  
B 1 THR A 47  ? VAL A 52  ? THR A 112 VAL A 117 
B 2 MET A 36  ? LYS A 41  ? MET A 101 LYS A 106 
B 3 THR A 101 ? LEU A 106 ? THR A 166 LEU A 171 
B 4 GLN A 76  ? PHE A 80  ? GLN A 141 PHE A 145 
B 5 LYS A 83  ? GLN A 84  ? LYS A 148 GLN A 149 
# 
loop_
_pdbx_struct_sheet_hbond.sheet_id 
_pdbx_struct_sheet_hbond.range_id_1 
_pdbx_struct_sheet_hbond.range_id_2 
_pdbx_struct_sheet_hbond.range_1_label_atom_id 
_pdbx_struct_sheet_hbond.range_1_label_comp_id 
_pdbx_struct_sheet_hbond.range_1_label_asym_id 
_pdbx_struct_sheet_hbond.range_1_label_seq_id 
_pdbx_struct_sheet_hbond.range_1_PDB_ins_code 
_pdbx_struct_sheet_hbond.range_1_auth_atom_id 
_pdbx_struct_sheet_hbond.range_1_auth_comp_id 
_pdbx_struct_sheet_hbond.range_1_auth_asym_id 
_pdbx_struct_sheet_hbond.range_1_auth_seq_id 
_pdbx_struct_sheet_hbond.range_2_label_atom_id 
_pdbx_struct_sheet_hbond.range_2_label_comp_id 
_pdbx_struct_sheet_hbond.range_2_label_asym_id 
_pdbx_struct_sheet_hbond.range_2_label_seq_id 
_pdbx_struct_sheet_hbond.range_2_PDB_ins_code 
_pdbx_struct_sheet_hbond.range_2_auth_atom_id 
_pdbx_struct_sheet_hbond.range_2_auth_comp_id 
_pdbx_struct_sheet_hbond.range_2_auth_asym_id 
_pdbx_struct_sheet_hbond.range_2_auth_seq_id 
A 1 2 N GLY A 3   ? N GLY A 68  O TYR A 19  ? O TYR A 84  
B 1 2 O LEU A 50  ? O LEU A 115 N ILE A 38  ? N ILE A 103 
B 2 3 N LYS A 41  ? N LYS A 106 O LEU A 102 ? O LEU A 167 
B 3 4 O HIS A 103 ? O HIS A 168 N ILE A 79  ? N ILE A 144 
B 4 5 N PHE A 80  ? N PHE A 145 O LYS A 83  ? O LYS A 148 
# 
loop_
_struct_site.id 
_struct_site.pdbx_evidence_code 
_struct_site.pdbx_auth_asym_id 
_struct_site.pdbx_auth_comp_id 
_struct_site.pdbx_auth_seq_id 
_struct_site.pdbx_auth_ins_code 
_struct_site.pdbx_num_residues 
_struct_site.details 
AC1 Software A TB 500 ? 6 'BINDING SITE FOR RESIDUE TB A 500' 
AC2 Software A TB 501 ? 6 'BINDING SITE FOR RESIDUE TB A 501' 
# 
loop_
_struct_site_gen.id 
_struct_site_gen.site_id 
_struct_site_gen.pdbx_num_res 
_struct_site_gen.label_comp_id 
_struct_site_gen.label_asym_id 
_struct_site_gen.label_seq_id 
_struct_site_gen.pdbx_auth_ins_code 
_struct_site_gen.auth_comp_id 
_struct_site_gen.auth_asym_id 
_struct_site_gen.auth_seq_id 
_struct_site_gen.label_atom_id 
_struct_site_gen.label_alt_id 
_struct_site_gen.symmetry 
_struct_site_gen.details 
1  AC1 6 ASP A 6  ? ASP A 71 . ? 1_555 ? 
2  AC1 6 ASN A 8  ? ASN A 73 . ? 1_555 ? 
3  AC1 6 ASP A 10 ? ASP A 75 . ? 1_555 ? 
4  AC1 6 TRP A 12 ? TRP A 77 . ? 1_555 ? 
5  AC1 6 GLU A 14 ? GLU A 79 . ? 1_555 ? 
6  AC1 6 GLU A 17 ? GLU A 82 . ? 1_555 ? 
7  AC2 6 ASP A 21 ? ASP A 86 . ? 1_555 ? 
8  AC2 6 ASN A 23 ? ASN A 88 . ? 1_555 ? 
9  AC2 6 ASP A 25 ? ASP A 90 . ? 1_555 ? 
10 AC2 6 TRP A 27 ? TRP A 92 . ? 1_555 ? 
11 AC2 6 GLU A 29 ? GLU A 94 . ? 1_555 ? 
12 AC2 6 GLU A 32 ? GLU A 97 . ? 1_555 ? 
# 
loop_
_pdbx_validate_close_contact.id 
_pdbx_validate_close_contact.PDB_model_num 
_pdbx_validate_close_contact.auth_atom_id_1 
_pdbx_validate_close_contact.auth_asym_id_1 
_pdbx_validate_close_contact.auth_comp_id_1 
_pdbx_validate_close_contact.auth_seq_id_1 
_pdbx_validate_close_contact.PDB_ins_code_1 
_pdbx_validate_close_contact.label_alt_id_1 
_pdbx_validate_close_contact.auth_atom_id_2 
_pdbx_validate_close_contact.auth_asym_id_2 
_pdbx_validate_close_contact.auth_comp_id_2 
_pdbx_validate_close_contact.auth_seq_id_2 
_pdbx_validate_close_contact.PDB_ins_code_2 
_pdbx_validate_close_contact.label_alt_id_2 
_pdbx_validate_close_contact.dist 
1 1 ND2 A ASN 73 ? ? OE2 A GLU 79 ? ? 1.95 
2 1 OD1 A ASP 86 ? ? O   A ASP 90 ? ? 2.05 
3 1 OE1 A GLU 94 ? ? O   A HOH 17 ? ? 2.18 
# 
loop_
_pdbx_validate_torsion.id 
_pdbx_validate_torsion.PDB_model_num 
_pdbx_validate_torsion.auth_comp_id 
_pdbx_validate_torsion.auth_asym_id 
_pdbx_validate_torsion.auth_seq_id 
_pdbx_validate_torsion.PDB_ins_code 
_pdbx_validate_torsion.label_alt_id 
_pdbx_validate_torsion.phi 
_pdbx_validate_torsion.psi 
1 1 ASN A 89  ? ? 50.44  18.94  
2 1 LYS A 163 ? ? -37.91 130.18 
3 1 ARG A 174 ? ? 59.44  -56.46 
# 
_pdbx_validate_peptide_omega.id               1 
_pdbx_validate_peptide_omega.PDB_model_num    1 
_pdbx_validate_peptide_omega.auth_comp_id_1   ASP 
_pdbx_validate_peptide_omega.auth_asym_id_1   A 
_pdbx_validate_peptide_omega.auth_seq_id_1    158 
_pdbx_validate_peptide_omega.PDB_ins_code_1   ? 
_pdbx_validate_peptide_omega.label_alt_id_1   ? 
_pdbx_validate_peptide_omega.auth_comp_id_2   TYR 
_pdbx_validate_peptide_omega.auth_asym_id_2   A 
_pdbx_validate_peptide_omega.auth_seq_id_2    159 
_pdbx_validate_peptide_omega.PDB_ins_code_2   ? 
_pdbx_validate_peptide_omega.label_alt_id_2   ? 
_pdbx_validate_peptide_omega.omega            145.42 
# 
_diffrn_reflns.diffrn_id                   1 
_diffrn_reflns.pdbx_d_res_high             2.700 
_diffrn_reflns.pdbx_d_res_low              50.000 
_diffrn_reflns.pdbx_number_obs             6538 
_diffrn_reflns.pdbx_Rmerge_I_obs           0.106 
_diffrn_reflns.pdbx_Rsym_value             ? 
_diffrn_reflns.pdbx_chi_squared            1.12 
_diffrn_reflns.av_sigmaI_over_netI         9.70 
_diffrn_reflns.pdbx_redundancy             5.60 
_diffrn_reflns.pdbx_percent_possible_obs   99.80 
_diffrn_reflns.number                      36570 
_diffrn_reflns.pdbx_observed_criterion     ? 
_diffrn_reflns.limit_h_max                 ? 
_diffrn_reflns.limit_h_min                 ? 
_diffrn_reflns.limit_k_max                 ? 
_diffrn_reflns.limit_k_min                 ? 
_diffrn_reflns.limit_l_max                 ? 
_diffrn_reflns.limit_l_min                 ? 
# 
loop_
_pdbx_diffrn_reflns_shell.diffrn_id 
_pdbx_diffrn_reflns_shell.d_res_high 
_pdbx_diffrn_reflns_shell.d_res_low 
_pdbx_diffrn_reflns_shell.number_obs 
_pdbx_diffrn_reflns_shell.rejects 
_pdbx_diffrn_reflns_shell.Rmerge_I_obs 
_pdbx_diffrn_reflns_shell.Rsym_value 
_pdbx_diffrn_reflns_shell.chi_squared 
_pdbx_diffrn_reflns_shell.redundancy 
_pdbx_diffrn_reflns_shell.percent_possible_obs 
1 5.81 50.00 ? ? 0.074 ? 0.960 5.20 98.80  
1 4.62 5.81  ? ? 0.090 ? 1.137 5.70 100.00 
1 4.03 4.62  ? ? 0.091 ? 1.236 5.80 100.00 
1 3.66 4.03  ? ? 0.092 ? 1.231 5.90 100.00 
1 3.40 3.66  ? ? 0.114 ? 1.214 5.90 100.00 
1 3.20 3.40  ? ? 0.141 ? 1.277 5.40 100.00 
1 3.04 3.20  ? ? 0.199 ? 1.174 5.50 99.80  
1 2.91 3.04  ? ? 0.267 ? 1.032 5.60 100.00 
1 2.80 2.91  ? ? 0.366 ? 0.944 5.70 99.80  
1 2.70 2.80  ? ? 0.473 ? 0.943 5.40 99.80  
# 
_pdbx_phasing_MAD_set.id                 HR_ano 
_pdbx_phasing_MAD_set.d_res_low          2.75 
_pdbx_phasing_MAD_set.d_res_high         8.94 
_pdbx_phasing_MAD_set.fom_centric        ? 
_pdbx_phasing_MAD_set.fom_acentric       ? 
_pdbx_phasing_MAD_set.fom                0.254 
_pdbx_phasing_MAD_set.R_cullis_centric   ? 
_pdbx_phasing_MAD_set.R_kraut_acentric   0.128 
_pdbx_phasing_MAD_set.power              0.370 
# 
_phasing.method   SAD 
# 
_phasing_MAD.entry_id          2OJR 
_phasing_MAD.pdbx_d_res_high   2.75 
_phasing_MAD.pdbx_d_res_low    8.94 
_phasing_MAD.pdbx_fom          0.252 
_phasing_MAD.pdbx_reflns       3261 
# 
_phasing_MAD_clust.id           '1 wavelength' 
_phasing_MAD_clust.expt_id      1 
_phasing_MAD_clust.number_set   ? 
# 
_phasing_MAD_expt.id         1 
_phasing_MAD_expt.mean_fom   ? 
# 
_phasing_MAD_set.expt_id          1 
_phasing_MAD_set.clust_id         '1 wavelength' 
_phasing_MAD_set.set_id           1 
_phasing_MAD_set.f_prime          -1.77 
_phasing_MAD_set.f_double_prime   8.58 
_phasing_MAD_set.wavelength       1.1000 
# 
_phasing_set.id                1 
_phasing_set.pdbx_d_res_high   . 
_phasing_set.pdbx_d_res_low    . 
# 
_pdbx_database_remark.id     999 
_pdbx_database_remark.text   
;SEQUENCE 
The inserted residues at the N-terminus of the protein  
correspond to a 32-residue dSE3 lanthide-binding tag  
The residues numbered 66 to 100 in this entry correspond
to residues -4 to 13 and -1' to 15' in the primary citation.
;
# 
_pdbx_unobs_or_zero_occ_residues.id               1 
_pdbx_unobs_or_zero_occ_residues.PDB_model_num    1 
_pdbx_unobs_or_zero_occ_residues.polymer_flag     Y 
_pdbx_unobs_or_zero_occ_residues.occupancy_flag   1 
_pdbx_unobs_or_zero_occ_residues.auth_asym_id     A 
_pdbx_unobs_or_zero_occ_residues.auth_comp_id     GLY 
_pdbx_unobs_or_zero_occ_residues.auth_seq_id      176 
_pdbx_unobs_or_zero_occ_residues.PDB_ins_code     ? 
_pdbx_unobs_or_zero_occ_residues.label_asym_id    A 
_pdbx_unobs_or_zero_occ_residues.label_comp_id    GLY 
_pdbx_unobs_or_zero_occ_residues.label_seq_id     111 
# 
loop_
_chem_comp_atom.comp_id 
_chem_comp_atom.atom_id 
_chem_comp_atom.type_symbol 
_chem_comp_atom.pdbx_aromatic_flag 
_chem_comp_atom.pdbx_stereo_config 
_chem_comp_atom.pdbx_ordinal 
ALA N    N  N N 1   
ALA CA   C  N S 2   
ALA C    C  N N 3   
ALA O    O  N N 4   
ALA CB   C  N N 5   
ALA OXT  O  N N 6   
ALA H    H  N N 7   
ALA H2   H  N N 8   
ALA HA   H  N N 9   
ALA HB1  H  N N 10  
ALA HB2  H  N N 11  
ALA HB3  H  N N 12  
ALA HXT  H  N N 13  
ARG N    N  N N 14  
ARG CA   C  N S 15  
ARG C    C  N N 16  
ARG O    O  N N 17  
ARG CB   C  N N 18  
ARG CG   C  N N 19  
ARG CD   C  N N 20  
ARG NE   N  N N 21  
ARG CZ   C  N N 22  
ARG NH1  N  N N 23  
ARG NH2  N  N N 24  
ARG OXT  O  N N 25  
ARG H    H  N N 26  
ARG H2   H  N N 27  
ARG HA   H  N N 28  
ARG HB2  H  N N 29  
ARG HB3  H  N N 30  
ARG HG2  H  N N 31  
ARG HG3  H  N N 32  
ARG HD2  H  N N 33  
ARG HD3  H  N N 34  
ARG HE   H  N N 35  
ARG HH11 H  N N 36  
ARG HH12 H  N N 37  
ARG HH21 H  N N 38  
ARG HH22 H  N N 39  
ARG HXT  H  N N 40  
ASN N    N  N N 41  
ASN CA   C  N S 42  
ASN C    C  N N 43  
ASN O    O  N N 44  
ASN CB   C  N N 45  
ASN CG   C  N N 46  
ASN OD1  O  N N 47  
ASN ND2  N  N N 48  
ASN OXT  O  N N 49  
ASN H    H  N N 50  
ASN H2   H  N N 51  
ASN HA   H  N N 52  
ASN HB2  H  N N 53  
ASN HB3  H  N N 54  
ASN HD21 H  N N 55  
ASN HD22 H  N N 56  
ASN HXT  H  N N 57  
ASP N    N  N N 58  
ASP CA   C  N S 59  
ASP C    C  N N 60  
ASP O    O  N N 61  
ASP CB   C  N N 62  
ASP CG   C  N N 63  
ASP OD1  O  N N 64  
ASP OD2  O  N N 65  
ASP OXT  O  N N 66  
ASP H    H  N N 67  
ASP H2   H  N N 68  
ASP HA   H  N N 69  
ASP HB2  H  N N 70  
ASP HB3  H  N N 71  
ASP HD2  H  N N 72  
ASP HXT  H  N N 73  
GLN N    N  N N 74  
GLN CA   C  N S 75  
GLN C    C  N N 76  
GLN O    O  N N 77  
GLN CB   C  N N 78  
GLN CG   C  N N 79  
GLN CD   C  N N 80  
GLN OE1  O  N N 81  
GLN NE2  N  N N 82  
GLN OXT  O  N N 83  
GLN H    H  N N 84  
GLN H2   H  N N 85  
GLN HA   H  N N 86  
GLN HB2  H  N N 87  
GLN HB3  H  N N 88  
GLN HG2  H  N N 89  
GLN HG3  H  N N 90  
GLN HE21 H  N N 91  
GLN HE22 H  N N 92  
GLN HXT  H  N N 93  
GLU N    N  N N 94  
GLU CA   C  N S 95  
GLU C    C  N N 96  
GLU O    O  N N 97  
GLU CB   C  N N 98  
GLU CG   C  N N 99  
GLU CD   C  N N 100 
GLU OE1  O  N N 101 
GLU OE2  O  N N 102 
GLU OXT  O  N N 103 
GLU H    H  N N 104 
GLU H2   H  N N 105 
GLU HA   H  N N 106 
GLU HB2  H  N N 107 
GLU HB3  H  N N 108 
GLU HG2  H  N N 109 
GLU HG3  H  N N 110 
GLU HE2  H  N N 111 
GLU HXT  H  N N 112 
GLY N    N  N N 113 
GLY CA   C  N N 114 
GLY C    C  N N 115 
GLY O    O  N N 116 
GLY OXT  O  N N 117 
GLY H    H  N N 118 
GLY H2   H  N N 119 
GLY HA2  H  N N 120 
GLY HA3  H  N N 121 
GLY HXT  H  N N 122 
HIS N    N  N N 123 
HIS CA   C  N S 124 
HIS C    C  N N 125 
HIS O    O  N N 126 
HIS CB   C  N N 127 
HIS CG   C  Y N 128 
HIS ND1  N  Y N 129 
HIS CD2  C  Y N 130 
HIS CE1  C  Y N 131 
HIS NE2  N  Y N 132 
HIS OXT  O  N N 133 
HIS H    H  N N 134 
HIS H2   H  N N 135 
HIS HA   H  N N 136 
HIS HB2  H  N N 137 
HIS HB3  H  N N 138 
HIS HD1  H  N N 139 
HIS HD2  H  N N 140 
HIS HE1  H  N N 141 
HIS HE2  H  N N 142 
HIS HXT  H  N N 143 
HOH O    O  N N 144 
HOH H1   H  N N 145 
HOH H2   H  N N 146 
ILE N    N  N N 147 
ILE CA   C  N S 148 
ILE C    C  N N 149 
ILE O    O  N N 150 
ILE CB   C  N S 151 
ILE CG1  C  N N 152 
ILE CG2  C  N N 153 
ILE CD1  C  N N 154 
ILE OXT  O  N N 155 
ILE H    H  N N 156 
ILE H2   H  N N 157 
ILE HA   H  N N 158 
ILE HB   H  N N 159 
ILE HG12 H  N N 160 
ILE HG13 H  N N 161 
ILE HG21 H  N N 162 
ILE HG22 H  N N 163 
ILE HG23 H  N N 164 
ILE HD11 H  N N 165 
ILE HD12 H  N N 166 
ILE HD13 H  N N 167 
ILE HXT  H  N N 168 
LEU N    N  N N 169 
LEU CA   C  N S 170 
LEU C    C  N N 171 
LEU O    O  N N 172 
LEU CB   C  N N 173 
LEU CG   C  N N 174 
LEU CD1  C  N N 175 
LEU CD2  C  N N 176 
LEU OXT  O  N N 177 
LEU H    H  N N 178 
LEU H2   H  N N 179 
LEU HA   H  N N 180 
LEU HB2  H  N N 181 
LEU HB3  H  N N 182 
LEU HG   H  N N 183 
LEU HD11 H  N N 184 
LEU HD12 H  N N 185 
LEU HD13 H  N N 186 
LEU HD21 H  N N 187 
LEU HD22 H  N N 188 
LEU HD23 H  N N 189 
LEU HXT  H  N N 190 
LYS N    N  N N 191 
LYS CA   C  N S 192 
LYS C    C  N N 193 
LYS O    O  N N 194 
LYS CB   C  N N 195 
LYS CG   C  N N 196 
LYS CD   C  N N 197 
LYS CE   C  N N 198 
LYS NZ   N  N N 199 
LYS OXT  O  N N 200 
LYS H    H  N N 201 
LYS H2   H  N N 202 
LYS HA   H  N N 203 
LYS HB2  H  N N 204 
LYS HB3  H  N N 205 
LYS HG2  H  N N 206 
LYS HG3  H  N N 207 
LYS HD2  H  N N 208 
LYS HD3  H  N N 209 
LYS HE2  H  N N 210 
LYS HE3  H  N N 211 
LYS HZ1  H  N N 212 
LYS HZ2  H  N N 213 
LYS HZ3  H  N N 214 
LYS HXT  H  N N 215 
MET N    N  N N 216 
MET CA   C  N S 217 
MET C    C  N N 218 
MET O    O  N N 219 
MET CB   C  N N 220 
MET CG   C  N N 221 
MET SD   S  N N 222 
MET CE   C  N N 223 
MET OXT  O  N N 224 
MET H    H  N N 225 
MET H2   H  N N 226 
MET HA   H  N N 227 
MET HB2  H  N N 228 
MET HB3  H  N N 229 
MET HG2  H  N N 230 
MET HG3  H  N N 231 
MET HE1  H  N N 232 
MET HE2  H  N N 233 
MET HE3  H  N N 234 
MET HXT  H  N N 235 
PHE N    N  N N 236 
PHE CA   C  N S 237 
PHE C    C  N N 238 
PHE O    O  N N 239 
PHE CB   C  N N 240 
PHE CG   C  Y N 241 
PHE CD1  C  Y N 242 
PHE CD2  C  Y N 243 
PHE CE1  C  Y N 244 
PHE CE2  C  Y N 245 
PHE CZ   C  Y N 246 
PHE OXT  O  N N 247 
PHE H    H  N N 248 
PHE H2   H  N N 249 
PHE HA   H  N N 250 
PHE HB2  H  N N 251 
PHE HB3  H  N N 252 
PHE HD1  H  N N 253 
PHE HD2  H  N N 254 
PHE HE1  H  N N 255 
PHE HE2  H  N N 256 
PHE HZ   H  N N 257 
PHE HXT  H  N N 258 
PRO N    N  N N 259 
PRO CA   C  N S 260 
PRO C    C  N N 261 
PRO O    O  N N 262 
PRO CB   C  N N 263 
PRO CG   C  N N 264 
PRO CD   C  N N 265 
PRO OXT  O  N N 266 
PRO H    H  N N 267 
PRO HA   H  N N 268 
PRO HB2  H  N N 269 
PRO HB3  H  N N 270 
PRO HG2  H  N N 271 
PRO HG3  H  N N 272 
PRO HD2  H  N N 273 
PRO HD3  H  N N 274 
PRO HXT  H  N N 275 
SER N    N  N N 276 
SER CA   C  N S 277 
SER C    C  N N 278 
SER O    O  N N 279 
SER CB   C  N N 280 
SER OG   O  N N 281 
SER OXT  O  N N 282 
SER H    H  N N 283 
SER H2   H  N N 284 
SER HA   H  N N 285 
SER HB2  H  N N 286 
SER HB3  H  N N 287 
SER HG   H  N N 288 
SER HXT  H  N N 289 
TB  TB   TB N N 290 
THR N    N  N N 291 
THR CA   C  N S 292 
THR C    C  N N 293 
THR O    O  N N 294 
THR CB   C  N R 295 
THR OG1  O  N N 296 
THR CG2  C  N N 297 
THR OXT  O  N N 298 
THR H    H  N N 299 
THR H2   H  N N 300 
THR HA   H  N N 301 
THR HB   H  N N 302 
THR HG1  H  N N 303 
THR HG21 H  N N 304 
THR HG22 H  N N 305 
THR HG23 H  N N 306 
THR HXT  H  N N 307 
TRP N    N  N N 308 
TRP CA   C  N S 309 
TRP C    C  N N 310 
TRP O    O  N N 311 
TRP CB   C  N N 312 
TRP CG   C  Y N 313 
TRP CD1  C  Y N 314 
TRP CD2  C  Y N 315 
TRP NE1  N  Y N 316 
TRP CE2  C  Y N 317 
TRP CE3  C  Y N 318 
TRP CZ2  C  Y N 319 
TRP CZ3  C  Y N 320 
TRP CH2  C  Y N 321 
TRP OXT  O  N N 322 
TRP H    H  N N 323 
TRP H2   H  N N 324 
TRP HA   H  N N 325 
TRP HB2  H  N N 326 
TRP HB3  H  N N 327 
TRP HD1  H  N N 328 
TRP HE1  H  N N 329 
TRP HE3  H  N N 330 
TRP HZ2  H  N N 331 
TRP HZ3  H  N N 332 
TRP HH2  H  N N 333 
TRP HXT  H  N N 334 
TYR N    N  N N 335 
TYR CA   C  N S 336 
TYR C    C  N N 337 
TYR O    O  N N 338 
TYR CB   C  N N 339 
TYR CG   C  Y N 340 
TYR CD1  C  Y N 341 
TYR CD2  C  Y N 342 
TYR CE1  C  Y N 343 
TYR CE2  C  Y N 344 
TYR CZ   C  Y N 345 
TYR OH   O  N N 346 
TYR OXT  O  N N 347 
TYR H    H  N N 348 
TYR H2   H  N N 349 
TYR HA   H  N N 350 
TYR HB2  H  N N 351 
TYR HB3  H  N N 352 
TYR HD1  H  N N 353 
TYR HD2  H  N N 354 
TYR HE1  H  N N 355 
TYR HE2  H  N N 356 
TYR HH   H  N N 357 
TYR HXT  H  N N 358 
VAL N    N  N N 359 
VAL CA   C  N S 360 
VAL C    C  N N 361 
VAL O    O  N N 362 
VAL CB   C  N N 363 
VAL CG1  C  N N 364 
VAL CG2  C  N N 365 
VAL OXT  O  N N 366 
VAL H    H  N N 367 
VAL H2   H  N N 368 
VAL HA   H  N N 369 
VAL HB   H  N N 370 
VAL HG11 H  N N 371 
VAL HG12 H  N N 372 
VAL HG13 H  N N 373 
VAL HG21 H  N N 374 
VAL HG22 H  N N 375 
VAL HG23 H  N N 376 
VAL HXT  H  N N 377 
# 
loop_
_chem_comp_bond.comp_id 
_chem_comp_bond.atom_id_1 
_chem_comp_bond.atom_id_2 
_chem_comp_bond.value_order 
_chem_comp_bond.pdbx_aromatic_flag 
_chem_comp_bond.pdbx_stereo_config 
_chem_comp_bond.pdbx_ordinal 
ALA N   CA   sing N N 1   
ALA N   H    sing N N 2   
ALA N   H2   sing N N 3   
ALA CA  C    sing N N 4   
ALA CA  CB   sing N N 5   
ALA CA  HA   sing N N 6   
ALA C   O    doub N N 7   
ALA C   OXT  sing N N 8   
ALA CB  HB1  sing N N 9   
ALA CB  HB2  sing N N 10  
ALA CB  HB3  sing N N 11  
ALA OXT HXT  sing N N 12  
ARG N   CA   sing N N 13  
ARG N   H    sing N N 14  
ARG N   H2   sing N N 15  
ARG CA  C    sing N N 16  
ARG CA  CB   sing N N 17  
ARG CA  HA   sing N N 18  
ARG C   O    doub N N 19  
ARG C   OXT  sing N N 20  
ARG CB  CG   sing N N 21  
ARG CB  HB2  sing N N 22  
ARG CB  HB3  sing N N 23  
ARG CG  CD   sing N N 24  
ARG CG  HG2  sing N N 25  
ARG CG  HG3  sing N N 26  
ARG CD  NE   sing N N 27  
ARG CD  HD2  sing N N 28  
ARG CD  HD3  sing N N 29  
ARG NE  CZ   sing N N 30  
ARG NE  HE   sing N N 31  
ARG CZ  NH1  sing N N 32  
ARG CZ  NH2  doub N N 33  
ARG NH1 HH11 sing N N 34  
ARG NH1 HH12 sing N N 35  
ARG NH2 HH21 sing N N 36  
ARG NH2 HH22 sing N N 37  
ARG OXT HXT  sing N N 38  
ASN N   CA   sing N N 39  
ASN N   H    sing N N 40  
ASN N   H2   sing N N 41  
ASN CA  C    sing N N 42  
ASN CA  CB   sing N N 43  
ASN CA  HA   sing N N 44  
ASN C   O    doub N N 45  
ASN C   OXT  sing N N 46  
ASN CB  CG   sing N N 47  
ASN CB  HB2  sing N N 48  
ASN CB  HB3  sing N N 49  
ASN CG  OD1  doub N N 50  
ASN CG  ND2  sing N N 51  
ASN ND2 HD21 sing N N 52  
ASN ND2 HD22 sing N N 53  
ASN OXT HXT  sing N N 54  
ASP N   CA   sing N N 55  
ASP N   H    sing N N 56  
ASP N   H2   sing N N 57  
ASP CA  C    sing N N 58  
ASP CA  CB   sing N N 59  
ASP CA  HA   sing N N 60  
ASP C   O    doub N N 61  
ASP C   OXT  sing N N 62  
ASP CB  CG   sing N N 63  
ASP CB  HB2  sing N N 64  
ASP CB  HB3  sing N N 65  
ASP CG  OD1  doub N N 66  
ASP CG  OD2  sing N N 67  
ASP OD2 HD2  sing N N 68  
ASP OXT HXT  sing N N 69  
GLN N   CA   sing N N 70  
GLN N   H    sing N N 71  
GLN N   H2   sing N N 72  
GLN CA  C    sing N N 73  
GLN CA  CB   sing N N 74  
GLN CA  HA   sing N N 75  
GLN C   O    doub N N 76  
GLN C   OXT  sing N N 77  
GLN CB  CG   sing N N 78  
GLN CB  HB2  sing N N 79  
GLN CB  HB3  sing N N 80  
GLN CG  CD   sing N N 81  
GLN CG  HG2  sing N N 82  
GLN CG  HG3  sing N N 83  
GLN CD  OE1  doub N N 84  
GLN CD  NE2  sing N N 85  
GLN NE2 HE21 sing N N 86  
GLN NE2 HE22 sing N N 87  
GLN OXT HXT  sing N N 88  
GLU N   CA   sing N N 89  
GLU N   H    sing N N 90  
GLU N   H2   sing N N 91  
GLU CA  C    sing N N 92  
GLU CA  CB   sing N N 93  
GLU CA  HA   sing N N 94  
GLU C   O    doub N N 95  
GLU C   OXT  sing N N 96  
GLU CB  CG   sing N N 97  
GLU CB  HB2  sing N N 98  
GLU CB  HB3  sing N N 99  
GLU CG  CD   sing N N 100 
GLU CG  HG2  sing N N 101 
GLU CG  HG3  sing N N 102 
GLU CD  OE1  doub N N 103 
GLU CD  OE2  sing N N 104 
GLU OE2 HE2  sing N N 105 
GLU OXT HXT  sing N N 106 
GLY N   CA   sing N N 107 
GLY N   H    sing N N 108 
GLY N   H2   sing N N 109 
GLY CA  C    sing N N 110 
GLY CA  HA2  sing N N 111 
GLY CA  HA3  sing N N 112 
GLY C   O    doub N N 113 
GLY C   OXT  sing N N 114 
GLY OXT HXT  sing N N 115 
HIS N   CA   sing N N 116 
HIS N   H    sing N N 117 
HIS N   H2   sing N N 118 
HIS CA  C    sing N N 119 
HIS CA  CB   sing N N 120 
HIS CA  HA   sing N N 121 
HIS C   O    doub N N 122 
HIS C   OXT  sing N N 123 
HIS CB  CG   sing N N 124 
HIS CB  HB2  sing N N 125 
HIS CB  HB3  sing N N 126 
HIS CG  ND1  sing Y N 127 
HIS CG  CD2  doub Y N 128 
HIS ND1 CE1  doub Y N 129 
HIS ND1 HD1  sing N N 130 
HIS CD2 NE2  sing Y N 131 
HIS CD2 HD2  sing N N 132 
HIS CE1 NE2  sing Y N 133 
HIS CE1 HE1  sing N N 134 
HIS NE2 HE2  sing N N 135 
HIS OXT HXT  sing N N 136 
HOH O   H1   sing N N 137 
HOH O   H2   sing N N 138 
ILE N   CA   sing N N 139 
ILE N   H    sing N N 140 
ILE N   H2   sing N N 141 
ILE CA  C    sing N N 142 
ILE CA  CB   sing N N 143 
ILE CA  HA   sing N N 144 
ILE C   O    doub N N 145 
ILE C   OXT  sing N N 146 
ILE CB  CG1  sing N N 147 
ILE CB  CG2  sing N N 148 
ILE CB  HB   sing N N 149 
ILE CG1 CD1  sing N N 150 
ILE CG1 HG12 sing N N 151 
ILE CG1 HG13 sing N N 152 
ILE CG2 HG21 sing N N 153 
ILE CG2 HG22 sing N N 154 
ILE CG2 HG23 sing N N 155 
ILE CD1 HD11 sing N N 156 
ILE CD1 HD12 sing N N 157 
ILE CD1 HD13 sing N N 158 
ILE OXT HXT  sing N N 159 
LEU N   CA   sing N N 160 
LEU N   H    sing N N 161 
LEU N   H2   sing N N 162 
LEU CA  C    sing N N 163 
LEU CA  CB   sing N N 164 
LEU CA  HA   sing N N 165 
LEU C   O    doub N N 166 
LEU C   OXT  sing N N 167 
LEU CB  CG   sing N N 168 
LEU CB  HB2  sing N N 169 
LEU CB  HB3  sing N N 170 
LEU CG  CD1  sing N N 171 
LEU CG  CD2  sing N N 172 
LEU CG  HG   sing N N 173 
LEU CD1 HD11 sing N N 174 
LEU CD1 HD12 sing N N 175 
LEU CD1 HD13 sing N N 176 
LEU CD2 HD21 sing N N 177 
LEU CD2 HD22 sing N N 178 
LEU CD2 HD23 sing N N 179 
LEU OXT HXT  sing N N 180 
LYS N   CA   sing N N 181 
LYS N   H    sing N N 182 
LYS N   H2   sing N N 183 
LYS CA  C    sing N N 184 
LYS CA  CB   sing N N 185 
LYS CA  HA   sing N N 186 
LYS C   O    doub N N 187 
LYS C   OXT  sing N N 188 
LYS CB  CG   sing N N 189 
LYS CB  HB2  sing N N 190 
LYS CB  HB3  sing N N 191 
LYS CG  CD   sing N N 192 
LYS CG  HG2  sing N N 193 
LYS CG  HG3  sing N N 194 
LYS CD  CE   sing N N 195 
LYS CD  HD2  sing N N 196 
LYS CD  HD3  sing N N 197 
LYS CE  NZ   sing N N 198 
LYS CE  HE2  sing N N 199 
LYS CE  HE3  sing N N 200 
LYS NZ  HZ1  sing N N 201 
LYS NZ  HZ2  sing N N 202 
LYS NZ  HZ3  sing N N 203 
LYS OXT HXT  sing N N 204 
MET N   CA   sing N N 205 
MET N   H    sing N N 206 
MET N   H2   sing N N 207 
MET CA  C    sing N N 208 
MET CA  CB   sing N N 209 
MET CA  HA   sing N N 210 
MET C   O    doub N N 211 
MET C   OXT  sing N N 212 
MET CB  CG   sing N N 213 
MET CB  HB2  sing N N 214 
MET CB  HB3  sing N N 215 
MET CG  SD   sing N N 216 
MET CG  HG2  sing N N 217 
MET CG  HG3  sing N N 218 
MET SD  CE   sing N N 219 
MET CE  HE1  sing N N 220 
MET CE  HE2  sing N N 221 
MET CE  HE3  sing N N 222 
MET OXT HXT  sing N N 223 
PHE N   CA   sing N N 224 
PHE N   H    sing N N 225 
PHE N   H2   sing N N 226 
PHE CA  C    sing N N 227 
PHE CA  CB   sing N N 228 
PHE CA  HA   sing N N 229 
PHE C   O    doub N N 230 
PHE C   OXT  sing N N 231 
PHE CB  CG   sing N N 232 
PHE CB  HB2  sing N N 233 
PHE CB  HB3  sing N N 234 
PHE CG  CD1  doub Y N 235 
PHE CG  CD2  sing Y N 236 
PHE CD1 CE1  sing Y N 237 
PHE CD1 HD1  sing N N 238 
PHE CD2 CE2  doub Y N 239 
PHE CD2 HD2  sing N N 240 
PHE CE1 CZ   doub Y N 241 
PHE CE1 HE1  sing N N 242 
PHE CE2 CZ   sing Y N 243 
PHE CE2 HE2  sing N N 244 
PHE CZ  HZ   sing N N 245 
PHE OXT HXT  sing N N 246 
PRO N   CA   sing N N 247 
PRO N   CD   sing N N 248 
PRO N   H    sing N N 249 
PRO CA  C    sing N N 250 
PRO CA  CB   sing N N 251 
PRO CA  HA   sing N N 252 
PRO C   O    doub N N 253 
PRO C   OXT  sing N N 254 
PRO CB  CG   sing N N 255 
PRO CB  HB2  sing N N 256 
PRO CB  HB3  sing N N 257 
PRO CG  CD   sing N N 258 
PRO CG  HG2  sing N N 259 
PRO CG  HG3  sing N N 260 
PRO CD  HD2  sing N N 261 
PRO CD  HD3  sing N N 262 
PRO OXT HXT  sing N N 263 
SER N   CA   sing N N 264 
SER N   H    sing N N 265 
SER N   H2   sing N N 266 
SER CA  C    sing N N 267 
SER CA  CB   sing N N 268 
SER CA  HA   sing N N 269 
SER C   O    doub N N 270 
SER C   OXT  sing N N 271 
SER CB  OG   sing N N 272 
SER CB  HB2  sing N N 273 
SER CB  HB3  sing N N 274 
SER OG  HG   sing N N 275 
SER OXT HXT  sing N N 276 
THR N   CA   sing N N 277 
THR N   H    sing N N 278 
THR N   H2   sing N N 279 
THR CA  C    sing N N 280 
THR CA  CB   sing N N 281 
THR CA  HA   sing N N 282 
THR C   O    doub N N 283 
THR C   OXT  sing N N 284 
THR CB  OG1  sing N N 285 
THR CB  CG2  sing N N 286 
THR CB  HB   sing N N 287 
THR OG1 HG1  sing N N 288 
THR CG2 HG21 sing N N 289 
THR CG2 HG22 sing N N 290 
THR CG2 HG23 sing N N 291 
THR OXT HXT  sing N N 292 
TRP N   CA   sing N N 293 
TRP N   H    sing N N 294 
TRP N   H2   sing N N 295 
TRP CA  C    sing N N 296 
TRP CA  CB   sing N N 297 
TRP CA  HA   sing N N 298 
TRP C   O    doub N N 299 
TRP C   OXT  sing N N 300 
TRP CB  CG   sing N N 301 
TRP CB  HB2  sing N N 302 
TRP CB  HB3  sing N N 303 
TRP CG  CD1  doub Y N 304 
TRP CG  CD2  sing Y N 305 
TRP CD1 NE1  sing Y N 306 
TRP CD1 HD1  sing N N 307 
TRP CD2 CE2  doub Y N 308 
TRP CD2 CE3  sing Y N 309 
TRP NE1 CE2  sing Y N 310 
TRP NE1 HE1  sing N N 311 
TRP CE2 CZ2  sing Y N 312 
TRP CE3 CZ3  doub Y N 313 
TRP CE3 HE3  sing N N 314 
TRP CZ2 CH2  doub Y N 315 
TRP CZ2 HZ2  sing N N 316 
TRP CZ3 CH2  sing Y N 317 
TRP CZ3 HZ3  sing N N 318 
TRP CH2 HH2  sing N N 319 
TRP OXT HXT  sing N N 320 
TYR N   CA   sing N N 321 
TYR N   H    sing N N 322 
TYR N   H2   sing N N 323 
TYR CA  C    sing N N 324 
TYR CA  CB   sing N N 325 
TYR CA  HA   sing N N 326 
TYR C   O    doub N N 327 
TYR C   OXT  sing N N 328 
TYR CB  CG   sing N N 329 
TYR CB  HB2  sing N N 330 
TYR CB  HB3  sing N N 331 
TYR CG  CD1  doub Y N 332 
TYR CG  CD2  sing Y N 333 
TYR CD1 CE1  sing Y N 334 
TYR CD1 HD1  sing N N 335 
TYR CD2 CE2  doub Y N 336 
TYR CD2 HD2  sing N N 337 
TYR CE1 CZ   doub Y N 338 
TYR CE1 HE1  sing N N 339 
TYR CE2 CZ   sing Y N 340 
TYR CE2 HE2  sing N N 341 
TYR CZ  OH   sing N N 342 
TYR OH  HH   sing N N 343 
TYR OXT HXT  sing N N 344 
VAL N   CA   sing N N 345 
VAL N   H    sing N N 346 
VAL N   H2   sing N N 347 
VAL CA  C    sing N N 348 
VAL CA  CB   sing N N 349 
VAL CA  HA   sing N N 350 
VAL C   O    doub N N 351 
VAL C   OXT  sing N N 352 
VAL CB  CG1  sing N N 353 
VAL CB  CG2  sing N N 354 
VAL CB  HB   sing N N 355 
VAL CG1 HG11 sing N N 356 
VAL CG1 HG12 sing N N 357 
VAL CG1 HG13 sing N N 358 
VAL CG2 HG21 sing N N 359 
VAL CG2 HG22 sing N N 360 
VAL CG2 HG23 sing N N 361 
VAL OXT HXT  sing N N 362 
# 
_atom_sites.entry_id                    2OJR 
_atom_sites.fract_transf_matrix[1][1]   0.01022655 
_atom_sites.fract_transf_matrix[1][2]   -0.00651343 
_atom_sites.fract_transf_matrix[1][3]   0.01584714 
_atom_sites.fract_transf_matrix[2][1]   0.00905746 
_atom_sites.fract_transf_matrix[2][2]   0.01304552 
_atom_sites.fract_transf_matrix[2][3]   0.01207887 
_atom_sites.fract_transf_matrix[3][1]   -0.00718183 
_atom_sites.fract_transf_matrix[3][2]   0.00050351 
_atom_sites.fract_transf_matrix[3][3]   0.00484156 
_atom_sites.fract_transf_vector[1]      0.679665 
_atom_sites.fract_transf_vector[2]      0.329333 
_atom_sites.fract_transf_vector[3]      0.333070 
# 
loop_
_atom_type.symbol 
C  
N  
O  
S  
TB 
# 
loop_
_atom_site.group_PDB 
_atom_site.id 
_atom_site.type_symbol 
_atom_site.label_atom_id 
_atom_site.label_alt_id 
_atom_site.label_comp_id 
_atom_site.label_asym_id 
_atom_site.label_entity_id 
_atom_site.label_seq_id 
_atom_site.pdbx_PDB_ins_code 
_atom_site.Cartn_x 
_atom_site.Cartn_y 
_atom_site.Cartn_z 
_atom_site.occupancy 
_atom_site.B_iso_or_equiv 
_atom_site.pdbx_formal_charge 
_atom_site.auth_seq_id 
_atom_site.auth_comp_id 
_atom_site.auth_asym_id 
_atom_site.auth_atom_id 
_atom_site.pdbx_PDB_model_num 
ATOM   1   N  N   . GLY A 1 1   ? 8.643   7.740   2.149   1.00 64.40 ? 66  GLY A N   1 
ATOM   2   C  CA  . GLY A 1 1   ? 9.675   7.120   1.261   1.00 63.82 ? 66  GLY A CA  1 
ATOM   3   C  C   . GLY A 1 1   ? 9.452   7.355   -0.221  1.00 63.74 ? 66  GLY A C   1 
ATOM   4   O  O   . GLY A 1 1   ? 10.189  6.797   -1.027  1.00 63.61 ? 66  GLY A O   1 
ATOM   5   N  N   . PRO A 1 2   ? 8.440   8.184   -0.597  1.00 63.65 ? 67  PRO A N   1 
ATOM   6   C  CA  . PRO A 1 2   ? 8.255   8.520   -2.007  1.00 63.50 ? 67  PRO A CA  1 
ATOM   7   C  C   . PRO A 1 2   ? 9.254   9.576   -2.437  1.00 63.41 ? 67  PRO A C   1 
ATOM   8   O  O   . PRO A 1 2   ? 10.139  9.950   -1.649  1.00 63.72 ? 67  PRO A O   1 
ATOM   9   C  CB  . PRO A 1 2   ? 6.836   9.095   -2.057  1.00 63.48 ? 67  PRO A CB  1 
ATOM   10  C  CG  . PRO A 1 2   ? 6.672   9.738   -0.763  1.00 63.54 ? 67  PRO A CG  1 
ATOM   11  C  CD  . PRO A 1 2   ? 7.431   8.869   0.234   1.00 63.92 ? 67  PRO A CD  1 
ATOM   12  N  N   . GLY A 1 3   ? 9.123   10.050  -3.678  1.00 63.12 ? 68  GLY A N   1 
ATOM   13  C  CA  . GLY A 1 3   ? 10.102  10.969  -4.235  1.00 62.71 ? 68  GLY A CA  1 
ATOM   14  C  C   . GLY A 1 3   ? 10.215  10.833  -5.735  1.00 62.03 ? 68  GLY A C   1 
ATOM   15  O  O   . GLY A 1 3   ? 9.548   10.006  -6.351  1.00 61.76 ? 68  GLY A O   1 
ATOM   16  N  N   . TYR A 1 4   ? 11.101  11.632  -6.311  1.00 61.63 ? 69  TYR A N   1 
ATOM   17  C  CA  . TYR A 1 4   ? 11.070  11.888  -7.733  1.00 61.29 ? 69  TYR A CA  1 
ATOM   18  C  C   . TYR A 1 4   ? 12.431  11.839  -8.421  1.00 60.99 ? 69  TYR A C   1 
ATOM   19  O  O   . TYR A 1 4   ? 13.445  12.310  -7.863  1.00 60.73 ? 69  TYR A O   1 
ATOM   20  C  CB  . TYR A 1 4   ? 10.494  13.272  -7.950  1.00 61.83 ? 69  TYR A CB  1 
ATOM   21  C  CG  . TYR A 1 4   ? 9.051   13.419  -7.553  1.00 61.97 ? 69  TYR A CG  1 
ATOM   22  C  CD1 . TYR A 1 4   ? 8.039   13.223  -8.484  1.00 62.19 ? 69  TYR A CD1 1 
ATOM   23  C  CD2 . TYR A 1 4   ? 8.702   13.791  -6.266  1.00 61.72 ? 69  TYR A CD2 1 
ATOM   24  C  CE1 . TYR A 1 4   ? 6.724   13.376  -8.147  1.00 62.22 ? 69  TYR A CE1 1 
ATOM   25  C  CE2 . TYR A 1 4   ? 7.383   13.948  -5.911  1.00 62.27 ? 69  TYR A CE2 1 
ATOM   26  C  CZ  . TYR A 1 4   ? 6.392   13.737  -6.860  1.00 62.68 ? 69  TYR A CZ  1 
ATOM   27  O  OH  . TYR A 1 4   ? 5.054   13.891  -6.527  1.00 63.42 ? 69  TYR A OH  1 
ATOM   28  N  N   . ILE A 1 5   ? 12.410  11.315  -9.654  1.00 60.39 ? 70  ILE A N   1 
ATOM   29  C  CA  . ILE A 1 5   ? 13.589  11.213  -10.526 1.00 60.18 ? 70  ILE A CA  1 
ATOM   30  C  C   . ILE A 1 5   ? 13.278  11.650  -11.970 1.00 59.90 ? 70  ILE A C   1 
ATOM   31  O  O   . ILE A 1 5   ? 12.298  11.195  -12.583 1.00 59.65 ? 70  ILE A O   1 
ATOM   32  C  CB  . ILE A 1 5   ? 14.168  9.776   -10.497 1.00 60.33 ? 70  ILE A CB  1 
ATOM   33  C  CG1 . ILE A 1 5   ? 14.962  9.572   -9.188  1.00 60.49 ? 70  ILE A CG1 1 
ATOM   34  C  CG2 . ILE A 1 5   ? 15.023  9.507   -11.736 1.00 60.08 ? 70  ILE A CG2 1 
ATOM   35  C  CD1 . ILE A 1 5   ? 15.525  8.189   -8.993  1.00 60.23 ? 70  ILE A CD1 1 
ATOM   36  N  N   . ASP A 1 6   ? 14.117  12.547  -12.500 1.00 59.57 ? 71  ASP A N   1 
ATOM   37  C  CA  . ASP A 1 6   ? 13.872  13.173  -13.815 1.00 59.52 ? 71  ASP A CA  1 
ATOM   38  C  C   . ASP A 1 6   ? 14.306  12.226  -14.930 1.00 59.33 ? 71  ASP A C   1 
ATOM   39  O  O   . ASP A 1 6   ? 15.374  12.359  -15.524 1.00 59.09 ? 71  ASP A O   1 
ATOM   40  C  CB  . ASP A 1 6   ? 14.573  14.533  -13.900 1.00 59.01 ? 71  ASP A CB  1 
ATOM   41  C  CG  . ASP A 1 6   ? 14.431  15.192  -15.252 1.00 58.36 ? 71  ASP A CG  1 
ATOM   42  O  OD1 . ASP A 1 6   ? 13.414  14.973  -15.953 1.00 54.88 ? 71  ASP A OD1 1 
ATOM   43  O  OD2 . ASP A 1 6   ? 15.369  15.938  -15.608 1.00 55.02 ? 71  ASP A OD2 1 
ATOM   44  N  N   . THR A 1 7   ? 13.448  11.261  -15.211 1.00 59.45 ? 72  THR A N   1 
ATOM   45  C  CA  . THR A 1 7   ? 13.822  10.179  -16.084 1.00 59.59 ? 72  THR A CA  1 
ATOM   46  C  C   . THR A 1 7   ? 13.760  10.602  -17.552 1.00 59.83 ? 72  THR A C   1 
ATOM   47  O  O   . THR A 1 7   ? 14.582  10.137  -18.349 1.00 60.07 ? 72  THR A O   1 
ATOM   48  C  CB  . THR A 1 7   ? 12.987  8.916   -15.784 1.00 59.37 ? 72  THR A CB  1 
ATOM   49  O  OG1 . THR A 1 7   ? 11.612  9.132   -16.122 1.00 59.49 ? 72  THR A OG1 1 
ATOM   50  C  CG2 . THR A 1 7   ? 13.082  8.584   -14.311 1.00 58.62 ? 72  THR A CG2 1 
ATOM   51  N  N   . ASN A 1 8   ? 12.823  11.487  -17.919 1.00 60.14 ? 73  ASN A N   1 
ATOM   52  C  CA  . ASN A 1 8   ? 12.795  12.018  -19.303 1.00 60.23 ? 73  ASN A CA  1 
ATOM   53  C  C   . ASN A 1 8   ? 13.935  13.006  -19.533 1.00 60.67 ? 73  ASN A C   1 
ATOM   54  O  O   . ASN A 1 8   ? 14.195  13.408  -20.671 1.00 61.00 ? 73  ASN A O   1 
ATOM   55  C  CB  . ASN A 1 8   ? 11.431  12.624  -19.705 1.00 59.84 ? 73  ASN A CB  1 
ATOM   56  C  CG  . ASN A 1 8   ? 10.951  13.711  -18.767 1.00 58.97 ? 73  ASN A CG  1 
ATOM   57  O  OD1 . ASN A 1 8   ? 11.723  14.327  -18.041 1.00 59.12 ? 73  ASN A OD1 1 
ATOM   58  N  ND2 . ASN A 1 8   ? 9.666   13.954  -18.786 1.00 58.00 ? 73  ASN A ND2 1 
ATOM   59  N  N   . ASN A 1 9   ? 14.619  13.374  -18.444 1.00 61.14 ? 74  ASN A N   1 
ATOM   60  C  CA  . ASN A 1 9   ? 15.815  14.216  -18.498 1.00 61.34 ? 74  ASN A CA  1 
ATOM   61  C  C   . ASN A 1 9   ? 15.516  15.603  -19.049 1.00 61.56 ? 74  ASN A C   1 
ATOM   62  O  O   . ASN A 1 9   ? 16.401  16.258  -19.621 1.00 61.82 ? 74  ASN A O   1 
ATOM   63  C  CB  . ASN A 1 9   ? 16.903  13.557  -19.353 1.00 61.80 ? 74  ASN A CB  1 
ATOM   64  C  CG  . ASN A 1 9   ? 17.430  12.261  -18.741 1.00 63.36 ? 74  ASN A CG  1 
ATOM   65  O  OD1 . ASN A 1 9   ? 17.064  11.151  -19.172 1.00 65.28 ? 74  ASN A OD1 1 
ATOM   66  N  ND2 . ASN A 1 9   ? 18.297  12.395  -17.728 1.00 64.24 ? 74  ASN A ND2 1 
ATOM   67  N  N   . ASP A 1 10  ? 14.275  16.056  -18.864 1.00 61.50 ? 75  ASP A N   1 
ATOM   68  C  CA  . ASP A 1 10  ? 13.833  17.336  -19.414 1.00 60.95 ? 75  ASP A CA  1 
ATOM   69  C  C   . ASP A 1 10  ? 14.129  18.524  -18.479 1.00 60.72 ? 75  ASP A C   1 
ATOM   70  O  O   . ASP A 1 10  ? 13.774  19.654  -18.790 1.00 60.62 ? 75  ASP A O   1 
ATOM   71  C  CB  . ASP A 1 10  ? 12.343  17.268  -19.829 1.00 60.78 ? 75  ASP A CB  1 
ATOM   72  C  CG  . ASP A 1 10  ? 11.395  17.214  -18.652 1.00 59.71 ? 75  ASP A CG  1 
ATOM   73  O  OD1 . ASP A 1 10  ? 11.798  17.587  -17.531 1.00 58.00 ? 75  ASP A OD1 1 
ATOM   74  O  OD2 . ASP A 1 10  ? 10.234  16.804  -18.866 1.00 58.45 ? 75  ASP A OD2 1 
ATOM   75  N  N   . GLY A 1 11  ? 14.811  18.260  -17.361 1.00 60.67 ? 76  GLY A N   1 
ATOM   76  C  CA  . GLY A 1 11  ? 15.143  19.290  -16.364 1.00 60.68 ? 76  GLY A CA  1 
ATOM   77  C  C   . GLY A 1 11  ? 14.108  19.481  -15.254 1.00 60.74 ? 76  GLY A C   1 
ATOM   78  O  O   . GLY A 1 11  ? 14.363  20.180  -14.261 1.00 60.54 ? 76  GLY A O   1 
ATOM   79  N  N   . TRP A 1 12  ? 12.937  18.866  -15.428 1.00 60.72 ? 77  TRP A N   1 
ATOM   80  C  CA  . TRP A 1 12  ? 11.817  19.089  -14.543 1.00 60.71 ? 77  TRP A CA  1 
ATOM   81  C  C   . TRP A 1 12  ? 11.351  17.760  -14.014 1.00 60.29 ? 77  TRP A C   1 
ATOM   82  O  O   . TRP A 1 12  ? 11.816  16.713  -14.443 1.00 59.82 ? 77  TRP A O   1 
ATOM   83  C  CB  . TRP A 1 12  ? 10.665  19.778  -15.288 1.00 61.30 ? 77  TRP A CB  1 
ATOM   84  C  CG  . TRP A 1 12  ? 11.034  21.100  -15.968 1.00 61.72 ? 77  TRP A CG  1 
ATOM   85  C  CD1 . TRP A 1 12  ? 10.810  21.447  -17.290 1.00 61.62 ? 77  TRP A CD1 1 
ATOM   86  C  CD2 . TRP A 1 12  ? 11.690  22.232  -15.363 1.00 61.87 ? 77  TRP A CD2 1 
ATOM   87  N  NE1 . TRP A 1 12  ? 11.285  22.720  -17.529 1.00 61.97 ? 77  TRP A NE1 1 
ATOM   88  C  CE2 . TRP A 1 12  ? 11.831  23.224  -16.370 1.00 62.32 ? 77  TRP A CE2 1 
ATOM   89  C  CE3 . TRP A 1 12  ? 12.184  22.503  -14.067 1.00 62.73 ? 77  TRP A CE3 1 
ATOM   90  C  CZ2 . TRP A 1 12  ? 12.454  24.492  -16.116 1.00 62.86 ? 77  TRP A CZ2 1 
ATOM   91  C  CZ3 . TRP A 1 12  ? 12.810  23.778  -13.809 1.00 62.52 ? 77  TRP A CZ3 1 
ATOM   92  C  CH2 . TRP A 1 12  ? 12.932  24.747  -14.838 1.00 62.28 ? 77  TRP A CH2 1 
ATOM   93  N  N   . ILE A 1 13  ? 10.413  17.820  -13.079 1.00 60.23 ? 78  ILE A N   1 
ATOM   94  C  CA  . ILE A 1 13  ? 9.832   16.635  -12.461 1.00 60.42 ? 78  ILE A CA  1 
ATOM   95  C  C   . ILE A 1 13  ? 8.340   16.546  -12.748 1.00 60.45 ? 78  ILE A C   1 
ATOM   96  O  O   . ILE A 1 13  ? 7.588   17.438  -12.398 1.00 60.51 ? 78  ILE A O   1 
ATOM   97  C  CB  . ILE A 1 13  ? 9.997   16.655  -10.934 1.00 60.19 ? 78  ILE A CB  1 
ATOM   98  C  CG1 . ILE A 1 13  ? 11.458  16.380  -10.540 1.00 60.46 ? 78  ILE A CG1 1 
ATOM   99  C  CG2 . ILE A 1 13  ? 9.037   15.668  -10.295 1.00 60.05 ? 78  ILE A CG2 1 
ATOM   100 C  CD1 . ILE A 1 13  ? 12.089  15.141  -11.184 1.00 60.02 ? 78  ILE A CD1 1 
ATOM   101 N  N   . GLU A 1 14  ? 7.916   15.442  -13.350 1.00 60.85 ? 79  GLU A N   1 
ATOM   102 C  CA  . GLU A 1 14  ? 6.542   15.289  -13.795 1.00 60.87 ? 79  GLU A CA  1 
ATOM   103 C  C   . GLU A 1 14  ? 5.782   14.308  -12.897 1.00 60.97 ? 79  GLU A C   1 
ATOM   104 O  O   . GLU A 1 14  ? 6.314   13.832  -11.888 1.00 60.93 ? 79  GLU A O   1 
ATOM   105 C  CB  . GLU A 1 14  ? 6.522   14.849  -15.266 1.00 60.98 ? 79  GLU A CB  1 
ATOM   106 C  CG  . GLU A 1 14  ? 7.168   15.872  -16.227 1.00 61.41 ? 79  GLU A CG  1 
ATOM   107 C  CD  . GLU A 1 14  ? 8.672   15.667  -16.407 1.00 62.44 ? 79  GLU A CD  1 
ATOM   108 O  OE1 . GLU A 1 14  ? 9.446   16.492  -15.874 1.00 63.28 ? 79  GLU A OE1 1 
ATOM   109 O  OE2 . GLU A 1 14  ? 9.083   14.682  -17.070 1.00 62.20 ? 79  GLU A OE2 1 
ATOM   110 N  N   . GLY A 1 15  ? 4.526   14.034  -13.248 1.00 61.19 ? 80  GLY A N   1 
ATOM   111 C  CA  . GLY A 1 15  ? 3.686   13.105  -12.480 1.00 61.12 ? 80  GLY A CA  1 
ATOM   112 C  C   . GLY A 1 15  ? 4.120   11.649  -12.599 1.00 61.12 ? 80  GLY A C   1 
ATOM   113 O  O   . GLY A 1 15  ? 3.947   10.861  -11.661 1.00 60.95 ? 80  GLY A O   1 
ATOM   114 N  N   . ASP A 1 16  ? 4.696   11.306  -13.751 1.00 61.01 ? 81  ASP A N   1 
ATOM   115 C  CA  . ASP A 1 16  ? 5.195   9.947   -14.021 1.00 60.89 ? 81  ASP A CA  1 
ATOM   116 C  C   . ASP A 1 16  ? 6.606   9.724   -13.484 1.00 60.24 ? 81  ASP A C   1 
ATOM   117 O  O   . ASP A 1 16  ? 7.198   8.664   -13.691 1.00 60.52 ? 81  ASP A O   1 
ATOM   118 C  CB  . ASP A 1 16  ? 5.168   9.642   -15.535 1.00 61.59 ? 81  ASP A CB  1 
ATOM   119 C  CG  . ASP A 1 16  ? 5.409   10.886  -16.390 1.00 63.53 ? 81  ASP A CG  1 
ATOM   120 O  OD1 . ASP A 1 16  ? 6.512   11.018  -16.995 1.00 67.00 ? 81  ASP A OD1 1 
ATOM   121 O  OD2 . ASP A 1 16  ? 4.491   11.749  -16.438 1.00 66.50 ? 81  ASP A OD2 1 
ATOM   122 N  N   . GLU A 1 17  ? 7.144   10.718  -12.789 1.00 59.40 ? 82  GLU A N   1 
ATOM   123 C  CA  . GLU A 1 17  ? 8.506   10.632  -12.277 1.00 58.54 ? 82  GLU A CA  1 
ATOM   124 C  C   . GLU A 1 17  ? 8.476   10.491  -10.762 1.00 57.83 ? 82  GLU A C   1 
ATOM   125 O  O   . GLU A 1 17  ? 9.464   10.746  -10.076 1.00 57.22 ? 82  GLU A O   1 
ATOM   126 C  CB  . GLU A 1 17  ? 9.326   11.832  -12.775 1.00 58.47 ? 82  GLU A CB  1 
ATOM   127 C  CG  . GLU A 1 17  ? 9.340   11.868  -14.308 1.00 58.18 ? 82  GLU A CG  1 
ATOM   128 C  CD  . GLU A 1 17  ? 10.279  12.872  -14.914 1.00 57.56 ? 82  GLU A CD  1 
ATOM   129 O  OE1 . GLU A 1 17  ? 10.657  12.672  -16.088 1.00 56.51 ? 82  GLU A OE1 1 
ATOM   130 O  OE2 . GLU A 1 17  ? 10.618  13.861  -14.242 1.00 55.70 ? 82  GLU A OE2 1 
ATOM   131 N  N   . LEU A 1 18  ? 7.319   10.071  -10.254 1.00 57.38 ? 83  LEU A N   1 
ATOM   132 C  CA  . LEU A 1 18  ? 7.216   9.586   -8.885  1.00 57.28 ? 83  LEU A CA  1 
ATOM   133 C  C   . LEU A 1 18  ? 7.642   8.117   -8.852  1.00 57.13 ? 83  LEU A C   1 
ATOM   134 O  O   . LEU A 1 18  ? 7.260   7.307   -9.715  1.00 57.11 ? 83  LEU A O   1 
ATOM   135 C  CB  . LEU A 1 18  ? 5.791   9.731   -8.332  1.00 57.27 ? 83  LEU A CB  1 
ATOM   136 C  CG  . LEU A 1 18  ? 5.538   9.274   -6.881  1.00 57.22 ? 83  LEU A CG  1 
ATOM   137 C  CD1 . LEU A 1 18  ? 5.789   10.403  -5.892  1.00 56.13 ? 83  LEU A CD1 1 
ATOM   138 C  CD2 . LEU A 1 18  ? 4.106   8.725   -6.710  1.00 56.95 ? 83  LEU A CD2 1 
ATOM   139 N  N   . TYR A 1 19  ? 8.469   7.806   -7.860  1.00 56.75 ? 84  TYR A N   1 
ATOM   140 C  CA  . TYR A 1 19  ? 8.879   6.458   -7.568  1.00 56.28 ? 84  TYR A CA  1 
ATOM   141 C  C   . TYR A 1 19  ? 8.895   6.357   -6.066  1.00 55.56 ? 84  TYR A C   1 
ATOM   142 O  O   . TYR A 1 19  ? 9.209   7.329   -5.376  1.00 54.85 ? 84  TYR A O   1 
ATOM   143 C  CB  . TYR A 1 19  ? 10.284  6.171   -8.099  1.00 56.96 ? 84  TYR A CB  1 
ATOM   144 C  CG  . TYR A 1 19  ? 10.427  6.387   -9.568  1.00 57.34 ? 84  TYR A CG  1 
ATOM   145 C  CD1 . TYR A 1 19  ? 10.029  5.416   -10.478 1.00 58.25 ? 84  TYR A CD1 1 
ATOM   146 C  CD2 . TYR A 1 19  ? 10.955  7.561   -10.048 1.00 57.73 ? 84  TYR A CD2 1 
ATOM   147 C  CE1 . TYR A 1 19  ? 10.150  5.627   -11.834 1.00 57.88 ? 84  TYR A CE1 1 
ATOM   148 C  CE2 . TYR A 1 19  ? 11.084  7.783   -11.389 1.00 57.84 ? 84  TYR A CE2 1 
ATOM   149 C  CZ  . TYR A 1 19  ? 10.680  6.823   -12.278 1.00 58.19 ? 84  TYR A CZ  1 
ATOM   150 O  OH  . TYR A 1 19  ? 10.822  7.094   -13.620 1.00 59.34 ? 84  TYR A OH  1 
ATOM   151 N  N   . ILE A 1 20  ? 8.574   5.170   -5.565  1.00 54.99 ? 85  ILE A N   1 
ATOM   152 C  CA  . ILE A 1 20  ? 8.558   4.941   -4.139  1.00 54.71 ? 85  ILE A CA  1 
ATOM   153 C  C   . ILE A 1 20  ? 9.818   4.223   -3.775  1.00 54.07 ? 85  ILE A C   1 
ATOM   154 O  O   . ILE A 1 20  ? 10.075  3.141   -4.286  1.00 53.53 ? 85  ILE A O   1 
ATOM   155 C  CB  . ILE A 1 20  ? 7.349   4.118   -3.695  1.00 54.56 ? 85  ILE A CB  1 
ATOM   156 C  CG1 . ILE A 1 20  ? 6.081   4.962   -3.794  1.00 54.38 ? 85  ILE A CG1 1 
ATOM   157 C  CG2 . ILE A 1 20  ? 7.519   3.682   -2.261  1.00 54.80 ? 85  ILE A CG2 1 
ATOM   158 C  CD1 . ILE A 1 20  ? 5.781   5.493   -5.187  1.00 54.85 ? 85  ILE A CD1 1 
ATOM   159 N  N   . ASP A 1 21  ? 10.600  4.868   -2.911  1.00 53.77 ? 86  ASP A N   1 
ATOM   160 C  CA  . ASP A 1 21  ? 11.822  4.308   -2.367  1.00 53.77 ? 86  ASP A CA  1 
ATOM   161 C  C   . ASP A 1 21  ? 11.526  3.481   -1.138  1.00 53.44 ? 86  ASP A C   1 
ATOM   162 O  O   . ASP A 1 21  ? 11.635  3.925   0.005   1.00 53.16 ? 86  ASP A O   1 
ATOM   163 C  CB  . ASP A 1 21  ? 12.819  5.399   -2.012  1.00 53.86 ? 86  ASP A CB  1 
ATOM   164 C  CG  . ASP A 1 21  ? 14.130  4.843   -1.482  1.00 53.87 ? 86  ASP A CG  1 
ATOM   165 O  OD1 . ASP A 1 21  ? 14.839  5.650   -0.846  1.00 53.71 ? 86  ASP A OD1 1 
ATOM   166 O  OD2 . ASP A 1 21  ? 14.439  3.629   -1.697  1.00 51.70 ? 86  ASP A OD2 1 
ATOM   167 N  N   . THR A 1 22  ? 11.114  2.267   -1.439  1.00 53.52 ? 87  THR A N   1 
ATOM   168 C  CA  . THR A 1 22  ? 10.956  1.172   -0.515  1.00 53.51 ? 87  THR A CA  1 
ATOM   169 C  C   . THR A 1 22  ? 11.963  1.100   0.637   1.00 53.23 ? 87  THR A C   1 
ATOM   170 O  O   . THR A 1 22  ? 11.566  1.193   1.799   1.00 53.19 ? 87  THR A O   1 
ATOM   171 C  CB  . THR A 1 22  ? 11.029  -0.112  -1.367  1.00 53.81 ? 87  THR A CB  1 
ATOM   172 O  OG1 . THR A 1 22  ? 9.705   -0.387  -1.865  1.00 54.53 ? 87  THR A OG1 1 
ATOM   173 C  CG2 . THR A 1 22  ? 11.650  -1.334  -0.593  1.00 54.03 ? 87  THR A CG2 1 
ATOM   174 N  N   . ASN A 1 23  ? 13.248  0.923   0.310   1.00 53.02 ? 88  ASN A N   1 
ATOM   175 C  CA  . ASN A 1 23  ? 14.297  0.650   1.305   1.00 52.87 ? 88  ASN A CA  1 
ATOM   176 C  C   . ASN A 1 23  ? 14.771  1.944   2.006   1.00 52.86 ? 88  ASN A C   1 
ATOM   177 O  O   . ASN A 1 23  ? 15.682  1.950   2.841   1.00 52.24 ? 88  ASN A O   1 
ATOM   178 C  CB  . ASN A 1 23  ? 15.465  -0.148  0.662   1.00 52.87 ? 88  ASN A CB  1 
ATOM   179 C  CG  . ASN A 1 23  ? 16.286  0.677   -0.322  1.00 52.82 ? 88  ASN A CG  1 
ATOM   180 O  OD1 . ASN A 1 23  ? 16.021  1.856   -0.523  1.00 55.96 ? 88  ASN A OD1 1 
ATOM   181 N  ND2 . ASN A 1 23  ? 17.283  0.063   -0.933  1.00 51.37 ? 88  ASN A ND2 1 
ATOM   182 N  N   . ASN A 1 24  ? 14.120  3.040   1.643   1.00 53.20 ? 89  ASN A N   1 
ATOM   183 C  CA  . ASN A 1 24  ? 14.402  4.357   2.196   1.00 53.43 ? 89  ASN A CA  1 
ATOM   184 C  C   . ASN A 1 24  ? 15.886  4.806   2.197   1.00 53.64 ? 89  ASN A C   1 
ATOM   185 O  O   . ASN A 1 24  ? 16.250  5.733   2.919   1.00 54.18 ? 89  ASN A O   1 
ATOM   186 C  CB  . ASN A 1 24  ? 13.775  4.462   3.589   1.00 53.71 ? 89  ASN A CB  1 
ATOM   187 C  CG  . ASN A 1 24  ? 12.261  4.639   3.525   1.00 54.59 ? 89  ASN A CG  1 
ATOM   188 O  OD1 . ASN A 1 24  ? 11.497  3.688   3.757   1.00 55.79 ? 89  ASN A OD1 1 
ATOM   189 N  ND2 . ASN A 1 24  ? 11.814  5.858   3.184   1.00 55.07 ? 89  ASN A ND2 1 
ATOM   190 N  N   . ASP A 1 25  ? 16.737  4.180   1.379   1.00 53.42 ? 90  ASP A N   1 
ATOM   191 C  CA  . ASP A 1 25  ? 18.045  4.770   1.070   1.00 52.74 ? 90  ASP A CA  1 
ATOM   192 C  C   . ASP A 1 25  ? 17.780  6.008   0.191   1.00 52.83 ? 90  ASP A C   1 
ATOM   193 O  O   . ASP A 1 25  ? 16.630  6.337   -0.115  1.00 53.21 ? 90  ASP A O   1 
ATOM   194 C  CB  . ASP A 1 25  ? 18.940  3.759   0.356   1.00 52.41 ? 90  ASP A CB  1 
ATOM   195 C  CG  . ASP A 1 25  ? 18.258  3.128   -0.808  1.00 50.99 ? 90  ASP A CG  1 
ATOM   196 O  OD1 . ASP A 1 25  ? 17.451  3.842   -1.441  1.00 49.30 ? 90  ASP A OD1 1 
ATOM   197 O  OD2 . ASP A 1 25  ? 18.505  1.933   -1.080  1.00 48.64 ? 90  ASP A OD2 1 
ATOM   198 N  N   . GLY A 1 26  ? 18.811  6.720   -0.222  1.00 52.18 ? 91  GLY A N   1 
ATOM   199 C  CA  . GLY A 1 26  ? 18.539  7.892   -1.035  1.00 51.79 ? 91  GLY A CA  1 
ATOM   200 C  C   . GLY A 1 26  ? 18.153  7.558   -2.472  1.00 51.58 ? 91  GLY A C   1 
ATOM   201 O  O   . GLY A 1 26  ? 17.931  8.467   -3.284  1.00 51.53 ? 91  GLY A O   1 
ATOM   202 N  N   . TRP A 1 27  ? 18.063  6.268   -2.796  1.00 50.65 ? 92  TRP A N   1 
ATOM   203 C  CA  . TRP A 1 27  ? 18.062  5.861   -4.189  1.00 50.04 ? 92  TRP A CA  1 
ATOM   204 C  C   . TRP A 1 27  ? 16.825  5.125   -4.596  1.00 48.95 ? 92  TRP A C   1 
ATOM   205 O  O   . TRP A 1 27  ? 15.978  4.796   -3.777  1.00 48.79 ? 92  TRP A O   1 
ATOM   206 C  CB  . TRP A 1 27  ? 19.280  4.986   -4.460  1.00 49.93 ? 92  TRP A CB  1 
ATOM   207 C  CG  . TRP A 1 27  ? 20.549  5.664   -4.050  1.00 50.21 ? 92  TRP A CG  1 
ATOM   208 C  CD1 . TRP A 1 27  ? 20.994  5.876   -2.774  1.00 50.23 ? 92  TRP A CD1 1 
ATOM   209 C  CD2 . TRP A 1 27  ? 21.532  6.256   -4.919  1.00 50.03 ? 92  TRP A CD2 1 
ATOM   210 N  NE1 . TRP A 1 27  ? 22.205  6.542   -2.799  1.00 50.13 ? 92  TRP A NE1 1 
ATOM   211 C  CE2 . TRP A 1 27  ? 22.545  6.796   -4.104  1.00 49.63 ? 92  TRP A CE2 1 
ATOM   212 C  CE3 . TRP A 1 27  ? 21.649  6.378   -6.300  1.00 49.51 ? 92  TRP A CE3 1 
ATOM   213 C  CZ2 . TRP A 1 27  ? 23.653  7.434   -4.627  1.00 49.60 ? 92  TRP A CZ2 1 
ATOM   214 C  CZ3 . TRP A 1 27  ? 22.742  7.005   -6.807  1.00 50.02 ? 92  TRP A CZ3 1 
ATOM   215 C  CH2 . TRP A 1 27  ? 23.735  7.528   -5.975  1.00 49.94 ? 92  TRP A CH2 1 
ATOM   216 N  N   . ILE A 1 28  ? 16.730  4.898   -5.898  1.00 47.90 ? 93  ILE A N   1 
ATOM   217 C  CA  . ILE A 1 28  ? 15.738  4.001   -6.468  1.00 47.24 ? 93  ILE A CA  1 
ATOM   218 C  C   . ILE A 1 28  ? 16.475  2.860   -7.141  1.00 46.72 ? 93  ILE A C   1 
ATOM   219 O  O   . ILE A 1 28  ? 17.242  3.061   -8.069  1.00 46.21 ? 93  ILE A O   1 
ATOM   220 C  CB  . ILE A 1 28  ? 14.830  4.706   -7.502  1.00 47.14 ? 93  ILE A CB  1 
ATOM   221 C  CG1 . ILE A 1 28  ? 13.838  5.585   -6.780  1.00 46.49 ? 93  ILE A CG1 1 
ATOM   222 C  CG2 . ILE A 1 28  ? 14.072  3.693   -8.339  1.00 46.98 ? 93  ILE A CG2 1 
ATOM   223 C  CD1 . ILE A 1 28  ? 13.274  4.924   -5.581  1.00 47.41 ? 93  ILE A CD1 1 
ATOM   224 N  N   . GLU A 1 29  ? 16.243  1.654   -6.666  1.00 46.36 ? 94  GLU A N   1 
ATOM   225 C  CA  . GLU A 1 29  ? 16.921  0.506   -7.217  1.00 46.34 ? 94  GLU A CA  1 
ATOM   226 C  C   . GLU A 1 29  ? 15.952  -0.214  -8.180  1.00 46.76 ? 94  GLU A C   1 
ATOM   227 O  O   . GLU A 1 29  ? 14.757  0.080   -8.195  1.00 46.68 ? 94  GLU A O   1 
ATOM   228 C  CB  . GLU A 1 29  ? 17.402  -0.342  -6.048  1.00 45.36 ? 94  GLU A CB  1 
ATOM   229 C  CG  . GLU A 1 29  ? 18.261  0.483   -5.024  1.00 42.99 ? 94  GLU A CG  1 
ATOM   230 C  CD  . GLU A 1 29  ? 17.448  1.319   -4.003  1.00 38.44 ? 94  GLU A CD  1 
ATOM   231 O  OE1 . GLU A 1 29  ? 16.711  0.720   -3.207  1.00 36.67 ? 94  GLU A OE1 1 
ATOM   232 O  OE2 . GLU A 1 29  ? 17.573  2.565   -3.971  1.00 30.85 ? 94  GLU A OE2 1 
ATOM   233 N  N   . GLY A 1 30  ? 16.447  -1.109  -9.025  1.00 47.60 ? 95  GLY A N   1 
ATOM   234 C  CA  . GLY A 1 30  ? 15.571  -1.774  -10.020 1.00 48.28 ? 95  GLY A CA  1 
ATOM   235 C  C   . GLY A 1 30  ? 14.309  -2.421  -9.439  1.00 48.99 ? 95  GLY A C   1 
ATOM   236 O  O   . GLY A 1 30  ? 13.226  -2.354  -10.030 1.00 49.36 ? 95  GLY A O   1 
ATOM   237 N  N   . ASP A 1 31  ? 14.448  -3.031  -8.264  1.00 49.63 ? 96  ASP A N   1 
ATOM   238 C  CA  . ASP A 1 31  ? 13.345  -3.717  -7.595  1.00 49.88 ? 96  ASP A CA  1 
ATOM   239 C  C   . ASP A 1 31  ? 12.310  -2.794  -6.927  1.00 50.01 ? 96  ASP A C   1 
ATOM   240 O  O   . ASP A 1 31  ? 11.304  -3.272  -6.395  1.00 50.21 ? 96  ASP A O   1 
ATOM   241 C  CB  . ASP A 1 31  ? 13.914  -4.700  -6.550  1.00 50.54 ? 96  ASP A CB  1 
ATOM   242 C  CG  . ASP A 1 31  ? 14.561  -3.985  -5.319  1.00 51.98 ? 96  ASP A CG  1 
ATOM   243 O  OD1 . ASP A 1 31  ? 13.829  -3.430  -4.456  1.00 55.65 ? 96  ASP A OD1 1 
ATOM   244 O  OD2 . ASP A 1 31  ? 15.804  -3.998  -5.199  1.00 53.08 ? 96  ASP A OD2 1 
ATOM   245 N  N   . GLU A 1 32  ? 12.536  -1.482  -6.913  1.00 50.20 ? 97  GLU A N   1 
ATOM   246 C  CA  . GLU A 1 32  ? 11.525  -0.590  -6.323  1.00 50.29 ? 97  GLU A CA  1 
ATOM   247 C  C   . GLU A 1 32  ? 10.681  0.146   -7.378  1.00 50.30 ? 97  GLU A C   1 
ATOM   248 O  O   . GLU A 1 32  ? 9.911   1.058   -7.045  1.00 50.60 ? 97  GLU A O   1 
ATOM   249 C  CB  . GLU A 1 32  ? 12.105  0.381   -5.270  1.00 49.95 ? 97  GLU A CB  1 
ATOM   250 C  CG  . GLU A 1 32  ? 13.581  0.682   -5.333  1.00 50.62 ? 97  GLU A CG  1 
ATOM   251 C  CD  . GLU A 1 32  ? 14.139  1.140   -3.988  1.00 51.27 ? 97  GLU A CD  1 
ATOM   252 O  OE1 . GLU A 1 32  ? 14.246  0.324   -3.038  1.00 51.89 ? 97  GLU A OE1 1 
ATOM   253 O  OE2 . GLU A 1 32  ? 14.479  2.334   -3.880  1.00 54.18 ? 97  GLU A OE2 1 
ATOM   254 N  N   . LEU A 1 33  ? 10.766  -0.291  -8.633  1.00 50.23 ? 98  LEU A N   1 
ATOM   255 C  CA  . LEU A 1 33  ? 10.082  0.422   -9.720  1.00 50.23 ? 98  LEU A CA  1 
ATOM   256 C  C   . LEU A 1 33  ? 8.615   0.061   -9.815  1.00 50.20 ? 98  LEU A C   1 
ATOM   257 O  O   . LEU A 1 33  ? 7.840   0.768   -10.450 1.00 49.97 ? 98  LEU A O   1 
ATOM   258 C  CB  . LEU A 1 33  ? 10.769  0.192   -11.075 1.00 50.05 ? 98  LEU A CB  1 
ATOM   259 C  CG  . LEU A 1 33  ? 12.106  0.897   -11.321 1.00 48.75 ? 98  LEU A CG  1 
ATOM   260 C  CD1 . LEU A 1 33  ? 12.706  0.357   -12.594 1.00 48.60 ? 98  LEU A CD1 1 
ATOM   261 C  CD2 . LEU A 1 33  ? 11.944  2.400   -11.391 1.00 46.12 ? 98  LEU A CD2 1 
ATOM   262 N  N   . LEU A 1 34  ? 8.218   -1.029  -9.174  1.00 50.64 ? 99  LEU A N   1 
ATOM   263 C  CA  . LEU A 1 34  ? 6.796   -1.382  -9.169  1.00 50.75 ? 99  LEU A CA  1 
ATOM   264 C  C   . LEU A 1 34  ? 6.065   -0.961  -7.882  1.00 50.84 ? 99  LEU A C   1 
ATOM   265 O  O   . LEU A 1 34  ? 4.814   -0.996  -7.824  1.00 50.60 ? 99  LEU A O   1 
ATOM   266 C  CB  . LEU A 1 34  ? 6.635   -2.881  -9.422  1.00 50.96 ? 99  LEU A CB  1 
ATOM   267 C  CG  . LEU A 1 34  ? 6.885   -3.306  -10.871 1.00 50.95 ? 99  LEU A CG  1 
ATOM   268 C  CD1 . LEU A 1 34  ? 6.973   -4.846  -10.961 1.00 51.02 ? 99  LEU A CD1 1 
ATOM   269 C  CD2 . LEU A 1 34  ? 5.786   -2.741  -11.784 1.00 50.02 ? 99  LEU A CD2 1 
ATOM   270 N  N   . ALA A 1 35  ? 6.846   -0.569  -6.862  1.00 50.72 ? 100 ALA A N   1 
ATOM   271 C  CA  . ALA A 1 35  ? 6.297   -0.165  -5.577  1.00 50.48 ? 100 ALA A CA  1 
ATOM   272 C  C   . ALA A 1 35  ? 5.328   0.963   -5.837  1.00 50.46 ? 100 ALA A C   1 
ATOM   273 O  O   . ALA A 1 35  ? 5.578   1.822   -6.688  1.00 49.96 ? 100 ALA A O   1 
ATOM   274 C  CB  . ALA A 1 35  ? 7.397   0.275   -4.625  1.00 50.19 ? 100 ALA A CB  1 
ATOM   275 N  N   . MET A 1 36  ? 4.216   0.943   -5.107  1.00 50.93 ? 101 MET A N   1 
ATOM   276 C  CA  . MET A 1 36  ? 3.169   1.958   -5.228  1.00 51.12 ? 101 MET A CA  1 
ATOM   277 C  C   . MET A 1 36  ? 2.564   2.282   -3.869  1.00 51.11 ? 101 MET A C   1 
ATOM   278 O  O   . MET A 1 36  ? 2.801   1.585   -2.875  1.00 50.86 ? 101 MET A O   1 
ATOM   279 C  CB  . MET A 1 36  ? 2.063   1.463   -6.153  1.00 51.09 ? 101 MET A CB  1 
ATOM   280 C  CG  . MET A 1 36  ? 1.640   0.036   -5.837  1.00 51.68 ? 101 MET A CG  1 
ATOM   281 S  SD  . MET A 1 36  ? 0.126   -0.405  -6.704  1.00 52.05 ? 101 MET A SD  1 
ATOM   282 C  CE  . MET A 1 36  ? -0.582  -1.714  -5.663  1.00 50.99 ? 101 MET A CE  1 
ATOM   283 N  N   . GLN A 1 37  ? 1.773   3.350   -3.845  1.00 51.35 ? 102 GLN A N   1 
ATOM   284 C  CA  . GLN A 1 37  ? 1.107   3.796   -2.629  1.00 51.43 ? 102 GLN A CA  1 
ATOM   285 C  C   . GLN A 1 37  ? -0.375  3.493   -2.697  1.00 50.98 ? 102 GLN A C   1 
ATOM   286 O  O   . GLN A 1 37  ? -1.012  3.734   -3.714  1.00 51.03 ? 102 GLN A O   1 
ATOM   287 C  CB  . GLN A 1 37  ? 1.303   5.300   -2.430  1.00 51.52 ? 102 GLN A CB  1 
ATOM   288 C  CG  . GLN A 1 37  ? 2.656   5.668   -1.863  1.00 52.32 ? 102 GLN A CG  1 
ATOM   289 C  CD  . GLN A 1 37  ? 2.903   7.185   -1.838  1.00 53.24 ? 102 GLN A CD  1 
ATOM   290 O  OE1 . GLN A 1 37  ? 2.407   7.929   -2.709  1.00 55.26 ? 102 GLN A OE1 1 
ATOM   291 N  NE2 . GLN A 1 37  ? 3.689   7.649   -0.841  1.00 54.77 ? 102 GLN A NE2 1 
ATOM   292 N  N   . ILE A 1 38  ? -0.918  2.961   -1.610  1.00 50.60 ? 103 ILE A N   1 
ATOM   293 C  CA  . ILE A 1 38  ? -2.350  2.795   -1.490  1.00 50.62 ? 103 ILE A CA  1 
ATOM   294 C  C   . ILE A 1 38  ? -2.733  3.319   -0.116  1.00 50.54 ? 103 ILE A C   1 
ATOM   295 O  O   . ILE A 1 38  ? -1.873  3.424   0.758   1.00 50.18 ? 103 ILE A O   1 
ATOM   296 C  CB  . ILE A 1 38  ? -2.794  1.319   -1.671  1.00 50.58 ? 103 ILE A CB  1 
ATOM   297 C  CG1 . ILE A 1 38  ? -2.189  0.436   -0.571  1.00 50.81 ? 103 ILE A CG1 1 
ATOM   298 C  CG2 . ILE A 1 38  ? -2.405  0.809   -3.059  1.00 49.01 ? 103 ILE A CG2 1 
ATOM   299 C  CD1 . ILE A 1 38  ? -2.917  -0.876  -0.369  1.00 50.46 ? 103 ILE A CD1 1 
ATOM   300 N  N   . PHE A 1 39  ? -4.011  3.665   0.054   1.00 50.71 ? 104 PHE A N   1 
ATOM   301 C  CA  . PHE A 1 39  ? -4.515  4.173   1.320   1.00 50.90 ? 104 PHE A CA  1 
ATOM   302 C  C   . PHE A 1 39  ? -5.376  3.160   1.994   1.00 50.51 ? 104 PHE A C   1 
ATOM   303 O  O   . PHE A 1 39  ? -6.026  2.355   1.355   1.00 50.11 ? 104 PHE A O   1 
ATOM   304 C  CB  . PHE A 1 39  ? -5.360  5.428   1.122   1.00 51.81 ? 104 PHE A CB  1 
ATOM   305 C  CG  . PHE A 1 39  ? -4.704  6.448   0.258   1.00 53.09 ? 104 PHE A CG  1 
ATOM   306 C  CD1 . PHE A 1 39  ? -3.465  6.976   0.616   1.00 53.69 ? 104 PHE A CD1 1 
ATOM   307 C  CD2 . PHE A 1 39  ? -5.305  6.869   -0.929  1.00 54.11 ? 104 PHE A CD2 1 
ATOM   308 C  CE1 . PHE A 1 39  ? -2.823  7.899   -0.191  1.00 53.56 ? 104 PHE A CE1 1 
ATOM   309 C  CE2 . PHE A 1 39  ? -4.678  7.815   -1.738  1.00 53.86 ? 104 PHE A CE2 1 
ATOM   310 C  CZ  . PHE A 1 39  ? -3.429  8.328   -1.368  1.00 53.68 ? 104 PHE A CZ  1 
ATOM   311 N  N   . VAL A 1 40  ? -5.387  3.231   3.309   1.00 50.59 ? 105 VAL A N   1 
ATOM   312 C  CA  . VAL A 1 40  ? -6.361  2.521   4.090   1.00 50.82 ? 105 VAL A CA  1 
ATOM   313 C  C   . VAL A 1 40  ? -7.110  3.514   4.970   1.00 51.03 ? 105 VAL A C   1 
ATOM   314 O  O   . VAL A 1 40  ? -6.496  4.245   5.757   1.00 50.79 ? 105 VAL A O   1 
ATOM   315 C  CB  . VAL A 1 40  ? -5.673  1.482   4.967   1.00 50.71 ? 105 VAL A CB  1 
ATOM   316 C  CG1 . VAL A 1 40  ? -6.690  0.731   5.772   1.00 49.78 ? 105 VAL A CG1 1 
ATOM   317 C  CG2 . VAL A 1 40  ? -4.859  0.558   4.096   1.00 50.40 ? 105 VAL A CG2 1 
ATOM   318 N  N   . LYS A 1 41  ? -8.432  3.561   4.836   1.00 51.30 ? 106 LYS A N   1 
ATOM   319 C  CA  . LYS A 1 41  ? -9.220  4.313   5.801   1.00 51.33 ? 106 LYS A CA  1 
ATOM   320 C  C   . LYS A 1 41  ? -9.391  3.448   7.040   1.00 50.89 ? 106 LYS A C   1 
ATOM   321 O  O   . LYS A 1 41  ? -10.089 2.436   7.002   1.00 51.09 ? 106 LYS A O   1 
ATOM   322 C  CB  . LYS A 1 41  ? -10.587 4.683   5.229   1.00 51.73 ? 106 LYS A CB  1 
ATOM   323 C  CG  . LYS A 1 41  ? -11.471 5.458   6.220   1.00 52.46 ? 106 LYS A CG  1 
ATOM   324 C  CD  . LYS A 1 41  ? -12.760 6.045   5.585   1.00 53.26 ? 106 LYS A CD  1 
ATOM   325 C  CE  . LYS A 1 41  ? -13.666 6.696   6.681   1.00 55.32 ? 106 LYS A CE  1 
ATOM   326 N  NZ  . LYS A 1 41  ? -14.569 7.820   6.207   1.00 55.06 ? 106 LYS A NZ  1 
ATOM   327 N  N   . THR A 1 42  ? -8.744  3.813   8.135   1.00 50.32 ? 107 THR A N   1 
ATOM   328 C  CA  . THR A 1 42  ? -8.911  3.036   9.345   1.00 50.31 ? 107 THR A CA  1 
ATOM   329 C  C   . THR A 1 42  ? -10.288 3.317   9.900   1.00 50.27 ? 107 THR A C   1 
ATOM   330 O  O   . THR A 1 42  ? -10.950 4.261   9.509   1.00 50.46 ? 107 THR A O   1 
ATOM   331 C  CB  . THR A 1 42  ? -7.864  3.358   10.434  1.00 50.07 ? 107 THR A CB  1 
ATOM   332 O  OG1 . THR A 1 42  ? -7.923  4.748   10.774  1.00 49.80 ? 107 THR A OG1 1 
ATOM   333 C  CG2 . THR A 1 42  ? -6.482  3.000   9.973   1.00 49.39 ? 107 THR A CG2 1 
ATOM   334 N  N   . LEU A 1 43  ? -10.703 2.503   10.844  1.00 50.45 ? 108 LEU A N   1 
ATOM   335 C  CA  . LEU A 1 43  ? -12.043 2.588   11.360  1.00 51.08 ? 108 LEU A CA  1 
ATOM   336 C  C   . LEU A 1 43  ? -12.189 3.817   12.231  1.00 51.12 ? 108 LEU A C   1 
ATOM   337 O  O   . LEU A 1 43  ? -12.997 4.686   11.963  1.00 50.75 ? 108 LEU A O   1 
ATOM   338 C  CB  . LEU A 1 43  ? -12.338 1.319   12.163  1.00 50.92 ? 108 LEU A CB  1 
ATOM   339 C  CG  . LEU A 1 43  ? -13.781 0.994   12.509  1.00 50.78 ? 108 LEU A CG  1 
ATOM   340 C  CD1 . LEU A 1 43  ? -14.642 0.674   11.272  1.00 50.29 ? 108 LEU A CD1 1 
ATOM   341 C  CD2 . LEU A 1 43  ? -13.751 -0.167  13.481  1.00 51.16 ? 108 LEU A CD2 1 
ATOM   342 N  N   . THR A 1 44  ? -11.373 3.884   13.269  1.00 51.89 ? 109 THR A N   1 
ATOM   343 C  CA  . THR A 1 44  ? -11.491 4.921   14.281  1.00 52.46 ? 109 THR A CA  1 
ATOM   344 C  C   . THR A 1 44  ? -10.421 5.973   14.156  1.00 52.70 ? 109 THR A C   1 
ATOM   345 O  O   . THR A 1 44  ? -10.433 6.939   14.903  1.00 52.79 ? 109 THR A O   1 
ATOM   346 C  CB  . THR A 1 44  ? -11.309 4.337   15.689  1.00 52.68 ? 109 THR A CB  1 
ATOM   347 O  OG1 . THR A 1 44  ? -10.117 3.524   15.713  1.00 53.77 ? 109 THR A OG1 1 
ATOM   348 C  CG2 . THR A 1 44  ? -12.537 3.522   16.113  1.00 51.85 ? 109 THR A CG2 1 
ATOM   349 N  N   . GLY A 1 45  ? -9.477  5.773   13.240  1.00 53.46 ? 110 GLY A N   1 
ATOM   350 C  CA  . GLY A 1 45  ? -8.345  6.698   13.088  1.00 53.96 ? 110 GLY A CA  1 
ATOM   351 C  C   . GLY A 1 45  ? -8.428  7.576   11.851  1.00 54.43 ? 110 GLY A C   1 
ATOM   352 O  O   . GLY A 1 45  ? -9.496  8.099   11.494  1.00 54.75 ? 110 GLY A O   1 
ATOM   353 N  N   . LYS A 1 46  ? -7.291  7.730   11.187  1.00 54.88 ? 111 LYS A N   1 
ATOM   354 C  CA  . LYS A 1 46  ? -7.222  8.543   9.975   1.00 55.26 ? 111 LYS A CA  1 
ATOM   355 C  C   . LYS A 1 46  ? -6.950  7.651   8.767   1.00 54.75 ? 111 LYS A C   1 
ATOM   356 O  O   . LYS A 1 46  ? -6.794  6.440   8.901   1.00 54.53 ? 111 LYS A O   1 
ATOM   357 C  CB  . LYS A 1 46  ? -6.142  9.634   10.125  1.00 55.73 ? 111 LYS A CB  1 
ATOM   358 C  CG  . LYS A 1 46  ? -4.888  9.171   10.906  1.00 56.93 ? 111 LYS A CG  1 
ATOM   359 C  CD  . LYS A 1 46  ? -3.803  10.282  11.023  1.00 57.08 ? 111 LYS A CD  1 
ATOM   360 C  CE  . LYS A 1 46  ? -2.358  9.684   10.985  1.00 57.55 ? 111 LYS A CE  1 
ATOM   361 N  NZ  . LYS A 1 46  ? -1.931  9.289   9.590   1.00 56.99 ? 111 LYS A NZ  1 
ATOM   362 N  N   . THR A 1 47  ? -6.918  8.240   7.583   1.00 54.37 ? 112 THR A N   1 
ATOM   363 C  CA  . THR A 1 47  ? -6.528  7.479   6.416   1.00 54.26 ? 112 THR A CA  1 
ATOM   364 C  C   . THR A 1 47  ? -5.004  7.380   6.392   1.00 53.97 ? 112 THR A C   1 
ATOM   365 O  O   . THR A 1 47  ? -4.293  8.345   6.618   1.00 53.99 ? 112 THR A O   1 
ATOM   366 C  CB  . THR A 1 47  ? -7.122  8.060   5.121   1.00 54.25 ? 112 THR A CB  1 
ATOM   367 O  OG1 . THR A 1 47  ? -8.555  7.960   5.184   1.00 53.70 ? 112 THR A OG1 1 
ATOM   368 C  CG2 . THR A 1 47  ? -6.616  7.298   3.886   1.00 54.18 ? 112 THR A CG2 1 
ATOM   369 N  N   . ILE A 1 48  ? -4.524  6.178   6.127   1.00 53.92 ? 113 ILE A N   1 
ATOM   370 C  CA  . ILE A 1 48  ? -3.144  5.805   6.336   1.00 53.67 ? 113 ILE A CA  1 
ATOM   371 C  C   . ILE A 1 48  ? -2.573  5.378   4.998   1.00 53.55 ? 113 ILE A C   1 
ATOM   372 O  O   . ILE A 1 48  ? -3.299  4.818   4.183   1.00 53.51 ? 113 ILE A O   1 
ATOM   373 C  CB  . ILE A 1 48  ? -3.121  4.665   7.376   1.00 53.73 ? 113 ILE A CB  1 
ATOM   374 C  CG1 . ILE A 1 48  ? -2.892  5.271   8.757   1.00 54.79 ? 113 ILE A CG1 1 
ATOM   375 C  CG2 . ILE A 1 48  ? -2.101  3.602   7.067   1.00 52.85 ? 113 ILE A CG2 1 
ATOM   376 C  CD1 . ILE A 1 48  ? -1.755  6.317   8.806   1.00 56.91 ? 113 ILE A CD1 1 
ATOM   377 N  N   . THR A 1 49  ? -1.292  5.663   4.750   1.00 53.63 ? 114 THR A N   1 
ATOM   378 C  CA  . THR A 1 49  ? -0.667  5.327   3.460   1.00 53.63 ? 114 THR A CA  1 
ATOM   379 C  C   . THR A 1 49  ? 0.354   4.211   3.594   1.00 53.44 ? 114 THR A C   1 
ATOM   380 O  O   . THR A 1 49  ? 1.184   4.223   4.498   1.00 52.72 ? 114 THR A O   1 
ATOM   381 C  CB  . THR A 1 49  ? 0.014   6.563   2.774   1.00 53.65 ? 114 THR A CB  1 
ATOM   382 O  OG1 . THR A 1 49  ? -0.962  7.570   2.486   1.00 54.34 ? 114 THR A OG1 1 
ATOM   383 C  CG2 . THR A 1 49  ? 0.666   6.175   1.458   1.00 53.69 ? 114 THR A CG2 1 
ATOM   384 N  N   . LEU A 1 50  ? 0.279   3.267   2.656   1.00 53.77 ? 115 LEU A N   1 
ATOM   385 C  CA  . LEU A 1 50  ? 1.164   2.109   2.599   1.00 54.03 ? 115 LEU A CA  1 
ATOM   386 C  C   . LEU A 1 50  ? 1.997   2.043   1.316   1.00 54.18 ? 115 LEU A C   1 
ATOM   387 O  O   . LEU A 1 50  ? 1.528   2.394   0.246   1.00 54.29 ? 115 LEU A O   1 
ATOM   388 C  CB  . LEU A 1 50  ? 0.328   0.837   2.660   1.00 53.98 ? 115 LEU A CB  1 
ATOM   389 C  CG  . LEU A 1 50  ? -0.497  0.561   3.907   1.00 53.85 ? 115 LEU A CG  1 
ATOM   390 C  CD1 . LEU A 1 50  ? -1.035  -0.888  3.837   1.00 52.77 ? 115 LEU A CD1 1 
ATOM   391 C  CD2 . LEU A 1 50  ? 0.333   0.811   5.186   1.00 54.20 ? 115 LEU A CD2 1 
ATOM   392 N  N   . GLU A 1 51  ? 3.229   1.562   1.432   1.00 54.71 ? 116 GLU A N   1 
ATOM   393 C  CA  . GLU A 1 51  ? 4.082   1.308   0.284   1.00 55.35 ? 116 GLU A CA  1 
ATOM   394 C  C   . GLU A 1 51  ? 4.050   -0.183  0.038   1.00 55.16 ? 116 GLU A C   1 
ATOM   395 O  O   . GLU A 1 51  ? 4.679   -0.950  0.756   1.00 54.47 ? 116 GLU A O   1 
ATOM   396 C  CB  . GLU A 1 51  ? 5.532   1.746   0.554   1.00 55.91 ? 116 GLU A CB  1 
ATOM   397 C  CG  . GLU A 1 51  ? 5.769   3.275   0.716   1.00 56.89 ? 116 GLU A CG  1 
ATOM   398 C  CD  . GLU A 1 51  ? 7.153   3.649   1.344   1.00 57.78 ? 116 GLU A CD  1 
ATOM   399 O  OE1 . GLU A 1 51  ? 8.022   2.756   1.606   1.00 61.49 ? 116 GLU A OE1 1 
ATOM   400 O  OE2 . GLU A 1 51  ? 7.365   4.867   1.588   1.00 60.13 ? 116 GLU A OE2 1 
ATOM   401 N  N   . VAL A 1 52  ? 3.302   -0.576  -0.986  1.00 55.46 ? 117 VAL A N   1 
ATOM   402 C  CA  . VAL A 1 52  ? 3.067   -1.966  -1.312  1.00 55.67 ? 117 VAL A CA  1 
ATOM   403 C  C   . VAL A 1 52  ? 3.538   -2.206  -2.732  1.00 56.11 ? 117 VAL A C   1 
ATOM   404 O  O   . VAL A 1 52  ? 3.964   -1.268  -3.410  1.00 55.76 ? 117 VAL A O   1 
ATOM   405 C  CB  . VAL A 1 52  ? 1.568   -2.276  -1.273  1.00 55.32 ? 117 VAL A CB  1 
ATOM   406 C  CG1 . VAL A 1 52  ? 0.943   -1.690  -0.035  1.00 55.18 ? 117 VAL A CG1 1 
ATOM   407 C  CG2 . VAL A 1 52  ? 0.881   -1.711  -2.517  1.00 54.91 ? 117 VAL A CG2 1 
ATOM   408 N  N   . GLU A 1 53  ? 3.470   -3.461  -3.180  1.00 56.77 ? 118 GLU A N   1 
ATOM   409 C  CA  . GLU A 1 53  ? 3.548   -3.763  -4.603  1.00 57.50 ? 118 GLU A CA  1 
ATOM   410 C  C   . GLU A 1 53  ? 2.500   -4.716  -5.023  1.00 57.59 ? 118 GLU A C   1 
ATOM   411 O  O   . GLU A 1 53  ? 2.033   -5.512  -4.224  1.00 57.43 ? 118 GLU A O   1 
ATOM   412 C  CB  . GLU A 1 53  ? 4.875   -4.361  -5.057  1.00 57.81 ? 118 GLU A CB  1 
ATOM   413 C  CG  . GLU A 1 53  ? 5.915   -4.606  -4.006  1.00 59.17 ? 118 GLU A CG  1 
ATOM   414 C  CD  . GLU A 1 53  ? 7.314   -4.304  -4.554  1.00 59.98 ? 118 GLU A CD  1 
ATOM   415 O  OE1 . GLU A 1 53  ? 7.436   -3.771  -5.698  1.00 62.05 ? 118 GLU A OE1 1 
ATOM   416 O  OE2 . GLU A 1 53  ? 8.299   -4.598  -3.834  1.00 65.31 ? 118 GLU A OE2 1 
ATOM   417 N  N   . PRO A 1 54  ? 2.201   -4.700  -6.324  1.00 58.05 ? 119 PRO A N   1 
ATOM   418 C  CA  . PRO A 1 54  ? 1.065   -5.384  -6.901  1.00 58.34 ? 119 PRO A CA  1 
ATOM   419 C  C   . PRO A 1 54  ? 1.100   -6.871  -6.590  1.00 58.34 ? 119 PRO A C   1 
ATOM   420 O  O   . PRO A 1 54  ? 0.059   -7.489  -6.439  1.00 58.32 ? 119 PRO A O   1 
ATOM   421 C  CB  . PRO A 1 54  ? 1.239   -5.133  -8.401  1.00 58.44 ? 119 PRO A CB  1 
ATOM   422 C  CG  . PRO A 1 54  ? 2.087   -3.904  -8.478  1.00 58.16 ? 119 PRO A CG  1 
ATOM   423 C  CD  . PRO A 1 54  ? 3.026   -4.045  -7.353  1.00 57.88 ? 119 PRO A CD  1 
ATOM   424 N  N   . SER A 1 55  ? 2.298   -7.425  -6.470  1.00 58.74 ? 120 SER A N   1 
ATOM   425 C  CA  . SER A 1 55  ? 2.460   -8.836  -6.147  1.00 59.07 ? 120 SER A CA  1 
ATOM   426 C  C   . SER A 1 55  ? 2.194   -9.169  -4.680  1.00 59.25 ? 120 SER A C   1 
ATOM   427 O  O   . SER A 1 55  ? 2.180   -10.349 -4.318  1.00 59.64 ? 120 SER A O   1 
ATOM   428 C  CB  . SER A 1 55  ? 3.886   -9.287  -6.472  1.00 59.30 ? 120 SER A CB  1 
ATOM   429 O  OG  . SER A 1 55  ? 4.764   -9.023  -5.378  1.00 59.55 ? 120 SER A OG  1 
ATOM   430 N  N   . ASP A 1 56  ? 2.019   -8.161  -3.828  1.00 59.49 ? 121 ASP A N   1 
ATOM   431 C  CA  . ASP A 1 56  ? 1.877   -8.415  -2.382  1.00 59.72 ? 121 ASP A CA  1 
ATOM   432 C  C   . ASP A 1 56  ? 0.550   -9.085  -2.053  1.00 59.59 ? 121 ASP A C   1 
ATOM   433 O  O   . ASP A 1 56  ? -0.469  -8.843  -2.698  1.00 59.44 ? 121 ASP A O   1 
ATOM   434 C  CB  . ASP A 1 56  ? 2.030   -7.121  -1.548  1.00 60.02 ? 121 ASP A CB  1 
ATOM   435 C  CG  . ASP A 1 56  ? 3.500   -6.718  -1.330  1.00 60.84 ? 121 ASP A CG  1 
ATOM   436 O  OD1 . ASP A 1 56  ? 4.400   -7.477  -1.783  1.00 62.40 ? 121 ASP A OD1 1 
ATOM   437 O  OD2 . ASP A 1 56  ? 3.755   -5.647  -0.710  1.00 60.04 ? 121 ASP A OD2 1 
ATOM   438 N  N   . THR A 1 57  ? 0.574   -9.939  -1.043  1.00 59.71 ? 122 THR A N   1 
ATOM   439 C  CA  . THR A 1 57  ? -0.629  -10.619 -0.608  1.00 60.05 ? 122 THR A CA  1 
ATOM   440 C  C   . THR A 1 57  ? -1.345  -9.814  0.468   1.00 60.08 ? 122 THR A C   1 
ATOM   441 O  O   . THR A 1 57  ? -0.810  -8.865  1.027   1.00 60.06 ? 122 THR A O   1 
ATOM   442 C  CB  . THR A 1 57  ? -0.302  -12.000 -0.036  1.00 60.31 ? 122 THR A CB  1 
ATOM   443 O  OG1 . THR A 1 57  ? 0.501   -11.857 1.154   1.00 61.00 ? 122 THR A OG1 1 
ATOM   444 C  CG2 . THR A 1 57  ? 0.436   -12.838 -1.068  1.00 60.12 ? 122 THR A CG2 1 
ATOM   445 N  N   . ILE A 1 58  ? -2.566  -10.197 0.773   1.00 60.25 ? 123 ILE A N   1 
ATOM   446 C  CA  . ILE A 1 58  ? -3.303  -9.476  1.782   1.00 60.40 ? 123 ILE A CA  1 
ATOM   447 C  C   . ILE A 1 58  ? -2.677  -9.611  3.158   1.00 60.46 ? 123 ILE A C   1 
ATOM   448 O  O   . ILE A 1 58  ? -2.707  -8.662  3.917   1.00 60.56 ? 123 ILE A O   1 
ATOM   449 C  CB  . ILE A 1 58  ? -4.747  -9.938  1.834   1.00 60.44 ? 123 ILE A CB  1 
ATOM   450 C  CG1 . ILE A 1 58  ? -5.573  -9.220  0.753   1.00 60.75 ? 123 ILE A CG1 1 
ATOM   451 C  CG2 . ILE A 1 58  ? -5.327  -9.613  3.178   1.00 60.48 ? 123 ILE A CG2 1 
ATOM   452 C  CD1 . ILE A 1 58  ? -4.857  -8.988  -0.559  1.00 59.95 ? 123 ILE A CD1 1 
ATOM   453 N  N   . GLU A 1 59  ? -2.102  -10.772 3.474   1.00 60.74 ? 124 GLU A N   1 
ATOM   454 C  CA  . GLU A 1 59  ? -1.486  -11.001 4.788   1.00 61.19 ? 124 GLU A CA  1 
ATOM   455 C  C   . GLU A 1 59  ? -0.372  -10.024 4.980   1.00 60.17 ? 124 GLU A C   1 
ATOM   456 O  O   . GLU A 1 59  ? -0.079  -9.602  6.094   1.00 59.95 ? 124 GLU A O   1 
ATOM   457 C  CB  . GLU A 1 59  ? -0.850  -12.376 4.864   1.00 61.44 ? 124 GLU A CB  1 
ATOM   458 C  CG  . GLU A 1 59  ? -1.783  -13.561 4.611   1.00 63.53 ? 124 GLU A CG  1 
ATOM   459 C  CD  . GLU A 1 59  ? -1.060  -14.719 3.866   1.00 64.56 ? 124 GLU A CD  1 
ATOM   460 O  OE1 . GLU A 1 59  ? 0.215   -14.670 3.754   1.00 67.95 ? 124 GLU A OE1 1 
ATOM   461 O  OE2 . GLU A 1 59  ? -1.773  -15.660 3.393   1.00 67.76 ? 124 GLU A OE2 1 
ATOM   462 N  N   . ASN A 1 60  ? 0.290   -9.740  3.866   1.00 59.52 ? 125 ASN A N   1 
ATOM   463 C  CA  . ASN A 1 60  ? 1.304   -8.708  3.776   1.00 59.23 ? 125 ASN A CA  1 
ATOM   464 C  C   . ASN A 1 60  ? 0.783   -7.362  4.208   1.00 57.98 ? 125 ASN A C   1 
ATOM   465 O  O   . ASN A 1 60  ? 1.330   -6.699  5.084   1.00 57.73 ? 125 ASN A O   1 
ATOM   466 C  CB  . ASN A 1 60  ? 1.740   -8.568  2.322   1.00 59.78 ? 125 ASN A CB  1 
ATOM   467 C  CG  . ASN A 1 60  ? 3.082   -9.203  2.038   1.00 61.84 ? 125 ASN A CG  1 
ATOM   468 O  OD1 . ASN A 1 60  ? 4.126   -8.694  2.482   1.00 65.89 ? 125 ASN A OD1 1 
ATOM   469 N  ND2 . ASN A 1 60  ? 3.078   -10.291 1.259   1.00 62.29 ? 125 ASN A ND2 1 
ATOM   470 N  N   . VAL A 1 61  ? -0.287  -6.955  3.554   1.00 56.82 ? 126 VAL A N   1 
ATOM   471 C  CA  . VAL A 1 61  ? -0.853  -5.649  3.778   1.00 55.91 ? 126 VAL A CA  1 
ATOM   472 C  C   . VAL A 1 61  ? -1.212  -5.495  5.252   1.00 55.67 ? 126 VAL A C   1 
ATOM   473 O  O   . VAL A 1 61  ? -0.915  -4.470  5.873   1.00 55.16 ? 126 VAL A O   1 
ATOM   474 C  CB  . VAL A 1 61  ? -2.074  -5.454  2.880   1.00 55.57 ? 126 VAL A CB  1 
ATOM   475 C  CG1 . VAL A 1 61  ? -2.729  -4.148  3.159   1.00 55.02 ? 126 VAL A CG1 1 
ATOM   476 C  CG2 . VAL A 1 61  ? -1.649  -5.528  1.446   1.00 54.58 ? 126 VAL A CG2 1 
ATOM   477 N  N   . LYS A 1 62  ? -1.826  -6.535  5.806   1.00 55.41 ? 127 LYS A N   1 
ATOM   478 C  CA  . LYS A 1 62  ? -2.231  -6.539  7.205   1.00 55.51 ? 127 LYS A CA  1 
ATOM   479 C  C   . LYS A 1 62  ? -1.013  -6.466  8.111   1.00 55.38 ? 127 LYS A C   1 
ATOM   480 O  O   . LYS A 1 62  ? -1.021  -5.769  9.135   1.00 55.00 ? 127 LYS A O   1 
ATOM   481 C  CB  . LYS A 1 62  ? -3.032  -7.796  7.517   1.00 55.38 ? 127 LYS A CB  1 
ATOM   482 C  CG  . LYS A 1 62  ? -4.363  -7.874  6.800   1.00 55.45 ? 127 LYS A CG  1 
ATOM   483 C  CD  . LYS A 1 62  ? -5.196  -9.027  7.349   1.00 55.77 ? 127 LYS A CD  1 
ATOM   484 C  CE  . LYS A 1 62  ? -6.554  -9.137  6.606   1.00 56.43 ? 127 LYS A CE  1 
ATOM   485 N  NZ  . LYS A 1 62  ? -7.520  -10.077 7.337   1.00 56.69 ? 127 LYS A NZ  1 
ATOM   486 N  N   . ALA A 1 63  ? 0.025   -7.202  7.723   1.00 55.41 ? 128 ALA A N   1 
ATOM   487 C  CA  . ALA A 1 63  ? 1.296   -7.167  8.419   1.00 55.60 ? 128 ALA A CA  1 
ATOM   488 C  C   . ALA A 1 63  ? 1.730   -5.711  8.500   1.00 55.74 ? 128 ALA A C   1 
ATOM   489 O  O   . ALA A 1 63  ? 2.143   -5.231  9.551   1.00 55.76 ? 128 ALA A O   1 
ATOM   490 C  CB  . ALA A 1 63  ? 2.325   -8.001  7.680   1.00 54.96 ? 128 ALA A CB  1 
ATOM   491 N  N   . LYS A 1 64  ? 1.598   -5.008  7.383   1.00 56.09 ? 129 LYS A N   1 
ATOM   492 C  CA  . LYS A 1 64  ? 2.016   -3.618  7.302   1.00 56.42 ? 129 LYS A CA  1 
ATOM   493 C  C   . LYS A 1 64  ? 1.163   -2.734  8.186   1.00 56.55 ? 129 LYS A C   1 
ATOM   494 O  O   . LYS A 1 64  ? 1.666   -1.807  8.794   1.00 56.14 ? 129 LYS A O   1 
ATOM   495 C  CB  . LYS A 1 64  ? 1.946   -3.110  5.852   1.00 56.54 ? 129 LYS A CB  1 
ATOM   496 C  CG  . LYS A 1 64  ? 3.072   -3.624  4.936   1.00 56.54 ? 129 LYS A CG  1 
ATOM   497 C  CD  . LYS A 1 64  ? 3.076   -2.930  3.560   1.00 56.45 ? 129 LYS A CD  1 
ATOM   498 C  CE  . LYS A 1 64  ? 4.435   -3.066  2.852   1.00 56.82 ? 129 LYS A CE  1 
ATOM   499 N  NZ  . LYS A 1 64  ? 4.471   -4.126  1.797   1.00 57.16 ? 129 LYS A NZ  1 
ATOM   500 N  N   . ILE A 1 65  ? -0.135  -3.018  8.233   1.00 57.21 ? 130 ILE A N   1 
ATOM   501 C  CA  . ILE A 1 65  ? -1.076  -2.221  9.016   1.00 57.81 ? 130 ILE A CA  1 
ATOM   502 C  C   . ILE A 1 65  ? -0.743  -2.360  10.506  1.00 58.72 ? 130 ILE A C   1 
ATOM   503 O  O   . ILE A 1 65  ? -0.728  -1.368  11.240  1.00 58.66 ? 130 ILE A O   1 
ATOM   504 C  CB  . ILE A 1 65  ? -2.550  -2.654  8.735   1.00 57.60 ? 130 ILE A CB  1 
ATOM   505 C  CG1 . ILE A 1 65  ? -2.923  -2.398  7.279   1.00 57.44 ? 130 ILE A CG1 1 
ATOM   506 C  CG2 . ILE A 1 65  ? -3.531  -1.919  9.622   1.00 56.76 ? 130 ILE A CG2 1 
ATOM   507 C  CD1 . ILE A 1 65  ? -4.348  -2.756  6.951   1.00 57.25 ? 130 ILE A CD1 1 
ATOM   508 N  N   . GLN A 1 66  ? -0.472  -3.590  10.950  1.00 60.00 ? 131 GLN A N   1 
ATOM   509 C  CA  . GLN A 1 66  ? -0.063  -3.830  12.333  1.00 60.75 ? 131 GLN A CA  1 
ATOM   510 C  C   . GLN A 1 66  ? 1.158   -3.005  12.724  1.00 61.32 ? 131 GLN A C   1 
ATOM   511 O  O   . GLN A 1 66  ? 1.158   -2.283  13.720  1.00 61.20 ? 131 GLN A O   1 
ATOM   512 C  CB  . GLN A 1 66  ? 0.283   -5.292  12.525  1.00 60.75 ? 131 GLN A CB  1 
ATOM   513 C  CG  . GLN A 1 66  ? 0.929   -5.588  13.871  1.00 61.16 ? 131 GLN A CG  1 
ATOM   514 C  CD  . GLN A 1 66  ? 1.098   -7.082  14.081  1.00 62.37 ? 131 GLN A CD  1 
ATOM   515 O  OE1 . GLN A 1 66  ? 1.743   -7.761  13.262  1.00 64.89 ? 131 GLN A OE1 1 
ATOM   516 N  NE2 . GLN A 1 66  ? 0.501   -7.613  15.164  1.00 63.82 ? 131 GLN A NE2 1 
ATOM   517 N  N   . ASP A 1 67  ? 2.209   -3.143  11.928  1.00 62.46 ? 132 ASP A N   1 
ATOM   518 C  CA  . ASP A 1 67  ? 3.438   -2.407  12.145  1.00 62.51 ? 132 ASP A CA  1 
ATOM   519 C  C   . ASP A 1 67  ? 3.130   -0.919  12.327  1.00 62.36 ? 132 ASP A C   1 
ATOM   520 O  O   . ASP A 1 67  ? 3.701   -0.242  13.168  1.00 62.31 ? 132 ASP A O   1 
ATOM   521 C  CB  . ASP A 1 67  ? 4.390   -2.636  10.960  1.00 63.22 ? 132 ASP A CB  1 
ATOM   522 C  CG  . ASP A 1 67  ? 5.889   -2.496  11.348  1.00 65.28 ? 132 ASP A CG  1 
ATOM   523 O  OD1 . ASP A 1 67  ? 6.361   -1.330  11.576  1.00 70.60 ? 132 ASP A OD1 1 
ATOM   524 O  OD2 . ASP A 1 67  ? 6.598   -3.552  11.403  1.00 69.96 ? 132 ASP A OD2 1 
ATOM   525 N  N   . LYS A 1 68  ? 2.191   -0.422  11.551  1.00 62.34 ? 133 LYS A N   1 
ATOM   526 C  CA  . LYS A 1 68  ? 1.923   0.987   11.539  1.00 62.48 ? 133 LYS A CA  1 
ATOM   527 C  C   . LYS A 1 68  ? 0.939   1.376   12.625  1.00 62.25 ? 133 LYS A C   1 
ATOM   528 O  O   . LYS A 1 68  ? 1.140   2.386   13.276  1.00 62.31 ? 133 LYS A O   1 
ATOM   529 C  CB  . LYS A 1 68  ? 1.416   1.405   10.155  1.00 62.68 ? 133 LYS A CB  1 
ATOM   530 C  CG  . LYS A 1 68  ? 1.641   2.875   9.827   1.00 63.45 ? 133 LYS A CG  1 
ATOM   531 C  CD  . LYS A 1 68  ? 2.042   3.123   8.362   1.00 63.35 ? 133 LYS A CD  1 
ATOM   532 C  CE  . LYS A 1 68  ? 2.464   4.598   8.198   1.00 64.74 ? 133 LYS A CE  1 
ATOM   533 N  NZ  . LYS A 1 68  ? 2.491   5.131   6.787   1.00 65.43 ? 133 LYS A NZ  1 
ATOM   534 N  N   . GLU A 1 69  ? -0.116  0.589   12.839  1.00 62.24 ? 134 GLU A N   1 
ATOM   535 C  CA  . GLU A 1 69  ? -1.210  1.021   13.738  1.00 62.33 ? 134 GLU A CA  1 
ATOM   536 C  C   . GLU A 1 69  ? -1.416  0.179   14.979  1.00 61.84 ? 134 GLU A C   1 
ATOM   537 O  O   . GLU A 1 69  ? -2.235  0.517   15.819  1.00 61.71 ? 134 GLU A O   1 
ATOM   538 C  CB  . GLU A 1 69  ? -2.545  1.097   12.983  1.00 62.69 ? 134 GLU A CB  1 
ATOM   539 C  CG  . GLU A 1 69  ? -2.574  2.163   11.865  1.00 65.05 ? 134 GLU A CG  1 
ATOM   540 C  CD  . GLU A 1 69  ? -2.367  3.634   12.355  1.00 67.29 ? 134 GLU A CD  1 
ATOM   541 O  OE1 . GLU A 1 69  ? -3.363  4.248   12.822  1.00 68.41 ? 134 GLU A OE1 1 
ATOM   542 O  OE2 . GLU A 1 69  ? -1.226  4.181   12.228  1.00 68.17 ? 134 GLU A OE2 1 
ATOM   543 N  N   . GLY A 1 70  ? -0.700  -0.932  15.076  1.00 61.63 ? 135 GLY A N   1 
ATOM   544 C  CA  . GLY A 1 70  ? -0.747  -1.766  16.263  1.00 61.28 ? 135 GLY A CA  1 
ATOM   545 C  C   . GLY A 1 70  ? -1.952  -2.676  16.362  1.00 60.98 ? 135 GLY A C   1 
ATOM   546 O  O   . GLY A 1 70  ? -2.372  -3.027  17.461  1.00 61.45 ? 135 GLY A O   1 
ATOM   547 N  N   . ILE A 1 71  ? -2.506  -3.072  15.221  1.00 60.49 ? 136 ILE A N   1 
ATOM   548 C  CA  . ILE A 1 71  ? -3.618  -4.017  15.196  1.00 60.07 ? 136 ILE A CA  1 
ATOM   549 C  C   . ILE A 1 71  ? -3.137  -5.342  14.641  1.00 59.79 ? 136 ILE A C   1 
ATOM   550 O  O   . ILE A 1 71  ? -2.447  -5.357  13.635  1.00 59.76 ? 136 ILE A O   1 
ATOM   551 C  CB  . ILE A 1 71  ? -4.755  -3.522  14.290  1.00 60.07 ? 136 ILE A CB  1 
ATOM   552 C  CG1 . ILE A 1 71  ? -5.211  -2.105  14.711  1.00 59.82 ? 136 ILE A CG1 1 
ATOM   553 C  CG2 . ILE A 1 71  ? -5.903  -4.544  14.303  1.00 59.99 ? 136 ILE A CG2 1 
ATOM   554 C  CD1 . ILE A 1 71  ? -5.881  -1.284  13.602  1.00 59.34 ? 136 ILE A CD1 1 
ATOM   555 N  N   . PRO A 1 72  ? -3.472  -6.458  15.304  1.00 59.70 ? 137 PRO A N   1 
ATOM   556 C  CA  . PRO A 1 72  ? -3.164  -7.793  14.769  1.00 59.84 ? 137 PRO A CA  1 
ATOM   557 C  C   . PRO A 1 72  ? -4.028  -8.225  13.565  1.00 59.81 ? 137 PRO A C   1 
ATOM   558 O  O   . PRO A 1 72  ? -5.241  -8.005  13.568  1.00 59.75 ? 137 PRO A O   1 
ATOM   559 C  CB  . PRO A 1 72  ? -3.416  -8.722  15.966  1.00 59.85 ? 137 PRO A CB  1 
ATOM   560 C  CG  . PRO A 1 72  ? -3.564  -7.818  17.160  1.00 59.92 ? 137 PRO A CG  1 
ATOM   561 C  CD  . PRO A 1 72  ? -4.098  -6.538  16.629  1.00 59.74 ? 137 PRO A CD  1 
ATOM   562 N  N   . PRO A 1 73  ? -3.397  -8.845  12.547  1.00 59.95 ? 138 PRO A N   1 
ATOM   563 C  CA  . PRO A 1 73  ? -4.008  -9.312  11.293  1.00 60.29 ? 138 PRO A CA  1 
ATOM   564 C  C   . PRO A 1 73  ? -5.274  -10.180 11.428  1.00 60.73 ? 138 PRO A C   1 
ATOM   565 O  O   . PRO A 1 73  ? -6.173  -10.134 10.566  1.00 61.36 ? 138 PRO A O   1 
ATOM   566 C  CB  . PRO A 1 73  ? -2.876  -10.119 10.642  1.00 60.19 ? 138 PRO A CB  1 
ATOM   567 C  CG  . PRO A 1 73  ? -1.650  -9.459  11.121  1.00 59.97 ? 138 PRO A CG  1 
ATOM   568 C  CD  . PRO A 1 73  ? -1.945  -9.108  12.553  1.00 60.10 ? 138 PRO A CD  1 
ATOM   569 N  N   . ASP A 1 74  ? -5.326  -10.976 12.489  1.00 60.67 ? 139 ASP A N   1 
ATOM   570 C  CA  . ASP A 1 74  ? -6.491  -11.811 12.800  1.00 60.38 ? 139 ASP A CA  1 
ATOM   571 C  C   . ASP A 1 74  ? -7.691  -10.941 13.205  1.00 59.69 ? 139 ASP A C   1 
ATOM   572 O  O   . ASP A 1 74  ? -8.837  -11.343 13.050  1.00 59.10 ? 139 ASP A O   1 
ATOM   573 C  CB  . ASP A 1 74  ? -6.104  -12.753 13.948  1.00 61.03 ? 139 ASP A CB  1 
ATOM   574 C  CG  . ASP A 1 74  ? -5.126  -12.084 14.942  1.00 62.71 ? 139 ASP A CG  1 
ATOM   575 O  OD1 . ASP A 1 74  ? -3.915  -11.892 14.575  1.00 64.87 ? 139 ASP A OD1 1 
ATOM   576 O  OD2 . ASP A 1 74  ? -5.580  -11.728 16.067  1.00 63.40 ? 139 ASP A OD2 1 
ATOM   577 N  N   . GLN A 1 75  ? -7.398  -9.750  13.733  1.00 59.28 ? 140 GLN A N   1 
ATOM   578 C  CA  . GLN A 1 75  ? -8.411  -8.778  14.158  1.00 58.77 ? 140 GLN A CA  1 
ATOM   579 C  C   . GLN A 1 75  ? -8.824  -7.857  13.022  1.00 57.83 ? 140 GLN A C   1 
ATOM   580 O  O   . GLN A 1 75  ? -9.788  -7.119  13.143  1.00 57.11 ? 140 GLN A O   1 
ATOM   581 C  CB  . GLN A 1 75  ? -7.857  -7.933  15.303  1.00 59.09 ? 140 GLN A CB  1 
ATOM   582 C  CG  . GLN A 1 75  ? -7.647  -8.722  16.594  1.00 60.58 ? 140 GLN A CG  1 
ATOM   583 C  CD  . GLN A 1 75  ? -8.946  -8.907  17.357  1.00 62.80 ? 140 GLN A CD  1 
ATOM   584 O  OE1 . GLN A 1 75  ? -9.398  -10.038 17.594  1.00 64.05 ? 140 GLN A OE1 1 
ATOM   585 N  NE2 . GLN A 1 75  ? -9.577  -7.789  17.722  1.00 63.72 ? 140 GLN A NE2 1 
ATOM   586 N  N   . GLN A 1 76  ? -8.073  -7.915  11.927  1.00 57.29 ? 141 GLN A N   1 
ATOM   587 C  CA  . GLN A 1 76  ? -8.315  -7.091  10.754  1.00 56.97 ? 141 GLN A CA  1 
ATOM   588 C  C   . GLN A 1 76  ? -9.101  -7.809  9.661   1.00 56.41 ? 141 GLN A C   1 
ATOM   589 O  O   . GLN A 1 76  ? -8.878  -8.989  9.372   1.00 55.79 ? 141 GLN A O   1 
ATOM   590 C  CB  . GLN A 1 76  ? -6.983  -6.670  10.140  1.00 57.02 ? 141 GLN A CB  1 
ATOM   591 C  CG  . GLN A 1 76  ? -6.071  -5.842  11.028  1.00 56.83 ? 141 GLN A CG  1 
ATOM   592 C  CD  . GLN A 1 76  ? -4.714  -5.614  10.373  1.00 56.85 ? 141 GLN A CD  1 
ATOM   593 O  OE1 . GLN A 1 76  ? -4.630  -5.331  9.180   1.00 55.99 ? 141 GLN A OE1 1 
ATOM   594 N  NE2 . GLN A 1 76  ? -3.647  -5.767  11.146  1.00 57.37 ? 141 GLN A NE2 1 
ATOM   595 N  N   . ARG A 1 77  ? -10.009 -7.064  9.044   1.00 56.13 ? 142 ARG A N   1 
ATOM   596 C  CA  . ARG A 1 77  ? -10.619 -7.456  7.780   1.00 55.95 ? 142 ARG A CA  1 
ATOM   597 C  C   . ARG A 1 77  ? -10.496 -6.277  6.813   1.00 55.50 ? 142 ARG A C   1 
ATOM   598 O  O   . ARG A 1 77  ? -10.621 -5.122  7.207   1.00 55.31 ? 142 ARG A O   1 
ATOM   599 C  CB  . ARG A 1 77  ? -12.073 -7.823  7.988   1.00 55.77 ? 142 ARG A CB  1 
ATOM   600 C  CG  . ARG A 1 77  ? -12.872 -7.879  6.702   1.00 56.43 ? 142 ARG A CG  1 
ATOM   601 C  CD  . ARG A 1 77  ? -14.195 -8.599  6.902   1.00 57.38 ? 142 ARG A CD  1 
ATOM   602 N  NE  . ARG A 1 77  ? -13.985 -9.986  7.329   1.00 59.78 ? 142 ARG A NE  1 
ATOM   603 C  CZ  . ARG A 1 77  ? -14.949 -10.818 7.727   1.00 59.68 ? 142 ARG A CZ  1 
ATOM   604 N  NH1 . ARG A 1 77  ? -16.219 -10.426 7.764   1.00 59.60 ? 142 ARG A NH1 1 
ATOM   605 N  NH2 . ARG A 1 77  ? -14.634 -12.057 8.095   1.00 59.89 ? 142 ARG A NH2 1 
ATOM   606 N  N   . LEU A 1 78  ? -10.224 -6.552  5.550   1.00 55.15 ? 143 LEU A N   1 
ATOM   607 C  CA  . LEU A 1 78  ? -9.983  -5.473  4.623   1.00 55.03 ? 143 LEU A CA  1 
ATOM   608 C  C   . LEU A 1 78  ? -10.982 -5.506  3.500   1.00 54.85 ? 143 LEU A C   1 
ATOM   609 O  O   . LEU A 1 78  ? -11.243 -6.551  2.924   1.00 54.21 ? 143 LEU A O   1 
ATOM   610 C  CB  . LEU A 1 78  ? -8.557  -5.553  4.081   1.00 54.77 ? 143 LEU A CB  1 
ATOM   611 C  CG  . LEU A 1 78  ? -7.519  -4.897  4.992   1.00 54.13 ? 143 LEU A CG  1 
ATOM   612 C  CD1 . LEU A 1 78  ? -6.123  -5.307  4.603   1.00 53.70 ? 143 LEU A CD1 1 
ATOM   613 C  CD2 . LEU A 1 78  ? -7.659  -3.391  4.945   1.00 53.02 ? 143 LEU A CD2 1 
ATOM   614 N  N   . ILE A 1 79  ? -11.526 -4.340  3.181   1.00 55.37 ? 144 ILE A N   1 
ATOM   615 C  CA  . ILE A 1 79  ? -12.557 -4.239  2.161   1.00 55.78 ? 144 ILE A CA  1 
ATOM   616 C  C   . ILE A 1 79  ? -12.213 -3.245  1.075   1.00 55.89 ? 144 ILE A C   1 
ATOM   617 O  O   . ILE A 1 79  ? -11.775 -2.143  1.346   1.00 55.62 ? 144 ILE A O   1 
ATOM   618 C  CB  . ILE A 1 79  ? -13.914 -3.894  2.798   1.00 55.78 ? 144 ILE A CB  1 
ATOM   619 C  CG1 . ILE A 1 79  ? -14.485 -5.173  3.406   1.00 55.76 ? 144 ILE A CG1 1 
ATOM   620 C  CG2 . ILE A 1 79  ? -14.886 -3.335  1.759   1.00 55.33 ? 144 ILE A CG2 1 
ATOM   621 C  CD1 . ILE A 1 79  ? -14.972 -5.014  4.788   1.00 56.62 ? 144 ILE A CD1 1 
ATOM   622 N  N   . PHE A 1 80  ? -12.415 -3.679  -0.165  1.00 56.71 ? 145 PHE A N   1 
ATOM   623 C  CA  . PHE A 1 80  ? -12.214 -2.850  -1.351  1.00 56.94 ? 145 PHE A CA  1 
ATOM   624 C  C   . PHE A 1 80  ? -13.395 -2.986  -2.309  1.00 57.31 ? 145 PHE A C   1 
ATOM   625 O  O   . PHE A 1 80  ? -13.764 -4.107  -2.723  1.00 56.63 ? 145 PHE A O   1 
ATOM   626 C  CB  . PHE A 1 80  ? -10.924 -3.239  -2.090  1.00 56.88 ? 145 PHE A CB  1 
ATOM   627 C  CG  . PHE A 1 80  ? -10.652 -2.396  -3.313  1.00 56.84 ? 145 PHE A CG  1 
ATOM   628 C  CD1 . PHE A 1 80  ? -10.600 -2.970  -4.575  1.00 56.92 ? 145 PHE A CD1 1 
ATOM   629 C  CD2 . PHE A 1 80  ? -10.474 -1.022  -3.198  1.00 56.41 ? 145 PHE A CD2 1 
ATOM   630 C  CE1 . PHE A 1 80  ? -10.366 -2.187  -5.698  1.00 56.70 ? 145 PHE A CE1 1 
ATOM   631 C  CE2 . PHE A 1 80  ? -10.245 -0.237  -4.316  1.00 56.39 ? 145 PHE A CE2 1 
ATOM   632 C  CZ  . PHE A 1 80  ? -10.191 -0.816  -5.563  1.00 56.28 ? 145 PHE A CZ  1 
ATOM   633 N  N   . ALA A 1 81  ? -13.971 -1.834  -2.658  1.00 57.84 ? 146 ALA A N   1 
ATOM   634 C  CA  . ALA A 1 81  ? -15.032 -1.770  -3.648  1.00 58.37 ? 146 ALA A CA  1 
ATOM   635 C  C   . ALA A 1 81  ? -16.091 -2.806  -3.300  1.00 58.96 ? 146 ALA A C   1 
ATOM   636 O  O   . ALA A 1 81  ? -16.659 -3.431  -4.183  1.00 59.38 ? 146 ALA A O   1 
ATOM   637 C  CB  . ALA A 1 81  ? -14.469 -2.021  -5.049  1.00 58.04 ? 146 ALA A CB  1 
ATOM   638 N  N   . GLY A 1 82  ? -16.332 -2.998  -2.004  1.00 59.60 ? 147 GLY A N   1 
ATOM   639 C  CA  . GLY A 1 82  ? -17.353 -3.938  -1.526  1.00 59.84 ? 147 GLY A CA  1 
ATOM   640 C  C   . GLY A 1 82  ? -16.924 -5.381  -1.295  1.00 59.96 ? 147 GLY A C   1 
ATOM   641 O  O   . GLY A 1 82  ? -17.681 -6.153  -0.716  1.00 59.37 ? 147 GLY A O   1 
ATOM   642 N  N   . LYS A 1 83  ? -15.721 -5.750  -1.739  1.00 60.65 ? 148 LYS A N   1 
ATOM   643 C  CA  . LYS A 1 83  ? -15.255 -7.137  -1.615  1.00 61.14 ? 148 LYS A CA  1 
ATOM   644 C  C   . LYS A 1 83  ? -14.318 -7.333  -0.437  1.00 61.71 ? 148 LYS A C   1 
ATOM   645 O  O   . LYS A 1 83  ? -13.361 -6.595  -0.231  1.00 61.36 ? 148 LYS A O   1 
ATOM   646 C  CB  . LYS A 1 83  ? -14.539 -7.634  -2.878  1.00 61.19 ? 148 LYS A CB  1 
ATOM   647 C  CG  . LYS A 1 83  ? -14.988 -6.986  -4.195  1.00 61.98 ? 148 LYS A CG  1 
ATOM   648 C  CD  . LYS A 1 83  ? -13.981 -7.248  -5.319  1.00 62.19 ? 148 LYS A CD  1 
ATOM   649 C  CE  . LYS A 1 83  ? -14.527 -8.192  -6.385  1.00 63.52 ? 148 LYS A CE  1 
ATOM   650 N  NZ  . LYS A 1 83  ? -15.402 -7.442  -7.342  1.00 64.42 ? 148 LYS A NZ  1 
ATOM   651 N  N   . GLN A 1 84  ? -14.635 -8.361  0.321   1.00 62.73 ? 149 GLN A N   1 
ATOM   652 C  CA  . GLN A 1 84  ? -13.803 -8.892  1.363   1.00 64.17 ? 149 GLN A CA  1 
ATOM   653 C  C   . GLN A 1 84  ? -12.531 -9.423  0.745   1.00 64.70 ? 149 GLN A C   1 
ATOM   654 O  O   . GLN A 1 84  ? -12.571 -10.364 -0.044  1.00 65.15 ? 149 GLN A O   1 
ATOM   655 C  CB  . GLN A 1 84  ? -14.577 -10.047 1.986   1.00 64.25 ? 149 GLN A CB  1 
ATOM   656 C  CG  . GLN A 1 84  ? -14.112 -10.562 3.316   1.00 64.32 ? 149 GLN A CG  1 
ATOM   657 C  CD  . GLN A 1 84  ? -15.215 -11.327 3.995   1.00 64.44 ? 149 GLN A CD  1 
ATOM   658 O  OE1 . GLN A 1 84  ? -16.405 -11.000 3.841   1.00 64.68 ? 149 GLN A OE1 1 
ATOM   659 N  NE2 . GLN A 1 84  ? -14.842 -12.364 4.744   1.00 65.95 ? 149 GLN A NE2 1 
ATOM   660 N  N   . LEU A 1 85  ? -11.398 -8.829  1.084   1.00 65.67 ? 150 LEU A N   1 
ATOM   661 C  CA  . LEU A 1 85  ? -10.146 -9.247  0.473   1.00 66.57 ? 150 LEU A CA  1 
ATOM   662 C  C   . LEU A 1 85  ? -9.613  -10.462 1.216   1.00 67.48 ? 150 LEU A C   1 
ATOM   663 O  O   . LEU A 1 85  ? -9.358  -10.404 2.414   1.00 67.21 ? 150 LEU A O   1 
ATOM   664 C  CB  . LEU A 1 85  ? -9.140  -8.095  0.439   1.00 66.18 ? 150 LEU A CB  1 
ATOM   665 C  CG  . LEU A 1 85  ? -9.686  -6.829  -0.247  1.00 65.38 ? 150 LEU A CG  1 
ATOM   666 C  CD1 . LEU A 1 85  ? -8.659  -5.740  -0.350  1.00 64.75 ? 150 LEU A CD1 1 
ATOM   667 C  CD2 . LEU A 1 85  ? -10.202 -7.127  -1.621  1.00 64.38 ? 150 LEU A CD2 1 
ATOM   668 N  N   . GLU A 1 86  ? -9.481  -11.566 0.488   1.00 69.12 ? 151 GLU A N   1 
ATOM   669 C  CA  . GLU A 1 86  ? -9.095  -12.852 1.067   1.00 70.46 ? 151 GLU A CA  1 
ATOM   670 C  C   . GLU A 1 86  ? -7.580  -13.088 1.052   1.00 71.60 ? 151 GLU A C   1 
ATOM   671 O  O   . GLU A 1 86  ? -6.816  -12.427 0.340   1.00 71.63 ? 151 GLU A O   1 
ATOM   672 C  CB  . GLU A 1 86  ? -9.795  -14.022 0.343   1.00 70.68 ? 151 GLU A CB  1 
ATOM   673 C  CG  . GLU A 1 86  ? -11.133 -14.470 0.948   1.00 71.06 ? 151 GLU A CG  1 
ATOM   674 C  CD  . GLU A 1 86  ? -12.347 -13.879 0.232   1.00 72.61 ? 151 GLU A CD  1 
ATOM   675 O  OE1 . GLU A 1 86  ? -12.377 -13.869 -1.027  1.00 73.87 ? 151 GLU A OE1 1 
ATOM   676 O  OE2 . GLU A 1 86  ? -13.287 -13.433 0.932   1.00 72.96 ? 151 GLU A OE2 1 
ATOM   677 N  N   . ASP A 1 87  ? -7.164  -14.071 1.839   1.00 73.09 ? 152 ASP A N   1 
ATOM   678 C  CA  . ASP A 1 87  ? -5.751  -14.366 2.022   1.00 74.05 ? 152 ASP A CA  1 
ATOM   679 C  C   . ASP A 1 87  ? -5.166  -15.212 0.881   1.00 74.62 ? 152 ASP A C   1 
ATOM   680 O  O   . ASP A 1 87  ? -5.895  -15.882 0.127   1.00 74.57 ? 152 ASP A O   1 
ATOM   681 C  CB  . ASP A 1 87  ? -5.528  -15.044 3.386   1.00 74.77 ? 152 ASP A CB  1 
ATOM   682 C  CG  . ASP A 1 87  ? -5.830  -14.106 4.570   1.00 76.88 ? 152 ASP A CG  1 
ATOM   683 O  OD1 . ASP A 1 87  ? -5.715  -12.863 4.404   1.00 79.16 ? 152 ASP A OD1 1 
ATOM   684 O  OD2 . ASP A 1 87  ? -6.185  -14.612 5.666   1.00 79.59 ? 152 ASP A OD2 1 
ATOM   685 N  N   . GLY A 1 88  ? -3.836  -15.165 0.786   1.00 74.98 ? 153 GLY A N   1 
ATOM   686 C  CA  . GLY A 1 88  ? -3.105  -15.723 -0.338  1.00 75.11 ? 153 GLY A CA  1 
ATOM   687 C  C   . GLY A 1 88  ? -3.519  -15.060 -1.638  1.00 75.32 ? 153 GLY A C   1 
ATOM   688 O  O   . GLY A 1 88  ? -3.709  -15.729 -2.649  1.00 75.38 ? 153 GLY A O   1 
ATOM   689 N  N   . ARG A 1 89  ? -3.676  -13.739 -1.626  1.00 75.48 ? 154 ARG A N   1 
ATOM   690 C  CA  . ARG A 1 89  ? -4.026  -13.043 -2.855  1.00 75.62 ? 154 ARG A CA  1 
ATOM   691 C  C   . ARG A 1 89  ? -3.225  -11.789 -3.079  1.00 74.38 ? 154 ARG A C   1 
ATOM   692 O  O   . ARG A 1 89  ? -3.101  -10.934 -2.210  1.00 74.56 ? 154 ARG A O   1 
ATOM   693 C  CB  . ARG A 1 89  ? -5.506  -12.742 -2.892  1.00 75.71 ? 154 ARG A CB  1 
ATOM   694 C  CG  . ARG A 1 89  ? -6.312  -14.008 -2.814  1.00 77.24 ? 154 ARG A CG  1 
ATOM   695 C  CD  . ARG A 1 89  ? -7.762  -13.802 -3.191  1.00 78.92 ? 154 ARG A CD  1 
ATOM   696 N  NE  . ARG A 1 89  ? -8.279  -15.032 -3.790  1.00 82.63 ? 154 ARG A NE  1 
ATOM   697 C  CZ  . ARG A 1 89  ? -8.163  -15.357 -5.083  1.00 84.08 ? 154 ARG A CZ  1 
ATOM   698 N  NH1 . ARG A 1 89  ? -7.566  -14.526 -5.944  1.00 84.48 ? 154 ARG A NH1 1 
ATOM   699 N  NH2 . ARG A 1 89  ? -8.657  -16.519 -5.520  1.00 84.39 ? 154 ARG A NH2 1 
ATOM   700 N  N   . THR A 1 90  ? -2.655  -11.736 -4.269  1.00 73.31 ? 155 THR A N   1 
ATOM   701 C  CA  . THR A 1 90  ? -1.988  -10.578 -4.790  1.00 72.25 ? 155 THR A CA  1 
ATOM   702 C  C   . THR A 1 90  ? -3.021  -9.459  -4.836  1.00 71.56 ? 155 THR A C   1 
ATOM   703 O  O   . THR A 1 90  ? -4.204  -9.715  -5.005  1.00 71.36 ? 155 THR A O   1 
ATOM   704 C  CB  . THR A 1 90  ? -1.487  -10.906 -6.211  1.00 72.43 ? 155 THR A CB  1 
ATOM   705 O  OG1 . THR A 1 90  ? -0.359  -10.095 -6.545  1.00 73.69 ? 155 THR A OG1 1 
ATOM   706 C  CG2 . THR A 1 90  ? -2.587  -10.700 -7.237  1.00 72.29 ? 155 THR A CG2 1 
ATOM   707 N  N   . LEU A 1 91  ? -2.608  -8.214  -4.680  1.00 70.67 ? 156 LEU A N   1 
ATOM   708 C  CA  . LEU A 1 91  ? -3.582  -7.152  -4.831  1.00 70.28 ? 156 LEU A CA  1 
ATOM   709 C  C   . LEU A 1 91  ? -3.684  -6.643  -6.268  1.00 70.01 ? 156 LEU A C   1 
ATOM   710 O  O   . LEU A 1 91  ? -4.332  -5.636  -6.538  1.00 70.09 ? 156 LEU A O   1 
ATOM   711 C  CB  . LEU A 1 91  ? -3.357  -6.007  -3.834  1.00 70.19 ? 156 LEU A CB  1 
ATOM   712 C  CG  . LEU A 1 91  ? -2.011  -5.703  -3.202  1.00 69.48 ? 156 LEU A CG  1 
ATOM   713 C  CD1 . LEU A 1 91  ? -1.330  -4.591  -3.930  1.00 69.69 ? 156 LEU A CD1 1 
ATOM   714 C  CD2 . LEU A 1 91  ? -2.270  -5.306  -1.782  1.00 69.71 ? 156 LEU A CD2 1 
ATOM   715 N  N   . SER A 1 92  ? -3.060  -7.354  -7.197  1.00 69.72 ? 157 SER A N   1 
ATOM   716 C  CA  . SER A 1 92  ? -3.259  -7.077  -8.603  1.00 69.43 ? 157 SER A CA  1 
ATOM   717 C  C   . SER A 1 92  ? -4.346  -7.979  -9.163  1.00 69.23 ? 157 SER A C   1 
ATOM   718 O  O   . SER A 1 92  ? -4.878  -7.710  -10.240 1.00 69.56 ? 157 SER A O   1 
ATOM   719 C  CB  . SER A 1 92  ? -1.971  -7.296  -9.383  1.00 69.38 ? 157 SER A CB  1 
ATOM   720 O  OG  . SER A 1 92  ? -1.691  -8.673  -9.485  1.00 69.32 ? 157 SER A OG  1 
ATOM   721 N  N   . ASP A 1 93  ? -4.686  -9.047  -8.445  1.00 68.86 ? 158 ASP A N   1 
ATOM   722 C  CA  . ASP A 1 93  ? -5.736  -9.944  -8.934  1.00 68.91 ? 158 ASP A CA  1 
ATOM   723 C  C   . ASP A 1 93  ? -7.127  -9.508  -8.419  1.00 67.99 ? 158 ASP A C   1 
ATOM   724 O  O   . ASP A 1 93  ? -8.140  -9.725  -9.097  1.00 68.00 ? 158 ASP A O   1 
ATOM   725 C  CB  . ASP A 1 93  ? -5.405  -11.443 -8.709  1.00 69.26 ? 158 ASP A CB  1 
ATOM   726 C  CG  . ASP A 1 93  ? -5.200  -11.807 -7.246  1.00 70.09 ? 158 ASP A CG  1 
ATOM   727 O  OD1 . ASP A 1 93  ? -5.839  -11.164 -6.380  1.00 71.39 ? 158 ASP A OD1 1 
ATOM   728 O  OD2 . ASP A 1 93  ? -4.415  -12.753 -6.969  1.00 70.09 ? 158 ASP A OD2 1 
ATOM   729 N  N   . TYR A 1 94  ? -7.165  -8.887  -7.236  1.00 66.87 ? 159 TYR A N   1 
ATOM   730 C  CA  . TYR A 1 94  ? -8.141  -7.824  -6.975  1.00 65.79 ? 159 TYR A CA  1 
ATOM   731 C  C   . TYR A 1 94  ? -7.520  -6.699  -7.764  1.00 65.69 ? 159 TYR A C   1 
ATOM   732 O  O   . TYR A 1 94  ? -6.295  -6.687  -7.918  1.00 65.84 ? 159 TYR A O   1 
ATOM   733 C  CB  . TYR A 1 94  ? -8.201  -7.447  -5.510  1.00 65.02 ? 159 TYR A CB  1 
ATOM   734 C  CG  . TYR A 1 94  ? -8.616  -8.577  -4.613  1.00 64.36 ? 159 TYR A CG  1 
ATOM   735 C  CD1 . TYR A 1 94  ? -9.930  -8.999  -4.579  1.00 63.60 ? 159 TYR A CD1 1 
ATOM   736 C  CD2 . TYR A 1 94  ? -7.699  -9.218  -3.787  1.00 64.03 ? 159 TYR A CD2 1 
ATOM   737 C  CE1 . TYR A 1 94  ? -10.331 -10.041 -3.756  1.00 64.11 ? 159 TYR A CE1 1 
ATOM   738 C  CE2 . TYR A 1 94  ? -8.096  -10.270 -2.953  1.00 64.33 ? 159 TYR A CE2 1 
ATOM   739 C  CZ  . TYR A 1 94  ? -9.418  -10.675 -2.950  1.00 63.95 ? 159 TYR A CZ  1 
ATOM   740 O  OH  . TYR A 1 94  ? -9.849  -11.699 -2.138  1.00 63.86 ? 159 TYR A OH  1 
ATOM   741 N  N   . ASN A 1 95  ? -8.290  -5.764  -8.297  1.00 65.35 ? 160 ASN A N   1 
ATOM   742 C  CA  . ASN A 1 95  ? -7.643  -4.823  -9.210  1.00 65.40 ? 160 ASN A CA  1 
ATOM   743 C  C   . ASN A 1 95  ? -7.217  -3.538  -8.540  1.00 65.22 ? 160 ASN A C   1 
ATOM   744 O  O   . ASN A 1 95  ? -7.661  -2.457  -8.909  1.00 65.65 ? 160 ASN A O   1 
ATOM   745 C  CB  . ASN A 1 95  ? -8.482  -4.577  -10.462 1.00 65.73 ? 160 ASN A CB  1 
ATOM   746 C  CG  . ASN A 1 95  ? -8.108  -5.529  -11.587 1.00 66.53 ? 160 ASN A CG  1 
ATOM   747 O  OD1 . ASN A 1 95  ? -8.504  -6.704  -11.591 1.00 67.70 ? 160 ASN A OD1 1 
ATOM   748 N  ND2 . ASN A 1 95  ? -7.306  -5.036  -12.527 1.00 66.94 ? 160 ASN A ND2 1 
ATOM   749 N  N   . ILE A 1 96  ? -6.324  -3.678  -7.563  1.00 64.65 ? 161 ILE A N   1 
ATOM   750 C  CA  . ILE A 1 96  ? -5.925  -2.580  -6.708  1.00 64.06 ? 161 ILE A CA  1 
ATOM   751 C  C   . ILE A 1 96  ? -4.734  -1.919  -7.339  1.00 63.60 ? 161 ILE A C   1 
ATOM   752 O  O   . ILE A 1 96  ? -3.770  -2.579  -7.729  1.00 63.39 ? 161 ILE A O   1 
ATOM   753 C  CB  . ILE A 1 96  ? -5.579  -3.058  -5.291  1.00 63.92 ? 161 ILE A CB  1 
ATOM   754 C  CG1 . ILE A 1 96  ? -6.818  -3.676  -4.639  1.00 63.59 ? 161 ILE A CG1 1 
ATOM   755 C  CG2 . ILE A 1 96  ? -5.052  -1.900  -4.448  1.00 64.34 ? 161 ILE A CG2 1 
ATOM   756 C  CD1 . ILE A 1 96  ? -6.558  -4.362  -3.333  1.00 63.36 ? 161 ILE A CD1 1 
ATOM   757 N  N   . GLN A 1 97  ? -4.821  -0.602  -7.438  1.00 63.33 ? 162 GLN A N   1 
ATOM   758 C  CA  . GLN A 1 97  ? -3.863  0.180   -8.189  1.00 63.31 ? 162 GLN A CA  1 
ATOM   759 C  C   . GLN A 1 97  ? -3.420  1.388   -7.380  1.00 62.70 ? 162 GLN A C   1 
ATOM   760 O  O   . GLN A 1 97  ? -3.961  1.668   -6.318  1.00 62.43 ? 162 GLN A O   1 
ATOM   761 C  CB  . GLN A 1 97  ? -4.491  0.620   -9.516  1.00 63.59 ? 162 GLN A CB  1 
ATOM   762 C  CG  . GLN A 1 97  ? -4.865  -0.563  -10.427 1.00 64.60 ? 162 GLN A CG  1 
ATOM   763 C  CD  . GLN A 1 97  ? -5.549  -0.134  -11.725 1.00 64.60 ? 162 GLN A CD  1 
ATOM   764 O  OE1 . GLN A 1 97  ? -6.692  0.343   -11.717 1.00 65.78 ? 162 GLN A OE1 1 
ATOM   765 N  NE2 . GLN A 1 97  ? -4.852  -0.318  -12.853 1.00 65.47 ? 162 GLN A NE2 1 
ATOM   766 N  N   . LYS A 1 98  ? -2.414  2.082   -7.892  1.00 62.28 ? 163 LYS A N   1 
ATOM   767 C  CA  . LYS A 1 98  ? -1.908  3.280   -7.276  1.00 62.04 ? 163 LYS A CA  1 
ATOM   768 C  C   . LYS A 1 98  ? -3.055  4.085   -6.701  1.00 61.44 ? 163 LYS A C   1 
ATOM   769 O  O   . LYS A 1 98  ? -4.058  4.328   -7.360  1.00 61.44 ? 163 LYS A O   1 
ATOM   770 C  CB  . LYS A 1 98  ? -1.166  4.127   -8.309  1.00 62.10 ? 163 LYS A CB  1 
ATOM   771 C  CG  . LYS A 1 98  ? -0.178  5.126   -7.693  1.00 62.99 ? 163 LYS A CG  1 
ATOM   772 C  CD  . LYS A 1 98  ? -0.039  6.433   -8.511  1.00 63.31 ? 163 LYS A CD  1 
ATOM   773 C  CE  . LYS A 1 98  ? 0.613   6.236   -9.895  1.00 63.93 ? 163 LYS A CE  1 
ATOM   774 N  NZ  . LYS A 1 98  ? 1.384   7.464   -10.288 1.00 63.70 ? 163 LYS A NZ  1 
ATOM   775 N  N   . GLU A 1 99  ? -2.897  4.476   -5.447  1.00 61.05 ? 164 GLU A N   1 
ATOM   776 C  CA  . GLU A 1 99  ? -3.843  5.357   -4.748  1.00 60.82 ? 164 GLU A CA  1 
ATOM   777 C  C   . GLU A 1 99  ? -5.260  4.802   -4.494  1.00 59.65 ? 164 GLU A C   1 
ATOM   778 O  O   . GLU A 1 99  ? -6.153  5.521   -4.029  1.00 59.45 ? 164 GLU A O   1 
ATOM   779 C  CB  . GLU A 1 99  ? -3.881  6.738   -5.418  1.00 61.07 ? 164 GLU A CB  1 
ATOM   780 C  CG  . GLU A 1 99  ? -2.574  7.546   -5.236  1.00 62.48 ? 164 GLU A CG  1 
ATOM   781 C  CD  . GLU A 1 99  ? -2.620  8.911   -5.939  1.00 63.11 ? 164 GLU A CD  1 
ATOM   782 O  OE1 . GLU A 1 99  ? -3.690  9.572   -5.881  1.00 67.35 ? 164 GLU A OE1 1 
ATOM   783 O  OE2 . GLU A 1 99  ? -1.592  9.317   -6.550  1.00 65.76 ? 164 GLU A OE2 1 
ATOM   784 N  N   . SER A 1 100 ? -5.454  3.514   -4.743  1.00 58.56 ? 165 SER A N   1 
ATOM   785 C  CA  . SER A 1 100 ? -6.673  2.853   -4.308  1.00 58.11 ? 165 SER A CA  1 
ATOM   786 C  C   . SER A 1 100 ? -6.828  3.016   -2.817  1.00 56.90 ? 165 SER A C   1 
ATOM   787 O  O   . SER A 1 100 ? -5.865  3.267   -2.105  1.00 56.48 ? 165 SER A O   1 
ATOM   788 C  CB  . SER A 1 100 ? -6.644  1.368   -4.641  1.00 57.72 ? 165 SER A CB  1 
ATOM   789 O  OG  . SER A 1 100 ? -6.885  1.158   -6.012  1.00 58.34 ? 165 SER A OG  1 
ATOM   790 N  N   . THR A 1 101 ? -8.054  2.841   -2.349  1.00 56.10 ? 166 THR A N   1 
ATOM   791 C  CA  . THR A 1 101 ? -8.362  3.064   -0.963  1.00 55.54 ? 166 THR A CA  1 
ATOM   792 C  C   . THR A 1 101 ? -9.122  1.862   -0.386  1.00 55.24 ? 166 THR A C   1 
ATOM   793 O  O   . THR A 1 101 ? -10.056 1.335   -1.008  1.00 55.04 ? 166 THR A O   1 
ATOM   794 C  CB  . THR A 1 101 ? -9.158  4.363   -0.814  1.00 55.66 ? 166 THR A CB  1 
ATOM   795 O  OG1 . THR A 1 101 ? -9.127  4.798   0.545   1.00 55.62 ? 166 THR A OG1 1 
ATOM   796 C  CG2 . THR A 1 101 ? -10.606 4.168   -1.267  1.00 56.74 ? 166 THR A CG2 1 
ATOM   797 N  N   . LEU A 1 102 ? -8.696  1.428   0.798   1.00 54.79 ? 167 LEU A N   1 
ATOM   798 C  CA  . LEU A 1 102 ? -9.239  0.236   1.432   1.00 54.51 ? 167 LEU A CA  1 
ATOM   799 C  C   . LEU A 1 102 ? -9.916  0.534   2.738   1.00 54.24 ? 167 LEU A C   1 
ATOM   800 O  O   . LEU A 1 102 ? -9.550  1.457   3.474   1.00 54.81 ? 167 LEU A O   1 
ATOM   801 C  CB  . LEU A 1 102 ? -8.150  -0.770  1.747   1.00 54.26 ? 167 LEU A CB  1 
ATOM   802 C  CG  . LEU A 1 102 ? -7.231  -1.154  0.607   1.00 54.00 ? 167 LEU A CG  1 
ATOM   803 C  CD1 . LEU A 1 102 ? -6.512  -2.436  0.982   1.00 52.43 ? 167 LEU A CD1 1 
ATOM   804 C  CD2 . LEU A 1 102 ? -8.048  -1.318  -0.638  1.00 53.85 ? 167 LEU A CD2 1 
ATOM   805 N  N   . HIS A 1 103 ? -10.897 -0.301  3.022   1.00 53.83 ? 168 HIS A N   1 
ATOM   806 C  CA  . HIS A 1 103 ? -11.619 -0.275  4.266   1.00 53.41 ? 168 HIS A CA  1 
ATOM   807 C  C   . HIS A 1 103 ? -11.259 -1.178  5.427   1.00 53.13 ? 168 HIS A C   1 
ATOM   808 O  O   . HIS A 1 103 ? -11.390 -2.398  5.308   1.00 53.39 ? 168 HIS A O   1 
ATOM   809 C  CB  . HIS A 1 103 ? -13.082 0.175   4.170   1.00 53.82 ? 168 HIS A CB  1 
ATOM   810 C  CG  . HIS A 1 103 ? -13.279 1.412   3.356   1.00 54.58 ? 168 HIS A CG  1 
ATOM   811 N  ND1 . HIS A 1 103 ? -13.200 1.412   1.979   1.00 55.25 ? 168 HIS A ND1 1 
ATOM   812 C  CD2 . HIS A 1 103 ? -13.563 2.684   3.721   1.00 55.11 ? 168 HIS A CD2 1 
ATOM   813 C  CE1 . HIS A 1 103 ? -13.415 2.637   1.531   1.00 54.95 ? 168 HIS A CE1 1 
ATOM   814 N  NE2 . HIS A 1 103 ? -13.638 3.426   2.567   1.00 54.72 ? 168 HIS A NE2 1 
ATOM   815 N  N   . LEU A 1 104 ? -10.814 -0.604  6.535   1.00 52.51 ? 169 LEU A N   1 
ATOM   816 C  CA  . LEU A 1 104 ? -10.553 -1.416  7.701   1.00 52.35 ? 169 LEU A CA  1 
ATOM   817 C  C   . LEU A 1 104 ? -11.840 -1.651  8.501   1.00 52.46 ? 169 LEU A C   1 
ATOM   818 O  O   . LEU A 1 104 ? -12.560 -0.724  8.871   1.00 52.44 ? 169 LEU A O   1 
ATOM   819 C  CB  . LEU A 1 104 ? -9.453  -0.809  8.568   1.00 52.19 ? 169 LEU A CB  1 
ATOM   820 C  CG  . LEU A 1 104 ? -8.812  -1.800  9.546   1.00 51.89 ? 169 LEU A CG  1 
ATOM   821 C  CD1 . LEU A 1 104 ? -8.261  -3.004  8.796   1.00 50.86 ? 169 LEU A CD1 1 
ATOM   822 C  CD2 . LEU A 1 104 ? -7.734  -1.142  10.381  1.00 51.55 ? 169 LEU A CD2 1 
ATOM   823 N  N   . VAL A 1 105 ? -12.123 -2.928  8.721   1.00 52.79 ? 170 VAL A N   1 
ATOM   824 C  CA  . VAL A 1 105 ? -13.186 -3.403  9.586   1.00 52.76 ? 170 VAL A CA  1 
ATOM   825 C  C   . VAL A 1 105 ? -12.472 -4.183  10.693  1.00 52.94 ? 170 VAL A C   1 
ATOM   826 O  O   . VAL A 1 105 ? -11.492 -4.877  10.441  1.00 52.54 ? 170 VAL A O   1 
ATOM   827 C  CB  . VAL A 1 105 ? -14.157 -4.312  8.787   1.00 52.39 ? 170 VAL A CB  1 
ATOM   828 C  CG1 . VAL A 1 105 ? -15.122 -5.048  9.703   1.00 52.62 ? 170 VAL A CG1 1 
ATOM   829 C  CG2 . VAL A 1 105 ? -14.907 -3.492  7.754   1.00 51.07 ? 170 VAL A CG2 1 
ATOM   830 N  N   . LEU A 1 106 ? -12.948 -4.073  11.917  1.00 53.78 ? 171 LEU A N   1 
ATOM   831 C  CA  . LEU A 1 106 ? -12.278 -4.725  13.037  1.00 54.71 ? 171 LEU A CA  1 
ATOM   832 C  C   . LEU A 1 106 ? -13.195 -5.742  13.728  1.00 55.76 ? 171 LEU A C   1 
ATOM   833 O  O   . LEU A 1 106 ? -14.391 -5.509  13.923  1.00 55.45 ? 171 LEU A O   1 
ATOM   834 C  CB  . LEU A 1 106 ? -11.779 -3.666  14.028  1.00 53.91 ? 171 LEU A CB  1 
ATOM   835 C  CG  . LEU A 1 106 ? -10.786 -2.644  13.459  1.00 51.75 ? 171 LEU A CG  1 
ATOM   836 C  CD1 . LEU A 1 106 ? -10.537 -1.493  14.418  1.00 48.31 ? 171 LEU A CD1 1 
ATOM   837 C  CD2 . LEU A 1 106 ? -9.515  -3.334  13.094  1.00 48.02 ? 171 LEU A CD2 1 
ATOM   838 N  N   . ARG A 1 107 ? -12.640 -6.885  14.095  1.00 57.53 ? 172 ARG A N   1 
ATOM   839 C  CA  . ARG A 1 107 ? -13.478 -7.912  14.662  1.00 59.28 ? 172 ARG A CA  1 
ATOM   840 C  C   . ARG A 1 107 ? -13.835 -7.570  16.100  1.00 60.38 ? 172 ARG A C   1 
ATOM   841 O  O   . ARG A 1 107 ? -13.107 -6.866  16.796  1.00 60.40 ? 172 ARG A O   1 
ATOM   842 C  CB  . ARG A 1 107 ? -12.822 -9.287  14.599  1.00 59.27 ? 172 ARG A CB  1 
ATOM   843 C  CG  . ARG A 1 107 ? -12.233 -9.726  15.927  1.00 60.24 ? 172 ARG A CG  1 
ATOM   844 C  CD  . ARG A 1 107 ? -12.179 -11.239 16.047  1.00 60.74 ? 172 ARG A CD  1 
ATOM   845 N  NE  . ARG A 1 107 ? -11.597 -11.845 14.853  1.00 61.81 ? 172 ARG A NE  1 
ATOM   846 C  CZ  . ARG A 1 107 ? -12.295 -12.471 13.911  1.00 62.04 ? 172 ARG A CZ  1 
ATOM   847 N  NH1 . ARG A 1 107 ? -11.668 -12.980 12.860  1.00 61.82 ? 172 ARG A NH1 1 
ATOM   848 N  NH2 . ARG A 1 107 ? -13.611 -12.599 14.017  1.00 62.62 ? 172 ARG A NH2 1 
ATOM   849 N  N   . LEU A 1 108 ? -14.970 -8.097  16.527  1.00 62.04 ? 173 LEU A N   1 
ATOM   850 C  CA  . LEU A 1 108 ? -15.481 -7.871  17.866  1.00 63.14 ? 173 LEU A CA  1 
ATOM   851 C  C   . LEU A 1 108 ? -14.706 -8.314  19.110  1.00 64.60 ? 173 LEU A C   1 
ATOM   852 O  O   . LEU A 1 108 ? -14.434 -7.513  20.022  1.00 64.57 ? 173 LEU A O   1 
ATOM   853 C  CB  . LEU A 1 108 ? -17.020 -7.799  17.929  1.00 63.10 ? 173 LEU A CB  1 
ATOM   854 C  CG  . LEU A 1 108 ? -17.800 -6.755  18.720  1.00 62.51 ? 173 LEU A CG  1 
ATOM   855 C  CD1 . LEU A 1 108 ? -17.460 -5.338  18.344  1.00 61.45 ? 173 LEU A CD1 1 
ATOM   856 C  CD2 . LEU A 1 108 ? -19.272 -7.035  18.474  1.00 62.85 ? 173 LEU A CD2 1 
ATOM   857 N  N   . ARG A 1 109 ? -14.305 -9.594  19.075  1.00 66.76 ? 174 ARG A N   1 
ATOM   858 C  CA  . ARG A 1 109 ? -13.803 -10.370 20.251  1.00 67.35 ? 174 ARG A CA  1 
ATOM   859 C  C   . ARG A 1 109 ? -14.829 -10.469 21.389  1.00 68.11 ? 174 ARG A C   1 
ATOM   860 O  O   . ARG A 1 109 ? -15.195 -11.580 21.809  1.00 67.86 ? 174 ARG A O   1 
ATOM   861 C  CB  . ARG A 1 109 ? -12.465 -9.818  20.781  1.00 68.52 ? 174 ARG A CB  1 
ATOM   862 C  CG  . ARG A 1 109 ? -12.336 -9.754  22.322  1.00 68.63 ? 174 ARG A CG  1 
ATOM   863 C  CD  . ARG A 1 109 ? -12.679 -8.347  22.866  1.00 71.69 ? 174 ARG A CD  1 
ATOM   864 N  NE  . ARG A 1 109 ? -12.181 -8.136  24.233  1.00 72.86 ? 174 ARG A NE  1 
ATOM   865 C  CZ  . ARG A 1 109 ? -12.756 -8.603  25.355  1.00 74.96 ? 174 ARG A CZ  1 
ATOM   866 N  NH1 . ARG A 1 109 ? -13.871 -9.339  25.310  1.00 75.76 ? 174 ARG A NH1 1 
ATOM   867 N  NH2 . ARG A 1 109 ? -12.212 -8.332  26.544  1.00 74.67 ? 174 ARG A NH2 1 
ATOM   868 N  N   . GLY A 1 110 ? -15.279 -9.294  21.856  1.00 68.74 ? 175 GLY A N   1 
ATOM   869 C  CA  . GLY A 1 110 ? -16.214 -9.161  22.979  1.00 68.50 ? 175 GLY A CA  1 
ATOM   870 C  C   . GLY A 1 110 ? -17.300 -8.149  22.691  1.00 68.48 ? 175 GLY A C   1 
ATOM   871 O  O   . GLY A 1 110 ? -18.401 -8.289  23.210  1.00 69.03 ? 175 GLY A O   1 
HETATM 872 TB TB  . TB  B 2 .   ? 11.263  15.309  -16.173 1.00 57.72 ? 500 TB  A TB  1 
HETATM 873 TB TB  . TB  C 2 .   ? 16.008  2.658   -2.669  1.00 49.53 ? 501 TB  A TB  1 
HETATM 874 O  O   . HOH D 3 .   ? -8.885  1.525   13.669  1.00 21.78 ? 1   HOH A O   1 
HETATM 875 O  O   . HOH D 3 .   ? -10.433 3.356   -4.476  1.00 32.21 ? 2   HOH A O   1 
HETATM 876 O  O   . HOH D 3 .   ? 15.941  9.553   -20.555 1.00 52.04 ? 3   HOH A O   1 
HETATM 877 O  O   . HOH D 3 .   ? -15.686 -0.777  -0.588  1.00 35.23 ? 4   HOH A O   1 
HETATM 878 O  O   . HOH D 3 .   ? -10.927 7.003   9.475   1.00 55.47 ? 5   HOH A O   1 
HETATM 879 O  O   . HOH D 3 .   ? 0.763   7.072   7.138   1.00 30.00 ? 6   HOH A O   1 
HETATM 880 O  O   . HOH D 3 .   ? 7.976   3.003   -7.505  1.00 38.78 ? 7   HOH A O   1 
HETATM 881 O  O   . HOH D 3 .   ? -6.908  11.290  7.521   1.00 47.37 ? 8   HOH A O   1 
HETATM 882 O  O   . HOH D 3 .   ? -8.960  6.064   -3.586  1.00 49.44 ? 9   HOH A O   1 
HETATM 883 O  O   . HOH D 3 .   ? -13.146 2.129   7.756   1.00 45.36 ? 10  HOH A O   1 
HETATM 884 O  O   . HOH D 3 .   ? -11.136 10.437  11.049  1.00 54.90 ? 11  HOH A O   1 
HETATM 885 O  O   . HOH D 3 .   ? -2.831  -13.190 1.879   1.00 48.76 ? 12  HOH A O   1 
HETATM 886 O  O   . HOH D 3 .   ? 13.916  8.006   0.425   1.00 49.34 ? 13  HOH A O   1 
HETATM 887 O  O   . HOH D 3 .   ? -1.447  1.229   -10.291 1.00 47.90 ? 14  HOH A O   1 
HETATM 888 O  O   . HOH D 3 .   ? -0.491  -5.697  17.091  1.00 42.67 ? 15  HOH A O   1 
HETATM 889 O  O   . HOH D 3 .   ? 1.746   4.946   12.727  1.00 68.71 ? 16  HOH A O   1 
HETATM 890 O  O   . HOH D 3 .   ? 16.245  -1.411  -3.165  1.00 55.56 ? 17  HOH A O   1 
# 
